data_8V49
#
_entry.id   8V49
#
_cell.length_a   1.00
_cell.length_b   1.00
_cell.length_c   1.00
_cell.angle_alpha   90.00
_cell.angle_beta   90.00
_cell.angle_gamma   90.00
#
_symmetry.space_group_name_H-M   'P 1'
#
loop_
_entity.id
_entity.type
_entity.pdbx_description
1 polymer 'AriA antitoxin'
2 non-polymer "ADENOSINE-5'-TRIPHOSPHATE"
#
_entity_poly.entity_id   1
_entity_poly.type   'polypeptide(L)'
_entity_poly.pdbx_seq_one_letter_code
;VAIRTISKIELSKIHNRYNLTVDFFNDLNVIHGKNGAGKSTLIHVIANIVNGDFIRFAFLIFEEIKATYSDGLKIVIRRD
KIDEQSFISVTLSNGKYIKFAVGEAMATVREIESERHLRERDVKSMLAMDIDKFVKENELQKVRASYFPAFRTMLEAWSS
SSDVGYERRVIRSSFYNRKASAFARELFGQFLPSINYPSPMEIEDRLREEIRRAQLGIAAYESRTFSESFVKVFSALFDN
SSVEGEITGELLKEIEGLAIAQDSSIKNGYYAEYSKVYEEIRSLINRNLKGKVENSVSGALVVYRDALRDRQDYQEKAFS
EIDNYMSSVNSFLEDKEMAYDFDLRRKYPKVGLKFPDGSWSPIRVLSSGERQLLTMLYAASKMGDDAIVLIDQPEISLHI
DWQEDLLKRMLSQLSGRQIIVCTHSPSIATGYEDFMINISPEFISSRDNDNHKDSEEMEEDESL
;
_entity_poly.pdbx_strand_id   A,B,D,C
#
loop_
_chem_comp.id
_chem_comp.type
_chem_comp.name
_chem_comp.formula
ATP non-polymer ADENOSINE-5'-TRIPHOSPHATE 'C10 H16 N5 O13 P3'
#
# COMPACT_ATOMS: atom_id res chain seq x y z
N ILE A 3 -9.86 35.72 3.13
CA ILE A 3 -10.31 34.34 3.18
C ILE A 3 -10.32 33.84 4.62
N ARG A 4 -10.36 32.51 4.79
CA ARG A 4 -10.43 31.89 6.10
C ARG A 4 -9.07 31.32 6.48
N THR A 5 -8.52 31.79 7.60
CA THR A 5 -7.25 31.31 8.11
C THR A 5 -7.43 30.85 9.54
N ILE A 6 -6.60 29.90 9.96
CA ILE A 6 -6.64 29.40 11.32
C ILE A 6 -6.10 30.46 12.28
N SER A 7 -6.65 30.50 13.49
CA SER A 7 -6.23 31.49 14.45
C SER A 7 -5.69 30.87 15.72
N LYS A 8 -6.27 29.74 16.16
CA LYS A 8 -5.92 29.15 17.44
C LYS A 8 -6.39 27.70 17.43
N ILE A 9 -5.52 26.79 17.87
CA ILE A 9 -5.86 25.39 18.04
C ILE A 9 -5.62 25.02 19.50
N GLU A 10 -6.62 24.43 20.14
CA GLU A 10 -6.49 24.06 21.55
C GLU A 10 -6.80 22.57 21.68
N LEU A 11 -5.77 21.72 21.56
CA LEU A 11 -6.00 20.32 21.85
C LEU A 11 -6.14 20.13 23.36
N SER A 12 -6.66 18.97 23.78
CA SER A 12 -6.80 18.67 25.20
C SER A 12 -6.77 17.17 25.41
N LYS A 13 -5.69 16.68 26.02
CA LYS A 13 -5.52 15.27 26.42
C LYS A 13 -5.57 14.32 25.23
N ILE A 14 -4.90 14.70 24.14
CA ILE A 14 -4.69 13.77 23.04
C ILE A 14 -3.90 12.58 23.56
N HIS A 15 -4.37 11.36 23.24
CA HIS A 15 -3.90 10.09 23.78
C HIS A 15 -3.96 10.00 25.31
N ASN A 16 -4.74 10.88 25.95
CA ASN A 16 -4.98 10.92 27.40
C ASN A 16 -3.70 11.19 28.19
N ARG A 17 -2.72 11.89 27.60
CA ARG A 17 -1.48 12.12 28.33
C ARG A 17 -0.95 13.55 28.27
N TYR A 18 -1.25 14.29 27.20
CA TYR A 18 -0.67 15.62 27.11
C TYR A 18 -1.59 16.60 26.40
N ASN A 19 -1.45 17.88 26.75
CA ASN A 19 -2.19 18.98 26.12
C ASN A 19 -1.21 19.87 25.36
N LEU A 20 -1.77 20.89 24.70
CA LEU A 20 -1.07 21.85 23.85
C LEU A 20 -2.04 22.96 23.47
N THR A 21 -1.51 24.16 23.22
CA THR A 21 -2.32 25.30 22.81
C THR A 21 -1.44 26.23 21.98
N VAL A 22 -1.81 26.39 20.72
CA VAL A 22 -1.02 27.11 19.71
C VAL A 22 -1.89 28.19 19.09
N ASP A 23 -1.30 29.36 18.90
CA ASP A 23 -1.91 30.47 18.19
C ASP A 23 -1.14 30.69 16.88
N PHE A 24 -1.87 30.76 15.77
CA PHE A 24 -1.26 30.76 14.44
C PHE A 24 -1.23 32.15 13.84
N PHE A 25 -0.49 32.28 12.74
CA PHE A 25 -0.51 33.46 11.89
C PHE A 25 -1.21 33.16 10.57
N ASN A 26 -1.79 34.21 9.98
CA ASN A 26 -2.64 34.05 8.81
C ASN A 26 -1.83 33.71 7.56
N ASP A 27 -0.57 34.13 7.50
CA ASP A 27 0.23 33.99 6.27
C ASP A 27 1.07 32.73 6.27
N LEU A 28 1.99 32.59 7.23
CA LEU A 28 2.96 31.52 7.25
C LEU A 28 3.19 31.08 8.68
N ASN A 29 3.34 29.77 8.88
CA ASN A 29 3.53 29.19 10.21
C ASN A 29 4.62 28.13 10.11
N VAL A 30 5.80 28.46 10.62
CA VAL A 30 6.91 27.52 10.69
C VAL A 30 6.86 26.87 12.06
N ILE A 31 6.73 25.55 12.09
CA ILE A 31 6.54 24.82 13.35
C ILE A 31 7.78 23.95 13.57
N HIS A 32 8.45 24.17 14.70
CA HIS A 32 9.62 23.41 15.07
C HIS A 32 9.46 22.94 16.51
N GLY A 33 9.91 21.71 16.78
CA GLY A 33 9.83 21.21 18.13
C GLY A 33 10.66 19.95 18.28
N LYS A 34 10.66 19.43 19.51
CA LYS A 34 11.40 18.21 19.82
C LYS A 34 10.77 17.01 19.11
N ASN A 35 11.58 15.99 18.85
CA ASN A 35 11.13 14.85 18.09
C ASN A 35 10.15 14.02 18.91
N GLY A 36 9.05 13.62 18.28
CA GLY A 36 8.03 12.86 18.97
C GLY A 36 7.18 13.66 19.92
N ALA A 37 7.17 14.99 19.80
CA ALA A 37 6.35 15.84 20.65
C ALA A 37 4.99 16.13 20.04
N GLY A 38 4.57 15.35 19.04
CA GLY A 38 3.28 15.55 18.42
C GLY A 38 3.19 16.79 17.54
N LYS A 39 3.90 16.77 16.42
CA LYS A 39 3.74 17.78 15.39
C LYS A 39 2.92 17.27 14.22
N SER A 40 3.24 16.07 13.72
CA SER A 40 2.45 15.43 12.67
C SER A 40 1.00 15.19 13.11
N THR A 41 0.78 14.89 14.39
CA THR A 41 -0.56 14.74 14.94
C THR A 41 -1.34 16.06 14.84
N LEU A 42 -0.68 17.18 15.14
CA LEU A 42 -1.30 18.50 15.04
C LEU A 42 -1.72 18.84 13.62
N ILE A 43 -0.85 18.53 12.64
CA ILE A 43 -1.17 18.79 11.24
C ILE A 43 -2.34 17.92 10.77
N HIS A 44 -2.39 16.67 11.22
CA HIS A 44 -3.49 15.78 10.88
C HIS A 44 -4.82 16.28 11.43
N VAL A 45 -4.82 16.80 12.67
CA VAL A 45 -6.01 17.37 13.29
C VAL A 45 -6.52 18.56 12.48
N ILE A 46 -5.61 19.46 12.10
CA ILE A 46 -5.97 20.64 11.30
C ILE A 46 -6.56 20.23 9.95
N ALA A 47 -5.95 19.25 9.28
CA ALA A 47 -6.43 18.81 7.98
C ALA A 47 -7.82 18.20 8.05
N ASN A 48 -8.06 17.36 9.05
CA ASN A 48 -9.37 16.71 9.17
C ASN A 48 -10.48 17.66 9.62
N ILE A 49 -10.14 18.78 10.27
CA ILE A 49 -11.16 19.74 10.66
C ILE A 49 -11.52 20.66 9.50
N VAL A 50 -10.51 21.21 8.83
CA VAL A 50 -10.74 22.18 7.75
C VAL A 50 -11.47 21.54 6.57
N ASN A 51 -11.08 20.32 6.21
CA ASN A 51 -11.81 19.53 5.21
C ASN A 51 -13.24 19.20 5.63
N GLY A 52 -13.56 19.29 6.92
CA GLY A 52 -14.85 18.89 7.42
C GLY A 52 -15.08 17.39 7.41
N ASP A 53 -14.01 16.61 7.33
CA ASP A 53 -14.12 15.15 7.35
C ASP A 53 -14.07 14.70 8.82
N PHE A 54 -15.15 14.98 9.54
CA PHE A 54 -15.19 14.71 10.97
C PHE A 54 -15.26 13.23 11.31
N ILE A 55 -15.55 12.35 10.34
CA ILE A 55 -15.70 10.92 10.61
C ILE A 55 -14.38 10.24 10.95
N ARG A 56 -13.24 10.92 10.76
CA ARG A 56 -11.96 10.33 11.12
C ARG A 56 -11.67 10.42 12.60
N PHE A 57 -12.35 11.33 13.31
CA PHE A 57 -12.09 11.59 14.72
C PHE A 57 -12.66 10.55 15.66
N ALA A 58 -13.29 9.50 15.14
CA ALA A 58 -13.60 8.30 15.91
C ALA A 58 -12.46 7.27 15.88
N PHE A 59 -11.24 7.72 15.61
CA PHE A 59 -10.06 6.85 15.66
C PHE A 59 -8.94 7.46 16.49
N LEU A 60 -9.23 8.52 17.25
CA LEU A 60 -8.24 9.20 18.07
C LEU A 60 -8.82 9.40 19.46
N ILE A 61 -8.00 9.14 20.48
CA ILE A 61 -8.42 9.15 21.86
C ILE A 61 -8.11 10.51 22.46
N PHE A 62 -9.15 11.23 22.86
CA PHE A 62 -9.01 12.59 23.38
C PHE A 62 -10.22 12.91 24.24
N GLU A 63 -10.34 14.18 24.63
CA GLU A 63 -11.53 14.66 25.33
C GLU A 63 -12.23 15.76 24.56
N GLU A 64 -11.52 16.83 24.19
CA GLU A 64 -12.13 18.00 23.59
C GLU A 64 -11.08 18.71 22.74
N ILE A 65 -11.46 19.15 21.54
CA ILE A 65 -10.52 19.82 20.64
C ILE A 65 -11.24 21.04 20.06
N LYS A 66 -10.96 22.21 20.61
CA LYS A 66 -11.46 23.44 20.00
C LYS A 66 -10.62 23.84 18.78
N ALA A 67 -11.30 24.48 17.82
CA ALA A 67 -10.72 24.87 16.53
C ALA A 67 -11.27 26.24 16.18
N THR A 68 -10.41 27.25 16.10
CA THR A 68 -10.84 28.62 15.93
C THR A 68 -10.37 29.16 14.59
N TYR A 69 -11.30 29.68 13.80
CA TYR A 69 -10.97 30.27 12.51
C TYR A 69 -10.67 31.77 12.68
N SER A 70 -10.57 32.49 11.57
CA SER A 70 -10.41 33.93 11.62
C SER A 70 -11.74 34.67 11.56
N ASP A 71 -12.74 34.13 10.87
CA ASP A 71 -14.04 34.76 10.74
C ASP A 71 -14.96 34.54 11.95
N GLY A 72 -14.46 33.98 13.05
CA GLY A 72 -15.24 33.87 14.26
C GLY A 72 -15.78 32.49 14.58
N LEU A 73 -15.72 31.53 13.64
CA LEU A 73 -16.26 30.20 13.89
C LEU A 73 -15.49 29.50 15.02
N LYS A 74 -16.19 28.65 15.75
CA LYS A 74 -15.66 28.02 16.97
C LYS A 74 -16.05 26.55 17.07
N ILE A 75 -15.70 25.77 16.05
CA ILE A 75 -15.91 24.32 16.01
C ILE A 75 -15.34 23.64 17.25
N VAL A 76 -16.22 23.07 18.08
CA VAL A 76 -15.82 22.35 19.28
C VAL A 76 -16.21 20.89 19.11
N ILE A 77 -15.22 20.05 18.90
CA ILE A 77 -15.41 18.61 18.86
C ILE A 77 -15.21 18.10 20.28
N ARG A 78 -15.91 17.02 20.66
CA ARG A 78 -15.75 16.46 21.99
C ARG A 78 -16.10 14.97 21.99
N ARG A 79 -15.20 14.16 22.55
CA ARG A 79 -15.37 12.72 22.64
C ARG A 79 -15.57 12.32 24.09
N ASP A 80 -16.74 11.79 24.41
CA ASP A 80 -17.09 11.36 25.76
C ASP A 80 -17.55 9.90 25.72
N LYS A 81 -17.32 9.20 26.83
CA LYS A 81 -17.67 7.79 26.95
C LYS A 81 -18.80 7.63 27.96
N ILE A 82 -19.87 8.42 27.78
CA ILE A 82 -21.04 8.35 28.64
C ILE A 82 -21.71 6.98 28.52
N ASP A 83 -22.02 6.38 29.69
CA ASP A 83 -22.62 5.05 29.84
C ASP A 83 -21.80 3.94 29.16
N GLU A 84 -20.48 4.07 29.23
CA GLU A 84 -19.44 3.21 28.63
C GLU A 84 -19.56 3.10 27.11
N GLN A 85 -20.22 4.06 26.46
CA GLN A 85 -20.32 4.12 25.01
C GLN A 85 -19.68 5.41 24.56
N SER A 86 -18.74 5.32 23.61
CA SER A 86 -18.07 6.52 23.16
C SER A 86 -18.88 7.18 22.05
N PHE A 87 -18.86 8.51 22.03
CA PHE A 87 -19.56 9.29 21.02
C PHE A 87 -18.78 10.55 20.72
N ILE A 88 -18.96 11.09 19.52
CA ILE A 88 -18.30 12.32 19.09
C ILE A 88 -19.38 13.36 18.88
N SER A 89 -19.22 14.51 19.54
CA SER A 89 -20.22 15.58 19.47
C SER A 89 -19.57 16.86 18.96
N VAL A 90 -19.48 16.99 17.64
CA VAL A 90 -18.96 18.20 17.03
C VAL A 90 -20.01 19.30 17.13
N THR A 91 -19.61 20.46 17.64
CA THR A 91 -20.52 21.58 17.85
C THR A 91 -19.91 22.84 17.26
N LEU A 92 -20.68 23.53 16.43
CA LEU A 92 -20.21 24.73 15.74
C LEU A 92 -20.65 25.97 16.51
N SER A 93 -20.47 27.15 15.89
CA SER A 93 -20.84 28.40 16.53
C SER A 93 -22.34 28.54 16.69
N ASN A 94 -23.11 28.28 15.62
CA ASN A 94 -24.56 28.44 15.68
C ASN A 94 -25.22 27.44 16.62
N GLY A 95 -24.61 26.29 16.83
CA GLY A 95 -25.09 25.32 17.79
C GLY A 95 -25.59 23.99 17.25
N LYS A 96 -25.45 23.71 15.95
CA LYS A 96 -25.97 22.46 15.41
C LYS A 96 -25.00 21.32 15.78
N TYR A 97 -25.20 20.79 16.98
CA TYR A 97 -24.46 19.60 17.37
C TYR A 97 -24.98 18.37 16.64
N ILE A 98 -24.06 17.48 16.27
CA ILE A 98 -24.39 16.25 15.54
C ILE A 98 -23.76 15.10 16.31
N LYS A 99 -24.56 14.41 17.10
CA LYS A 99 -24.06 13.38 18.00
C LYS A 99 -24.26 12.01 17.36
N PHE A 100 -23.17 11.28 17.20
CA PHE A 100 -23.22 9.93 16.64
C PHE A 100 -22.35 9.00 17.48
N ALA A 101 -22.58 7.71 17.32
CA ALA A 101 -21.85 6.69 18.07
C ALA A 101 -20.60 6.29 17.30
N VAL A 102 -19.52 6.04 18.05
CA VAL A 102 -18.20 5.81 17.45
C VAL A 102 -18.22 4.54 16.61
N GLY A 103 -18.82 3.46 17.14
CA GLY A 103 -18.86 2.18 16.45
C GLY A 103 -19.52 2.22 15.08
N GLU A 104 -20.47 3.16 14.90
CA GLU A 104 -21.05 3.42 13.59
C GLU A 104 -20.00 3.89 12.59
N ALA A 105 -19.10 4.78 13.02
CA ALA A 105 -18.11 5.35 12.11
C ALA A 105 -17.09 4.30 11.68
N MET A 106 -16.57 3.54 12.65
CA MET A 106 -15.55 2.54 12.37
C MET A 106 -16.09 1.44 11.46
N ALA A 107 -17.34 1.03 11.67
CA ALA A 107 -17.99 0.07 10.78
C ALA A 107 -18.17 0.63 9.38
N THR A 108 -18.51 1.92 9.27
CA THR A 108 -18.79 2.53 7.97
C THR A 108 -17.56 2.55 7.07
N VAL A 109 -16.37 2.70 7.67
CA VAL A 109 -15.14 2.85 6.90
C VAL A 109 -14.82 1.56 6.14
N ARG A 110 -14.85 0.43 6.84
CA ARG A 110 -14.49 -0.87 6.28
C ARG A 110 -15.53 -1.36 5.27
N MET A 126 -25.47 6.15 4.75
CA MET A 126 -26.44 6.96 5.48
C MET A 126 -25.74 7.90 6.47
N LEU A 127 -24.76 7.37 7.19
CA LEU A 127 -23.96 8.18 8.10
C LEU A 127 -23.17 9.24 7.34
N ALA A 128 -22.51 8.83 6.25
CA ALA A 128 -21.76 9.76 5.41
C ALA A 128 -22.68 10.80 4.76
N MET A 129 -23.89 10.38 4.38
CA MET A 129 -24.87 11.32 3.84
C MET A 129 -25.29 12.36 4.88
N ASP A 130 -25.43 11.94 6.14
CA ASP A 130 -25.75 12.88 7.22
C ASP A 130 -24.62 13.90 7.38
N ILE A 131 -23.37 13.44 7.37
CA ILE A 131 -22.21 14.34 7.45
C ILE A 131 -22.19 15.29 6.26
N ASP A 132 -22.44 14.76 5.06
CA ASP A 132 -22.43 15.56 3.83
C ASP A 132 -23.53 16.63 3.85
N LYS A 133 -24.74 16.24 4.26
CA LYS A 133 -25.84 17.18 4.40
C LYS A 133 -25.50 18.30 5.39
N PHE A 134 -24.88 17.92 6.51
CA PHE A 134 -24.47 18.88 7.54
C PHE A 134 -23.45 19.89 7.00
N VAL A 135 -22.39 19.40 6.36
CA VAL A 135 -21.30 20.27 5.93
C VAL A 135 -21.75 21.20 4.81
N LYS A 136 -22.54 20.70 3.85
CA LYS A 136 -23.03 21.53 2.74
C LYS A 136 -23.96 22.63 3.25
N GLU A 137 -24.86 22.30 4.18
CA GLU A 137 -25.81 23.29 4.69
C GLU A 137 -25.08 24.41 5.43
N ASN A 138 -24.00 24.08 6.13
CA ASN A 138 -23.27 25.00 6.98
C ASN A 138 -22.11 25.61 6.18
N GLU A 139 -21.17 26.24 6.86
CA GLU A 139 -20.04 26.91 6.22
C GLU A 139 -18.72 26.21 6.52
N LEU A 140 -18.68 24.90 6.34
CA LEU A 140 -17.55 24.07 6.73
C LEU A 140 -16.57 23.79 5.59
N GLN A 141 -17.08 23.74 4.37
CA GLN A 141 -16.27 23.54 3.17
C GLN A 141 -15.86 24.92 2.66
N LYS A 142 -15.50 25.02 1.36
CA LYS A 142 -15.07 26.19 0.57
C LYS A 142 -13.57 26.47 0.81
N VAL A 143 -12.90 25.70 1.66
CA VAL A 143 -11.48 25.90 1.94
C VAL A 143 -10.64 24.77 1.36
N ARG A 144 -10.92 23.52 1.75
CA ARG A 144 -10.31 22.29 1.21
C ARG A 144 -8.78 22.30 1.37
N ALA A 145 -8.36 22.16 2.62
CA ALA A 145 -6.94 22.08 3.00
C ALA A 145 -6.17 21.01 2.23
N SER A 146 -5.07 21.42 1.61
CA SER A 146 -4.22 20.54 0.81
C SER A 146 -3.09 20.00 1.68
N TYR A 147 -3.07 18.69 1.85
CA TYR A 147 -2.11 18.02 2.73
C TYR A 147 -0.96 17.41 1.92
N PHE A 148 0.27 17.79 2.29
CA PHE A 148 1.49 17.26 1.71
C PHE A 148 2.14 16.31 2.72
N PRO A 149 1.99 15.00 2.56
CA PRO A 149 2.54 14.06 3.54
C PRO A 149 4.05 14.00 3.51
N ALA A 150 4.65 13.47 4.58
CA ALA A 150 6.10 13.38 4.65
C ALA A 150 6.65 12.27 3.78
N PHE A 151 5.80 11.35 3.32
CA PHE A 151 6.20 10.22 2.48
C PHE A 151 5.78 10.41 1.03
N ARG A 152 5.55 11.67 0.61
CA ARG A 152 5.09 11.94 -0.75
C ARG A 152 6.08 11.50 -1.82
N THR A 153 7.38 11.53 -1.51
CA THR A 153 8.43 11.15 -2.46
C THR A 153 8.26 9.70 -2.90
N MET A 154 8.06 8.81 -1.93
CA MET A 154 7.81 7.41 -2.25
C MET A 154 6.40 7.19 -2.76
N LEU A 155 5.45 8.03 -2.33
CA LEU A 155 4.04 7.87 -2.69
C LEU A 155 3.81 8.05 -4.17
N GLU A 156 4.44 9.06 -4.77
CA GLU A 156 4.36 9.29 -6.21
C GLU A 156 5.01 8.17 -7.00
N ALA A 157 6.06 7.56 -6.47
CA ALA A 157 6.65 6.38 -7.11
C ALA A 157 5.67 5.22 -7.11
N TRP A 158 4.92 5.04 -6.01
CA TRP A 158 3.91 4.00 -5.93
C TRP A 158 2.77 4.22 -6.92
N SER A 159 2.54 5.47 -7.33
CA SER A 159 1.52 5.80 -8.33
C SER A 159 2.12 5.97 -9.71
N SER A 160 3.16 5.20 -10.04
CA SER A 160 3.81 5.28 -11.33
C SER A 160 4.57 3.99 -11.63
N ARG A 172 -3.24 9.89 -10.35
CA ARG A 172 -3.75 10.54 -9.15
C ARG A 172 -3.90 12.04 -9.36
N SER A 173 -4.95 12.61 -8.78
CA SER A 173 -5.22 14.04 -8.87
C SER A 173 -5.77 14.50 -7.53
N SER A 174 -6.12 15.79 -7.45
CA SER A 174 -6.62 16.35 -6.19
C SER A 174 -8.04 15.89 -5.87
N PHE A 175 -8.73 15.22 -6.79
CA PHE A 175 -10.09 14.76 -6.55
C PHE A 175 -10.28 13.29 -6.87
N TYR A 176 -9.34 12.65 -7.55
CA TYR A 176 -9.39 11.22 -7.85
C TYR A 176 -8.29 10.61 -6.99
N ASN A 177 -8.60 10.38 -5.72
CA ASN A 177 -7.58 9.96 -4.78
C ASN A 177 -8.10 9.00 -3.73
N ARG A 178 -9.23 8.33 -3.98
CA ARG A 178 -9.73 7.30 -3.06
C ARG A 178 -8.76 6.15 -2.91
N LYS A 179 -8.15 5.72 -4.02
CA LYS A 179 -7.19 4.61 -3.98
C LYS A 179 -5.96 4.96 -3.15
N ALA A 180 -5.33 6.09 -3.44
CA ALA A 180 -4.13 6.51 -2.72
C ALA A 180 -4.42 6.84 -1.25
N SER A 181 -5.60 7.42 -0.96
CA SER A 181 -5.98 7.68 0.42
C SER A 181 -6.12 6.40 1.22
N ALA A 182 -6.81 5.39 0.67
CA ALA A 182 -6.99 4.11 1.35
C ALA A 182 -5.66 3.40 1.59
N PHE A 183 -4.76 3.43 0.60
CA PHE A 183 -3.44 2.83 0.76
C PHE A 183 -2.66 3.49 1.89
N ALA A 184 -2.59 4.82 1.89
CA ALA A 184 -1.86 5.57 2.92
C ALA A 184 -2.48 5.41 4.31
N ARG A 185 -3.82 5.42 4.39
CA ARG A 185 -4.50 5.23 5.68
C ARG A 185 -4.27 3.84 6.24
N GLU A 186 -4.26 2.82 5.38
CA GLU A 186 -3.98 1.47 5.83
C GLU A 186 -2.54 1.35 6.36
N LEU A 187 -1.60 2.05 5.73
CA LEU A 187 -0.21 1.96 6.15
C LEU A 187 0.08 2.71 7.44
N PHE A 188 -0.49 3.91 7.63
CA PHE A 188 -0.11 4.77 8.75
C PHE A 188 -1.23 5.02 9.75
N GLY A 189 -2.34 4.32 9.65
CA GLY A 189 -3.36 4.51 10.66
C GLY A 189 -4.61 5.13 10.08
N GLN A 190 -5.76 4.74 10.64
CA GLN A 190 -7.06 5.19 10.16
C GLN A 190 -7.41 6.63 10.55
N PHE A 191 -6.49 7.39 11.13
CA PHE A 191 -6.72 8.80 11.40
C PHE A 191 -6.10 9.69 10.33
N LEU A 192 -5.35 9.11 9.40
CA LEU A 192 -4.61 9.87 8.39
C LEU A 192 -5.55 10.62 7.46
N PRO A 193 -5.39 11.93 7.31
CA PRO A 193 -6.26 12.69 6.41
C PRO A 193 -6.02 12.33 4.95
N SER A 194 -7.01 12.71 4.13
CA SER A 194 -6.98 12.47 2.69
C SER A 194 -5.78 13.17 2.04
N ILE A 195 -5.29 12.56 0.96
CA ILE A 195 -4.11 13.07 0.26
C ILE A 195 -4.59 13.97 -0.87
N ASN A 196 -4.47 15.28 -0.66
CA ASN A 196 -4.99 16.27 -1.60
C ASN A 196 -3.91 16.98 -2.41
N TYR A 197 -2.63 16.81 -2.08
CA TYR A 197 -1.55 17.60 -2.68
C TYR A 197 -1.48 17.34 -4.19
N PRO A 198 -1.36 18.39 -5.01
CA PRO A 198 -1.56 18.24 -6.47
C PRO A 198 -0.40 17.47 -7.11
N SER A 199 -0.75 16.39 -7.80
CA SER A 199 0.23 15.61 -8.52
C SER A 199 0.72 16.38 -9.74
N PRO A 200 1.94 16.09 -10.25
CA PRO A 200 2.44 16.82 -11.43
C PRO A 200 1.59 16.68 -12.68
N MET A 201 0.90 15.54 -12.85
CA MET A 201 -0.01 15.37 -13.98
C MET A 201 -1.14 16.38 -13.93
N GLU A 202 -1.72 16.60 -12.74
CA GLU A 202 -2.76 17.61 -12.56
C GLU A 202 -2.24 19.01 -12.83
N ILE A 203 -1.01 19.30 -12.40
CA ILE A 203 -0.38 20.61 -12.64
C ILE A 203 -0.22 20.85 -14.12
N GLU A 204 0.25 19.84 -14.86
CA GLU A 204 0.43 19.96 -16.31
C GLU A 204 -0.90 20.20 -17.00
N ASP A 205 -1.94 19.45 -16.63
CA ASP A 205 -3.25 19.60 -17.25
C ASP A 205 -3.87 20.96 -16.95
N ARG A 206 -3.71 21.44 -15.71
CA ARG A 206 -4.19 22.76 -15.33
C ARG A 206 -3.45 23.86 -16.09
N LEU A 207 -2.15 23.67 -16.32
CA LEU A 207 -1.36 24.61 -17.11
C LEU A 207 -1.86 24.69 -18.55
N ARG A 208 -2.22 23.55 -19.15
CA ARG A 208 -2.77 23.52 -20.50
C ARG A 208 -4.08 24.30 -20.58
N GLU A 209 -4.97 24.06 -19.62
CA GLU A 209 -6.27 24.74 -19.60
C GLU A 209 -6.11 26.25 -19.38
N GLU A 210 -5.18 26.65 -18.50
CA GLU A 210 -4.92 28.08 -18.30
C GLU A 210 -4.36 28.74 -19.56
N ILE A 211 -3.48 28.03 -20.28
CA ILE A 211 -2.95 28.51 -21.55
C ILE A 211 -4.07 28.67 -22.57
N ARG A 212 -4.96 27.68 -22.65
CA ARG A 212 -6.12 27.73 -23.54
C ARG A 212 -7.03 28.91 -23.22
N ARG A 213 -7.33 29.11 -21.93
CA ARG A 213 -8.18 30.22 -21.51
C ARG A 213 -7.52 31.57 -21.79
N ALA A 214 -6.21 31.65 -21.58
CA ALA A 214 -5.47 32.87 -21.88
C ALA A 214 -5.49 33.19 -23.37
N GLN A 215 -5.33 32.18 -24.22
CA GLN A 215 -5.37 32.36 -25.67
C GLN A 215 -6.73 32.89 -26.13
N LEU A 216 -7.82 32.35 -25.59
CA LEU A 216 -9.16 32.82 -25.92
C LEU A 216 -9.35 34.26 -25.49
N GLY A 217 -8.82 34.60 -24.31
CA GLY A 217 -8.87 35.97 -23.82
C GLY A 217 -8.13 36.92 -24.74
N ILE A 218 -6.98 36.49 -25.28
CA ILE A 218 -6.22 37.30 -26.22
C ILE A 218 -7.03 37.50 -27.49
N ALA A 219 -7.72 36.45 -27.95
CA ALA A 219 -8.58 36.54 -29.13
C ALA A 219 -9.75 37.46 -28.91
N ALA A 220 -10.39 37.39 -27.73
CA ALA A 220 -11.49 38.29 -27.40
C ALA A 220 -11.03 39.73 -27.35
N TYR A 221 -9.87 39.98 -26.74
CA TYR A 221 -9.29 41.32 -26.72
C TYR A 221 -8.94 41.79 -28.12
N GLU A 222 -8.45 40.87 -28.97
CA GLU A 222 -8.12 41.19 -30.37
C GLU A 222 -9.34 41.67 -31.15
N SER A 223 -10.47 40.97 -30.99
CA SER A 223 -11.69 41.34 -31.71
C SER A 223 -12.18 42.72 -31.28
N ARG A 224 -12.23 42.97 -29.97
CA ARG A 224 -12.70 44.25 -29.44
C ARG A 224 -11.78 45.39 -29.86
N THR A 225 -10.46 45.16 -29.82
CA THR A 225 -9.48 46.18 -30.22
C THR A 225 -9.61 46.51 -31.71
N PHE A 226 -9.86 45.49 -32.54
CA PHE A 226 -10.04 45.70 -33.98
C PHE A 226 -11.24 46.58 -34.29
N SER A 227 -12.36 46.33 -33.60
CA SER A 227 -13.56 47.14 -33.77
C SER A 227 -13.32 48.59 -33.36
N GLU A 228 -12.71 48.78 -32.19
CA GLU A 228 -12.42 50.12 -31.66
C GLU A 228 -11.45 50.90 -32.53
N SER A 229 -10.40 50.23 -33.03
CA SER A 229 -9.41 50.88 -33.89
C SER A 229 -10.03 51.38 -35.20
N PHE A 230 -10.86 50.55 -35.83
CA PHE A 230 -11.60 50.91 -37.04
C PHE A 230 -12.36 52.23 -36.90
N VAL A 231 -13.28 52.29 -35.92
CA VAL A 231 -14.19 53.43 -35.76
C VAL A 231 -13.42 54.70 -35.39
N LYS A 232 -12.39 54.59 -34.56
CA LYS A 232 -11.59 55.70 -34.05
C LYS A 232 -10.97 56.52 -35.19
N VAL A 233 -10.02 55.94 -35.93
CA VAL A 233 -9.30 56.64 -36.99
C VAL A 233 -10.24 57.15 -38.07
N PHE A 234 -11.22 56.32 -38.47
CA PHE A 234 -12.21 56.62 -39.50
C PHE A 234 -12.91 57.96 -39.30
N SER A 235 -13.18 58.30 -38.03
CA SER A 235 -13.88 59.53 -37.66
C SER A 235 -12.93 60.71 -37.51
N ALA A 236 -11.91 60.56 -36.65
CA ALA A 236 -10.99 61.65 -36.34
C ALA A 236 -10.02 61.97 -37.49
N LEU A 237 -10.08 61.22 -38.60
CA LEU A 237 -9.42 61.66 -39.83
C LEU A 237 -10.01 62.98 -40.33
N PHE A 238 -11.33 63.10 -40.30
CA PHE A 238 -12.00 64.33 -40.68
C PHE A 238 -12.91 64.83 -39.57
N THR A 248 8.19 62.67 -36.20
CA THR A 248 7.62 61.36 -36.49
C THR A 248 8.71 60.30 -36.54
N GLY A 249 9.97 60.74 -36.54
CA GLY A 249 11.08 59.81 -36.49
C GLY A 249 11.15 59.05 -35.19
N GLU A 250 10.92 59.75 -34.06
CA GLU A 250 10.96 59.14 -32.73
C GLU A 250 9.89 58.08 -32.57
N LEU A 251 8.67 58.35 -33.05
CA LEU A 251 7.58 57.38 -32.98
C LEU A 251 7.83 56.18 -33.87
N LEU A 252 8.49 56.36 -35.02
CA LEU A 252 8.87 55.23 -35.87
C LEU A 252 9.84 54.29 -35.17
N LYS A 253 10.83 54.83 -34.46
CA LYS A 253 11.75 54.01 -33.67
C LYS A 253 11.01 53.26 -32.56
N GLU A 254 10.07 53.92 -31.89
CA GLU A 254 9.30 53.28 -30.82
C GLU A 254 8.46 52.12 -31.34
N ILE A 255 7.82 52.30 -32.50
CA ILE A 255 6.99 51.26 -33.10
C ILE A 255 7.87 50.09 -33.57
N GLU A 256 9.07 50.41 -34.09
CA GLU A 256 10.03 49.38 -34.46
C GLU A 256 10.47 48.55 -33.27
N GLY A 257 10.71 49.21 -32.13
CA GLY A 257 11.04 48.49 -30.90
C GLY A 257 9.93 47.58 -30.43
N LEU A 258 8.68 48.07 -30.50
CA LEU A 258 7.51 47.27 -30.13
C LEU A 258 7.33 46.07 -31.06
N ALA A 259 7.54 46.26 -32.37
CA ALA A 259 7.39 45.17 -33.33
C ALA A 259 8.39 44.05 -33.12
N ILE A 260 9.67 44.40 -32.90
CA ILE A 260 10.70 43.40 -32.66
C ILE A 260 10.49 42.72 -31.32
N ALA A 261 9.95 43.44 -30.33
CA ALA A 261 9.57 42.83 -29.06
C ALA A 261 8.47 41.78 -29.22
N GLN A 262 7.47 42.08 -30.06
CA GLN A 262 6.41 41.11 -30.33
C GLN A 262 6.94 39.87 -31.02
N ASP A 263 7.85 40.05 -31.98
CA ASP A 263 8.50 38.92 -32.64
C ASP A 263 9.42 38.15 -31.70
N SER A 264 9.97 38.81 -30.68
CA SER A 264 10.81 38.16 -29.68
C SER A 264 10.01 37.65 -28.49
N SER A 265 8.71 37.45 -28.63
CA SER A 265 7.84 36.99 -27.56
C SER A 265 7.40 35.56 -27.87
N ILE A 266 7.60 34.66 -26.91
CA ILE A 266 7.21 33.26 -27.05
C ILE A 266 5.70 33.12 -27.20
N LYS A 267 4.94 34.02 -26.56
CA LYS A 267 3.48 34.00 -26.64
C LYS A 267 2.97 34.23 -28.07
N ASN A 268 3.75 34.90 -28.91
CA ASN A 268 3.41 35.09 -30.32
C ASN A 268 4.02 33.99 -31.18
N GLY A 269 3.80 32.73 -30.80
CA GLY A 269 4.35 31.63 -31.57
C GLY A 269 3.60 31.30 -32.83
N TYR A 270 2.32 31.65 -32.89
CA TYR A 270 1.51 31.39 -34.07
C TYR A 270 1.54 32.52 -35.08
N TYR A 271 2.16 33.66 -34.73
CA TYR A 271 2.23 34.80 -35.64
C TYR A 271 3.41 35.67 -35.25
N ALA A 272 4.38 35.82 -36.15
CA ALA A 272 5.57 36.61 -35.91
C ALA A 272 5.93 37.44 -37.14
N GLU A 273 4.92 38.07 -37.74
CA GLU A 273 5.08 38.80 -38.99
C GLU A 273 5.16 40.32 -38.78
N TYR A 274 5.31 40.77 -37.52
CA TYR A 274 5.20 42.19 -37.19
C TYR A 274 6.31 43.03 -37.82
N SER A 275 7.53 42.49 -37.87
CA SER A 275 8.65 43.20 -38.51
C SER A 275 8.40 43.44 -39.99
N LYS A 276 7.84 42.43 -40.68
CA LYS A 276 7.61 42.53 -42.13
C LYS A 276 6.59 43.62 -42.46
N VAL A 277 5.44 43.62 -41.77
CA VAL A 277 4.41 44.62 -42.02
C VAL A 277 4.87 46.01 -41.62
N TYR A 278 5.70 46.12 -40.56
CA TYR A 278 6.28 47.40 -40.19
C TYR A 278 7.18 47.95 -41.29
N GLU A 279 7.96 47.09 -41.94
CA GLU A 279 8.79 47.55 -43.03
C GLU A 279 7.96 47.95 -44.24
N GLU A 280 6.83 47.27 -44.48
CA GLU A 280 5.92 47.68 -45.56
C GLU A 280 5.32 49.07 -45.32
N ILE A 281 4.86 49.36 -44.10
CA ILE A 281 4.35 50.70 -43.79
C ILE A 281 5.46 51.75 -43.89
N ARG A 282 6.66 51.42 -43.42
CA ARG A 282 7.81 52.32 -43.50
C ARG A 282 8.17 52.64 -44.95
N SER A 283 8.10 51.63 -45.83
CA SER A 283 8.33 51.85 -47.26
C SER A 283 7.28 52.77 -47.86
N LEU A 284 6.02 52.61 -47.43
CA LEU A 284 4.94 53.49 -47.85
C LEU A 284 5.19 54.94 -47.42
N ILE A 285 5.70 55.14 -46.20
CA ILE A 285 5.93 56.49 -45.70
C ILE A 285 7.10 57.14 -46.44
N ASN A 286 8.18 56.39 -46.64
CA ASN A 286 9.46 56.93 -47.12
C ASN A 286 9.37 57.46 -48.55
N ARG A 287 8.51 56.85 -49.39
CA ARG A 287 8.39 57.26 -50.78
C ARG A 287 7.80 58.66 -50.96
N ASN A 288 7.11 59.19 -49.94
CA ASN A 288 6.55 60.53 -50.02
C ASN A 288 6.70 61.26 -48.69
N ASN A 295 -0.49 65.16 -40.20
CA ASN A 295 -1.95 65.13 -40.17
C ASN A 295 -2.45 63.70 -39.96
N SER A 296 -3.03 63.12 -41.01
CA SER A 296 -3.55 61.75 -40.93
C SER A 296 -2.44 60.73 -40.72
N VAL A 297 -1.24 61.00 -41.25
CA VAL A 297 -0.10 60.10 -41.06
C VAL A 297 0.28 60.03 -39.58
N SER A 298 0.27 61.18 -38.90
CA SER A 298 0.52 61.21 -37.46
C SER A 298 -0.56 60.45 -36.69
N GLY A 299 -1.81 60.54 -37.14
CA GLY A 299 -2.88 59.77 -36.53
C GLY A 299 -2.70 58.27 -36.66
N ALA A 300 -2.25 57.82 -37.84
CA ALA A 300 -1.93 56.40 -38.05
C ALA A 300 -0.82 55.92 -37.14
N LEU A 301 0.24 56.72 -36.97
CA LEU A 301 1.33 56.39 -36.06
C LEU A 301 0.87 56.19 -34.61
N VAL A 302 0.09 57.13 -34.08
CA VAL A 302 -0.29 57.07 -32.66
C VAL A 302 -1.26 55.92 -32.38
N VAL A 303 -2.18 55.62 -33.29
CA VAL A 303 -3.12 54.51 -33.07
C VAL A 303 -2.40 53.16 -33.11
N TYR A 304 -1.39 53.03 -33.98
CA TYR A 304 -0.60 51.79 -34.01
C TYR A 304 0.18 51.59 -32.72
N ARG A 305 0.77 52.66 -32.18
CA ARG A 305 1.48 52.56 -30.92
C ARG A 305 0.57 52.17 -29.77
N ASP A 306 -0.62 52.78 -29.71
CA ASP A 306 -1.59 52.40 -28.68
C ASP A 306 -2.08 50.97 -28.83
N ALA A 307 -2.36 50.55 -30.07
CA ALA A 307 -2.80 49.18 -30.33
C ALA A 307 -1.74 48.15 -29.94
N LEU A 308 -0.49 48.40 -30.31
CA LEU A 308 0.60 47.50 -29.96
C LEU A 308 0.84 47.43 -28.45
N ARG A 309 0.88 48.59 -27.79
CA ARG A 309 1.14 48.65 -26.36
C ARG A 309 0.02 47.99 -25.54
N ASP A 310 -1.24 48.24 -25.90
CA ASP A 310 -2.34 47.63 -25.17
C ASP A 310 -2.42 46.13 -25.41
N ARG A 311 -2.14 45.68 -26.64
CA ARG A 311 -2.09 44.24 -26.90
C ARG A 311 -0.96 43.57 -26.10
N GLN A 312 0.21 44.22 -26.06
CA GLN A 312 1.34 43.70 -25.27
C GLN A 312 1.03 43.67 -23.78
N ASP A 313 0.45 44.76 -23.27
CA ASP A 313 0.12 44.83 -21.84
C ASP A 313 -0.94 43.81 -21.44
N TYR A 314 -1.95 43.62 -22.29
CA TYR A 314 -2.96 42.61 -22.02
C TYR A 314 -2.37 41.20 -22.07
N GLN A 315 -1.42 40.97 -22.98
CA GLN A 315 -0.67 39.71 -23.02
C GLN A 315 0.02 39.44 -21.68
N GLU A 316 0.72 40.45 -21.15
CA GLU A 316 1.42 40.30 -19.88
C GLU A 316 0.43 40.03 -18.74
N LYS A 317 -0.69 40.76 -18.72
CA LYS A 317 -1.71 40.55 -17.69
C LYS A 317 -2.32 39.15 -17.76
N ALA A 318 -2.62 38.68 -18.99
CA ALA A 318 -3.23 37.37 -19.16
C ALA A 318 -2.29 36.24 -18.77
N PHE A 319 -1.01 36.38 -19.12
CA PHE A 319 0.01 35.38 -18.83
C PHE A 319 0.77 35.67 -17.54
N SER A 320 0.30 36.63 -16.74
CA SER A 320 0.95 37.01 -15.48
C SER A 320 1.15 35.84 -14.54
N GLU A 321 0.09 35.07 -14.28
CA GLU A 321 0.15 33.96 -13.32
C GLU A 321 1.09 32.87 -13.78
N ILE A 322 0.97 32.46 -15.05
CA ILE A 322 1.78 31.38 -15.61
C ILE A 322 3.26 31.76 -15.63
N ASP A 323 3.57 32.97 -16.11
CA ASP A 323 4.96 33.42 -16.19
C ASP A 323 5.59 33.61 -14.82
N ASN A 324 4.83 34.13 -13.84
CA ASN A 324 5.35 34.28 -12.49
C ASN A 324 5.66 32.93 -11.87
N TYR A 325 4.76 31.97 -12.04
CA TYR A 325 4.97 30.62 -11.53
C TYR A 325 6.17 29.95 -12.20
N MET A 326 6.28 30.07 -13.53
CA MET A 326 7.39 29.47 -14.26
C MET A 326 8.72 30.12 -13.89
N SER A 327 8.73 31.45 -13.70
CA SER A 327 9.94 32.14 -13.28
C SER A 327 10.35 31.73 -11.87
N SER A 328 9.37 31.59 -10.97
CA SER A 328 9.66 31.18 -9.60
C SER A 328 10.22 29.77 -9.55
N VAL A 329 9.68 28.86 -10.36
CA VAL A 329 10.26 27.52 -10.47
C VAL A 329 11.67 27.58 -11.05
N ASN A 330 11.85 28.36 -12.12
CA ASN A 330 13.14 28.45 -12.79
C ASN A 330 14.23 29.08 -11.93
N SER A 331 13.86 29.79 -10.86
CA SER A 331 14.82 30.34 -9.90
C SER A 331 15.52 29.26 -9.09
N PHE A 332 15.04 28.01 -9.14
CA PHE A 332 15.69 26.87 -8.50
C PHE A 332 16.50 26.08 -9.52
N LEU A 333 15.85 25.64 -10.60
CA LEU A 333 16.49 24.84 -11.64
C LEU A 333 17.63 25.61 -12.29
N GLU A 334 18.65 24.87 -12.69
CA GLU A 334 19.84 25.46 -13.30
C GLU A 334 20.22 24.78 -14.61
N ASP A 335 20.08 23.45 -14.68
CA ASP A 335 20.43 22.70 -15.89
C ASP A 335 19.57 23.12 -17.07
N LYS A 336 18.26 23.19 -16.87
CA LYS A 336 17.34 23.62 -17.92
C LYS A 336 16.34 24.60 -17.31
N GLU A 337 15.27 24.88 -18.08
CA GLU A 337 14.20 25.76 -17.62
C GLU A 337 12.87 25.28 -18.20
N MET A 338 11.82 25.32 -17.39
CA MET A 338 10.50 24.94 -17.86
C MET A 338 9.88 26.10 -18.63
N ALA A 339 9.20 25.79 -19.73
CA ALA A 339 8.59 26.79 -20.60
C ALA A 339 7.55 26.10 -21.47
N TYR A 340 7.01 26.84 -22.44
CA TYR A 340 5.97 26.34 -23.33
C TYR A 340 6.32 26.69 -24.77
N ASP A 341 5.65 26.02 -25.71
CA ASP A 341 5.88 26.26 -27.12
C ASP A 341 4.54 26.44 -27.82
N PHE A 342 4.40 27.53 -28.57
CA PHE A 342 3.24 27.76 -29.42
C PHE A 342 3.61 27.46 -30.88
N ASP A 343 3.92 26.19 -31.14
CA ASP A 343 4.36 25.79 -32.46
C ASP A 343 3.21 25.77 -33.45
N LEU A 344 3.49 26.22 -34.67
CA LEU A 344 2.48 26.27 -35.73
C LEU A 344 2.24 24.88 -36.31
N ARG A 345 1.19 24.78 -37.12
CA ARG A 345 0.73 23.61 -37.87
C ARG A 345 0.30 22.45 -36.97
N ARG A 346 0.19 22.65 -35.67
CA ARG A 346 -0.35 21.66 -34.74
C ARG A 346 -0.90 22.39 -33.54
N LYS A 347 -1.83 21.75 -32.84
CA LYS A 347 -2.50 22.35 -31.70
C LYS A 347 -2.15 21.58 -30.44
N TYR A 348 -2.84 21.92 -29.34
CA TYR A 348 -2.61 21.46 -27.97
C TYR A 348 -1.18 21.80 -27.55
N PRO A 349 -0.87 23.09 -27.35
CA PRO A 349 0.53 23.53 -27.18
C PRO A 349 1.27 22.86 -26.03
N LYS A 350 2.46 22.36 -26.32
CA LYS A 350 3.19 21.54 -25.36
C LYS A 350 3.75 22.41 -24.23
N VAL A 351 3.77 21.84 -23.03
CA VAL A 351 4.41 22.44 -21.86
C VAL A 351 5.39 21.42 -21.29
N GLY A 352 6.67 21.76 -21.29
CA GLY A 352 7.68 20.83 -20.82
C GLY A 352 8.97 21.54 -20.48
N LEU A 353 9.96 20.73 -20.13
CA LEU A 353 11.30 21.25 -19.89
C LEU A 353 11.97 21.62 -21.20
N LYS A 354 12.78 22.68 -21.16
CA LYS A 354 13.56 23.11 -22.31
C LYS A 354 15.00 23.32 -21.88
N PHE A 355 15.90 22.59 -22.51
CA PHE A 355 17.34 22.64 -22.28
C PHE A 355 17.97 23.73 -23.16
N PRO A 356 19.17 24.22 -22.79
CA PRO A 356 19.87 25.18 -23.66
C PRO A 356 20.22 24.64 -25.04
N ASP A 357 20.38 23.33 -25.21
CA ASP A 357 20.62 22.76 -26.53
C ASP A 357 19.44 22.93 -27.48
N GLY A 358 18.23 23.10 -26.94
CA GLY A 358 17.02 23.27 -27.72
C GLY A 358 16.10 22.07 -27.74
N SER A 359 16.52 20.92 -27.21
CA SER A 359 15.66 19.75 -27.19
C SER A 359 14.69 19.86 -26.01
N TRP A 360 13.41 19.62 -26.27
CA TRP A 360 12.42 19.65 -25.22
C TRP A 360 12.34 18.29 -24.52
N SER A 361 11.55 18.26 -23.43
CA SER A 361 11.33 17.04 -22.67
C SER A 361 10.05 17.22 -21.86
N PRO A 362 9.28 16.15 -21.65
CA PRO A 362 8.10 16.24 -20.79
C PRO A 362 8.48 16.44 -19.32
N ILE A 363 7.46 16.83 -18.54
CA ILE A 363 7.64 17.17 -17.13
C ILE A 363 8.07 15.93 -16.32
N ARG A 364 7.63 14.75 -16.74
CA ARG A 364 7.92 13.50 -16.03
C ARG A 364 9.40 13.10 -16.07
N VAL A 365 10.22 13.73 -16.92
CA VAL A 365 11.66 13.52 -16.95
C VAL A 365 12.32 13.92 -15.64
N LEU A 366 11.72 14.88 -14.91
CA LEU A 366 12.26 15.39 -13.66
C LEU A 366 12.39 14.30 -12.59
N SER A 367 13.48 14.39 -11.81
CA SER A 367 13.68 13.53 -10.66
C SER A 367 12.72 13.90 -9.53
N SER A 368 12.83 13.16 -8.42
CA SER A 368 11.99 13.42 -7.25
C SER A 368 12.27 14.79 -6.63
N GLY A 369 13.55 15.17 -6.56
CA GLY A 369 13.92 16.45 -5.97
C GLY A 369 13.33 17.64 -6.70
N GLU A 370 13.35 17.61 -8.03
CA GLU A 370 12.74 18.68 -8.82
C GLU A 370 11.22 18.62 -8.77
N ARG A 371 10.66 17.40 -8.75
CA ARG A 371 9.21 17.22 -8.76
C ARG A 371 8.57 17.78 -7.50
N GLN A 372 9.26 17.63 -6.35
CA GLN A 372 8.77 18.20 -5.09
C GLN A 372 8.68 19.72 -5.17
N LEU A 373 9.70 20.37 -5.73
CA LEU A 373 9.70 21.81 -5.94
C LEU A 373 8.52 22.24 -6.81
N LEU A 374 8.26 21.50 -7.89
CA LEU A 374 7.14 21.77 -8.78
C LEU A 374 5.80 21.78 -8.04
N THR A 375 5.52 20.71 -7.29
CA THR A 375 4.23 20.55 -6.63
C THR A 375 4.01 21.58 -5.52
N MET A 376 5.00 21.78 -4.64
CA MET A 376 4.87 22.73 -3.55
C MET A 376 4.69 24.16 -4.05
N LEU A 377 5.50 24.58 -5.03
CA LEU A 377 5.38 25.92 -5.59
C LEU A 377 4.06 26.13 -6.32
N TYR A 378 3.48 25.07 -6.90
CA TYR A 378 2.13 25.18 -7.45
C TYR A 378 1.11 25.47 -6.36
N ALA A 379 1.22 24.78 -5.22
CA ALA A 379 0.22 24.92 -4.15
C ALA A 379 0.22 26.32 -3.54
N ALA A 380 1.34 27.04 -3.62
CA ALA A 380 1.41 28.41 -3.13
C ALA A 380 1.24 29.43 -4.25
N SER A 381 0.87 28.99 -5.44
CA SER A 381 0.69 29.88 -6.58
C SER A 381 -0.77 30.26 -6.73
N LYS A 382 -1.01 31.38 -7.41
CA LYS A 382 -2.38 31.82 -7.70
C LYS A 382 -3.12 30.87 -8.64
N MET A 383 -2.40 30.02 -9.39
CA MET A 383 -3.05 29.12 -10.33
C MET A 383 -3.76 27.96 -9.65
N GLY A 384 -3.48 27.72 -8.36
CA GLY A 384 -4.07 26.62 -7.63
C GLY A 384 -5.52 26.85 -7.24
N ASP A 385 -5.90 26.23 -6.13
CA ASP A 385 -7.20 26.46 -5.52
C ASP A 385 -7.00 27.11 -4.16
N ASP A 386 -7.89 28.06 -3.82
CA ASP A 386 -7.89 28.76 -2.54
C ASP A 386 -7.95 27.75 -1.41
N ALA A 387 -6.88 27.67 -0.60
CA ALA A 387 -6.76 26.60 0.38
C ALA A 387 -5.72 26.99 1.42
N ILE A 388 -5.45 26.06 2.32
CA ILE A 388 -4.39 26.16 3.32
C ILE A 388 -3.38 25.06 3.05
N VAL A 389 -2.13 25.46 2.81
CA VAL A 389 -1.08 24.54 2.38
C VAL A 389 -0.53 23.85 3.62
N LEU A 390 -0.82 22.56 3.76
CA LEU A 390 -0.36 21.74 4.86
C LEU A 390 0.74 20.79 4.38
N ILE A 391 1.96 21.08 4.83
CA ILE A 391 3.17 20.39 4.43
C ILE A 391 3.68 19.69 5.67
N ASP A 392 4.04 18.41 5.53
CA ASP A 392 4.68 17.75 6.65
C ASP A 392 6.16 18.10 6.74
N GLN A 393 6.97 17.77 5.73
CA GLN A 393 8.41 18.04 5.82
C GLN A 393 8.88 18.64 4.49
N PRO A 394 9.13 19.95 4.46
CA PRO A 394 9.60 20.58 3.22
C PRO A 394 11.10 20.43 2.96
N GLU A 395 11.67 19.27 3.28
CA GLU A 395 13.10 19.10 3.09
C GLU A 395 13.46 17.69 2.63
N ILE A 396 12.46 16.85 2.30
CA ILE A 396 12.71 15.52 1.78
C ILE A 396 13.25 15.64 0.36
N SER A 397 14.39 14.97 0.11
CA SER A 397 15.04 14.90 -1.21
C SER A 397 15.36 16.29 -1.77
N LEU A 398 15.85 17.18 -0.91
CA LEU A 398 16.19 18.54 -1.30
C LEU A 398 17.63 18.82 -0.91
N HIS A 399 18.40 19.33 -1.86
CA HIS A 399 19.72 19.88 -1.59
C HIS A 399 19.61 21.13 -0.70
N ILE A 400 20.72 21.42 -0.01
CA ILE A 400 20.76 22.48 1.00
C ILE A 400 20.48 23.86 0.40
N ASP A 401 20.92 24.10 -0.83
CA ASP A 401 20.70 25.38 -1.51
C ASP A 401 19.21 25.66 -1.69
N TRP A 402 18.47 24.66 -2.16
CA TRP A 402 17.03 24.78 -2.38
C TRP A 402 16.27 24.98 -1.07
N GLN A 403 16.74 24.37 0.02
CA GLN A 403 16.13 24.59 1.33
C GLN A 403 16.30 26.02 1.82
N GLU A 404 17.37 26.69 1.42
CA GLU A 404 17.59 28.08 1.82
C GLU A 404 16.59 29.05 1.21
N ASP A 405 15.99 28.69 0.07
CA ASP A 405 15.20 29.65 -0.71
C ASP A 405 13.80 29.14 -1.03
N LEU A 406 13.42 27.98 -0.48
CA LEU A 406 12.09 27.42 -0.72
C LEU A 406 10.99 28.34 -0.21
N LEU A 407 11.09 28.74 1.06
CA LEU A 407 10.09 29.62 1.68
C LEU A 407 10.09 31.01 1.06
N LYS A 408 11.25 31.50 0.64
CA LYS A 408 11.36 32.80 -0.02
C LYS A 408 10.53 32.88 -1.30
N ARG A 409 10.71 31.91 -2.19
CA ARG A 409 9.91 31.86 -3.43
C ARG A 409 8.43 31.66 -3.14
N MET A 410 8.11 30.75 -2.21
CA MET A 410 6.72 30.44 -1.87
C MET A 410 5.97 31.66 -1.34
N LEU A 411 6.63 32.47 -0.51
CA LEU A 411 6.03 33.70 -0.01
C LEU A 411 5.97 34.79 -1.09
N SER A 412 7.01 34.90 -1.92
CA SER A 412 7.10 35.97 -2.92
C SER A 412 6.06 35.85 -4.03
N GLN A 413 5.45 34.67 -4.22
CA GLN A 413 4.35 34.54 -5.17
C GLN A 413 3.13 35.37 -4.79
N LEU A 414 2.96 35.68 -3.49
CA LEU A 414 1.93 36.58 -2.96
C LEU A 414 0.52 36.08 -3.28
N SER A 415 0.28 34.80 -3.01
CA SER A 415 -1.05 34.25 -3.18
C SER A 415 -1.98 34.64 -2.04
N GLY A 416 -1.44 34.78 -0.83
CA GLY A 416 -2.24 35.05 0.34
C GLY A 416 -2.73 33.82 1.08
N ARG A 417 -2.51 32.63 0.51
CA ARG A 417 -2.92 31.40 1.16
C ARG A 417 -2.04 31.13 2.37
N GLN A 418 -2.63 30.46 3.36
CA GLN A 418 -1.90 30.14 4.59
C GLN A 418 -1.03 28.89 4.39
N ILE A 419 0.21 28.97 4.85
CA ILE A 419 1.20 27.92 4.69
C ILE A 419 1.64 27.48 6.09
N ILE A 420 1.67 26.17 6.32
CA ILE A 420 2.06 25.60 7.60
C ILE A 420 3.07 24.48 7.35
N VAL A 421 4.32 24.69 7.77
CA VAL A 421 5.42 23.76 7.55
C VAL A 421 5.97 23.29 8.89
N CYS A 422 6.29 22.00 8.97
CA CYS A 422 6.94 21.40 10.13
C CYS A 422 8.37 21.04 9.73
N THR A 423 9.36 21.74 10.28
CA THR A 423 10.71 21.52 9.80
C THR A 423 11.64 21.22 10.97
N HIS A 424 12.74 20.53 10.64
CA HIS A 424 13.80 20.28 11.58
C HIS A 424 15.10 20.95 11.20
N SER A 425 15.30 21.28 9.93
CA SER A 425 16.49 21.96 9.46
C SER A 425 16.42 23.44 9.83
N PRO A 426 17.55 24.07 10.15
CA PRO A 426 17.54 25.52 10.35
C PRO A 426 17.61 26.30 9.05
N SER A 427 17.87 25.65 7.92
CA SER A 427 17.94 26.36 6.65
C SER A 427 16.56 26.69 6.08
N ILE A 428 15.57 25.82 6.31
CA ILE A 428 14.19 26.13 5.92
C ILE A 428 13.68 27.34 6.68
N ALA A 429 13.96 27.43 7.97
CA ALA A 429 13.37 28.45 8.83
C ALA A 429 14.17 29.73 8.92
N THR A 430 15.39 29.78 8.39
CA THR A 430 16.23 30.97 8.53
C THR A 430 15.62 32.18 7.81
N GLY A 431 15.79 33.35 8.42
CA GLY A 431 15.18 34.56 7.90
C GLY A 431 13.69 34.68 8.16
N TYR A 432 13.12 33.77 8.95
CA TYR A 432 11.71 33.78 9.30
C TYR A 432 11.52 33.50 10.78
N GLU A 433 12.32 34.17 11.61
CA GLU A 433 12.30 33.95 13.05
C GLU A 433 10.97 34.35 13.66
N ASP A 434 10.37 35.44 13.16
CA ASP A 434 9.09 35.95 13.66
C ASP A 434 7.95 34.96 13.43
N PHE A 435 8.09 34.03 12.49
CA PHE A 435 7.05 33.08 12.14
C PHE A 435 7.29 31.70 12.71
N MET A 436 8.34 31.52 13.51
CA MET A 436 8.63 30.22 14.10
C MET A 436 7.65 29.91 15.22
N ILE A 437 7.22 28.65 15.31
CA ILE A 437 6.33 28.20 16.36
C ILE A 437 6.98 27.02 17.08
N ASN A 438 7.10 27.13 18.40
CA ASN A 438 7.73 26.12 19.23
C ASN A 438 6.62 25.26 19.86
N ILE A 439 6.68 23.95 19.62
CA ILE A 439 5.71 23.01 20.17
C ILE A 439 6.32 22.44 21.45
N SER A 440 5.70 22.78 22.58
CA SER A 440 6.08 22.23 23.88
C SER A 440 4.82 21.66 24.51
N PRO A 441 4.54 20.38 24.28
CA PRO A 441 3.30 19.78 24.80
C PRO A 441 3.36 19.56 26.31
N GLU A 442 2.47 20.23 27.02
CA GLU A 442 2.40 20.08 28.47
C GLU A 442 1.80 18.74 28.83
N PHE A 443 2.47 18.01 29.71
CA PHE A 443 2.06 16.66 30.08
C PHE A 443 1.19 16.71 31.33
N ILE A 444 0.25 15.77 31.42
CA ILE A 444 -0.63 15.68 32.57
C ILE A 444 -0.11 14.62 33.54
N ILE B 3 37.28 -7.90 13.34
CA ILE B 3 36.48 -8.61 12.34
C ILE B 3 36.81 -8.11 10.95
N ARG B 4 36.28 -8.79 9.95
CA ARG B 4 36.54 -8.45 8.56
C ARG B 4 35.87 -7.11 8.20
N THR B 5 36.64 -6.22 7.58
CA THR B 5 36.17 -4.90 7.17
C THR B 5 36.64 -4.64 5.74
N ILE B 6 36.16 -3.54 5.18
CA ILE B 6 36.46 -3.17 3.80
C ILE B 6 37.61 -2.17 3.82
N SER B 7 38.40 -2.15 2.74
CA SER B 7 39.52 -1.23 2.63
C SER B 7 39.54 -0.39 1.35
N LYS B 8 39.13 -0.96 0.22
CA LYS B 8 39.32 -0.26 -1.06
C LYS B 8 38.30 -0.75 -2.09
N ILE B 9 37.69 0.19 -2.79
CA ILE B 9 36.79 -0.11 -3.91
C ILE B 9 37.28 0.69 -5.12
N GLU B 10 37.21 0.06 -6.30
CA GLU B 10 37.66 0.63 -7.57
C GLU B 10 36.53 0.55 -8.59
N LEU B 11 35.71 1.60 -8.67
CA LEU B 11 34.63 1.64 -9.64
C LEU B 11 35.20 2.09 -10.98
N SER B 12 34.98 1.30 -12.04
CA SER B 12 35.51 1.61 -13.35
C SER B 12 34.41 1.73 -14.40
N LYS B 13 34.20 2.96 -14.89
CA LYS B 13 33.26 3.28 -15.97
C LYS B 13 31.82 2.82 -15.74
N ILE B 14 31.36 2.84 -14.49
CA ILE B 14 29.94 2.58 -14.24
C ILE B 14 29.14 3.71 -14.88
N HIS B 15 28.05 3.34 -15.57
CA HIS B 15 27.17 4.20 -16.37
C HIS B 15 27.87 4.82 -17.57
N ASN B 16 29.08 4.33 -17.90
CA ASN B 16 29.96 4.70 -19.01
C ASN B 16 30.56 6.10 -18.91
N ARG B 17 30.23 6.88 -17.88
CA ARG B 17 30.74 8.25 -17.79
C ARG B 17 31.09 8.62 -16.35
N TYR B 18 31.73 7.71 -15.62
CA TYR B 18 32.02 7.93 -14.21
C TYR B 18 33.04 6.88 -13.74
N ASN B 19 34.21 7.33 -13.28
CA ASN B 19 35.23 6.46 -12.69
C ASN B 19 35.59 7.02 -11.32
N LEU B 20 35.61 6.16 -10.30
CA LEU B 20 35.86 6.61 -8.94
C LEU B 20 36.48 5.51 -8.10
N THR B 21 37.45 5.88 -7.26
CA THR B 21 38.03 4.96 -6.29
C THR B 21 37.87 5.61 -4.93
N VAL B 22 37.87 4.80 -3.87
CA VAL B 22 37.62 5.35 -2.54
C VAL B 22 38.56 4.74 -1.50
N ASP B 23 38.82 5.52 -0.46
CA ASP B 23 39.75 5.18 0.61
C ASP B 23 38.87 4.81 1.80
N PHE B 24 39.11 3.66 2.42
CA PHE B 24 38.37 3.27 3.60
C PHE B 24 39.24 3.21 4.85
N PHE B 25 38.55 3.02 5.97
CA PHE B 25 39.14 2.63 7.25
C PHE B 25 38.27 1.52 7.83
N ASN B 26 38.55 1.09 9.06
CA ASN B 26 37.80 0.00 9.69
C ASN B 26 36.81 0.50 10.73
N ASP B 27 36.75 1.81 10.94
CA ASP B 27 35.87 2.48 11.90
C ASP B 27 34.95 3.40 11.10
N LEU B 28 34.25 4.29 11.80
CA LEU B 28 33.19 5.11 11.23
C LEU B 28 33.70 6.00 10.09
N ASN B 29 33.11 5.83 8.92
CA ASN B 29 33.48 6.57 7.71
C ASN B 29 32.21 7.26 7.22
N VAL B 30 32.04 8.53 7.59
CA VAL B 30 30.89 9.28 7.12
C VAL B 30 31.12 9.75 5.68
N ILE B 31 30.35 9.20 4.73
CA ILE B 31 30.43 9.63 3.34
C ILE B 31 29.84 11.03 3.30
N HIS B 32 30.65 12.06 3.19
CA HIS B 32 30.06 13.39 3.12
C HIS B 32 29.89 13.80 1.64
N GLY B 33 29.68 15.08 1.39
CA GLY B 33 29.51 15.58 0.04
C GLY B 33 28.39 16.59 -0.10
N GLY B 38 25.55 10.24 -6.90
CA GLY B 38 26.46 9.15 -7.16
C GLY B 38 26.86 8.38 -5.92
N LYS B 39 26.77 9.06 -4.76
CA LYS B 39 27.06 8.44 -3.48
C LYS B 39 26.13 7.26 -3.20
N SER B 40 24.84 7.44 -3.48
CA SER B 40 23.81 6.42 -3.26
C SER B 40 24.15 5.12 -4.00
N THR B 41 24.60 5.23 -5.25
CA THR B 41 25.01 4.08 -6.06
C THR B 41 26.14 3.30 -5.42
N LEU B 42 27.15 4.02 -4.90
CA LEU B 42 28.30 3.41 -4.23
C LEU B 42 27.87 2.55 -3.04
N ILE B 43 26.99 3.08 -2.20
CA ILE B 43 26.43 2.35 -1.06
C ILE B 43 25.82 1.02 -1.48
N HIS B 44 24.99 1.04 -2.54
CA HIS B 44 24.36 -0.17 -3.06
C HIS B 44 25.40 -1.20 -3.51
N VAL B 45 26.49 -0.74 -4.13
CA VAL B 45 27.53 -1.65 -4.60
C VAL B 45 28.29 -2.30 -3.43
N ILE B 46 28.44 -1.58 -2.32
CA ILE B 46 29.09 -2.14 -1.14
C ILE B 46 28.22 -3.23 -0.50
N ALA B 47 26.92 -2.97 -0.38
CA ALA B 47 25.99 -3.94 0.21
C ALA B 47 25.90 -5.23 -0.59
N ASN B 48 25.89 -5.12 -1.93
CA ASN B 48 25.75 -6.32 -2.75
C ASN B 48 27.02 -7.18 -2.80
N ILE B 49 28.20 -6.57 -2.62
CA ILE B 49 29.40 -7.38 -2.50
C ILE B 49 29.48 -8.06 -1.13
N VAL B 50 29.16 -7.33 -0.06
CA VAL B 50 29.28 -7.87 1.30
C VAL B 50 28.29 -9.02 1.51
N ASN B 51 27.01 -8.78 1.18
CA ASN B 51 25.95 -9.76 1.37
C ASN B 51 26.05 -10.96 0.41
N GLY B 52 27.04 -11.01 -0.49
CA GLY B 52 27.20 -12.12 -1.40
C GLY B 52 26.16 -12.20 -2.50
N ASP B 53 25.31 -11.18 -2.64
CA ASP B 53 24.26 -11.18 -3.67
C ASP B 53 24.85 -10.65 -4.98
N PHE B 54 25.68 -11.50 -5.62
CA PHE B 54 26.33 -11.10 -6.86
C PHE B 54 25.40 -11.11 -8.05
N ILE B 55 24.25 -11.80 -7.95
CA ILE B 55 23.31 -11.91 -9.06
C ILE B 55 22.72 -10.55 -9.44
N ARG B 56 22.56 -9.66 -8.43
CA ARG B 56 22.04 -8.32 -8.64
C ARG B 56 22.87 -7.48 -9.62
N PHE B 57 24.18 -7.75 -9.72
CA PHE B 57 25.06 -7.01 -10.63
C PHE B 57 24.71 -7.16 -12.11
N ALA B 58 23.91 -8.17 -12.48
CA ALA B 58 23.38 -8.27 -13.84
C ALA B 58 22.41 -7.14 -14.20
N PHE B 59 22.03 -6.28 -13.26
CA PHE B 59 21.09 -5.19 -13.49
C PHE B 59 21.79 -3.82 -13.43
N LEU B 60 23.11 -3.80 -13.59
CA LEU B 60 23.90 -2.59 -13.50
C LEU B 60 24.74 -2.47 -14.76
N ILE B 61 24.75 -1.29 -15.37
CA ILE B 61 25.60 -1.03 -16.52
C ILE B 61 26.95 -0.55 -15.99
N PHE B 62 27.92 -1.48 -15.93
CA PHE B 62 29.25 -1.19 -15.43
C PHE B 62 30.25 -1.97 -16.26
N GLU B 63 31.54 -1.82 -15.91
CA GLU B 63 32.61 -2.55 -16.58
C GLU B 63 33.35 -3.48 -15.64
N GLU B 64 33.84 -2.97 -14.51
CA GLU B 64 34.69 -3.74 -13.60
C GLU B 64 34.74 -3.04 -12.25
N ILE B 65 34.62 -3.83 -11.19
CA ILE B 65 34.66 -3.34 -9.81
C ILE B 65 35.53 -4.29 -9.01
N LYS B 66 36.49 -3.74 -8.28
CA LYS B 66 37.33 -4.51 -7.37
C LYS B 66 37.00 -4.14 -5.94
N ALA B 67 36.77 -5.14 -5.09
CA ALA B 67 36.51 -4.93 -3.68
C ALA B 67 37.65 -5.55 -2.88
N THR B 68 38.30 -4.72 -2.06
CA THR B 68 39.44 -5.15 -1.25
C THR B 68 39.04 -5.13 0.21
N TYR B 69 39.27 -6.23 0.91
CA TYR B 69 38.93 -6.35 2.31
C TYR B 69 40.12 -5.92 3.18
N SER B 70 40.04 -6.17 4.48
CA SER B 70 41.15 -5.90 5.38
C SER B 70 41.99 -7.14 5.68
N ASP B 71 41.45 -8.34 5.47
CA ASP B 71 42.18 -9.58 5.72
C ASP B 71 42.97 -10.04 4.50
N GLY B 72 43.02 -9.24 3.44
CA GLY B 72 43.72 -9.59 2.22
C GLY B 72 42.84 -10.17 1.13
N LEU B 73 41.60 -10.56 1.46
CA LEU B 73 40.68 -11.08 0.46
C LEU B 73 40.29 -9.99 -0.54
N LYS B 74 40.27 -10.35 -1.81
CA LYS B 74 39.92 -9.43 -2.89
C LYS B 74 38.90 -10.10 -3.81
N ILE B 75 37.93 -9.32 -4.29
CA ILE B 75 36.87 -9.82 -5.15
C ILE B 75 36.86 -8.96 -6.41
N VAL B 76 36.66 -9.59 -7.57
CA VAL B 76 36.67 -8.92 -8.86
C VAL B 76 35.38 -9.32 -9.59
N ILE B 77 34.66 -8.31 -10.09
CA ILE B 77 33.43 -8.51 -10.86
C ILE B 77 33.65 -7.90 -12.24
N ARG B 78 33.34 -8.65 -13.29
CA ARG B 78 33.52 -8.17 -14.65
C ARG B 78 32.30 -8.49 -15.50
N ARG B 79 31.64 -7.45 -15.99
CA ARG B 79 30.49 -7.56 -16.88
C ARG B 79 31.00 -7.49 -18.32
N ASP B 80 31.57 -8.60 -18.78
CA ASP B 80 32.09 -8.61 -20.14
C ASP B 80 30.96 -8.71 -21.15
N LYS B 81 31.29 -8.38 -22.41
CA LYS B 81 30.32 -8.34 -23.49
C LYS B 81 30.81 -9.19 -24.66
N ILE B 82 30.06 -10.23 -25.00
CA ILE B 82 30.40 -11.08 -26.14
C ILE B 82 29.11 -11.41 -26.88
N ASP B 83 29.13 -11.17 -28.20
CA ASP B 83 28.05 -11.46 -29.15
C ASP B 83 26.71 -10.88 -28.67
N GLU B 84 26.69 -9.55 -28.53
CA GLU B 84 25.60 -8.74 -27.98
C GLU B 84 24.92 -9.34 -26.74
N GLN B 85 25.70 -9.91 -25.82
CA GLN B 85 25.18 -10.52 -24.61
C GLN B 85 26.16 -10.31 -23.47
N SER B 86 25.66 -9.83 -22.33
CA SER B 86 26.48 -9.53 -21.18
C SER B 86 26.63 -10.76 -20.28
N PHE B 87 27.85 -10.95 -19.78
CA PHE B 87 28.20 -12.10 -18.95
C PHE B 87 28.92 -11.57 -17.72
N ILE B 88 28.34 -11.78 -16.54
CA ILE B 88 29.00 -11.42 -15.29
C ILE B 88 30.02 -12.50 -14.93
N SER B 89 31.25 -12.08 -14.68
CA SER B 89 32.28 -12.97 -14.16
C SER B 89 32.69 -12.52 -12.78
N VAL B 90 32.69 -13.43 -11.82
CA VAL B 90 33.10 -13.17 -10.44
C VAL B 90 34.37 -13.96 -10.16
N THR B 91 35.45 -13.26 -9.80
CA THR B 91 36.72 -13.91 -9.54
C THR B 91 37.20 -13.51 -8.15
N LEU B 92 37.49 -14.50 -7.31
CA LEU B 92 38.02 -14.18 -5.99
C LEU B 92 39.53 -13.90 -6.06
N SER B 93 40.10 -13.61 -4.89
CA SER B 93 41.54 -13.46 -4.74
C SER B 93 42.32 -14.73 -5.04
N ASN B 94 41.82 -15.89 -4.59
CA ASN B 94 42.39 -17.20 -4.90
C ASN B 94 41.96 -17.79 -6.25
N GLY B 95 41.45 -16.98 -7.18
CA GLY B 95 41.03 -17.47 -8.47
C GLY B 95 39.84 -18.43 -8.49
N LYS B 96 38.72 -17.93 -8.01
CA LYS B 96 37.45 -18.66 -7.92
C LYS B 96 36.53 -17.99 -8.94
N TYR B 97 36.47 -18.56 -10.13
CA TYR B 97 35.73 -17.99 -11.26
C TYR B 97 34.42 -18.74 -11.50
N ILE B 98 33.33 -17.97 -11.50
CA ILE B 98 31.99 -18.45 -11.79
C ILE B 98 31.36 -17.49 -12.80
N LYS B 99 30.95 -18.02 -13.94
CA LYS B 99 30.43 -17.22 -15.05
C LYS B 99 28.94 -17.55 -15.23
N PHE B 100 28.17 -16.53 -15.64
CA PHE B 100 26.76 -16.68 -15.95
C PHE B 100 26.29 -15.50 -16.78
N ALA B 101 25.41 -15.79 -17.73
CA ALA B 101 24.82 -14.80 -18.61
C ALA B 101 23.77 -13.96 -17.91
N VAL B 102 23.61 -12.73 -18.40
CA VAL B 102 22.72 -11.75 -17.79
C VAL B 102 21.28 -11.94 -18.27
N GLY B 103 21.10 -12.27 -19.55
CA GLY B 103 19.77 -12.47 -20.10
C GLY B 103 19.01 -13.60 -19.42
N GLU B 104 19.72 -14.71 -19.15
CA GLU B 104 19.16 -15.82 -18.38
C GLU B 104 18.77 -15.38 -16.97
N ALA B 105 19.57 -14.48 -16.37
CA ALA B 105 19.35 -14.02 -15.00
C ALA B 105 18.05 -13.23 -14.87
N MET B 106 17.81 -12.29 -15.80
CA MET B 106 16.64 -11.42 -15.76
C MET B 106 15.33 -12.19 -15.72
N ALA B 107 15.21 -13.23 -16.55
CA ALA B 107 14.00 -14.06 -16.59
C ALA B 107 13.78 -14.81 -15.28
N THR B 108 14.84 -15.41 -14.74
CA THR B 108 14.74 -16.19 -13.51
C THR B 108 14.29 -15.35 -12.32
N VAL B 109 14.73 -14.09 -12.26
CA VAL B 109 14.29 -13.19 -11.19
C VAL B 109 12.79 -12.95 -11.26
N ARG B 110 12.26 -12.73 -12.46
CA ARG B 110 10.83 -12.47 -12.63
C ARG B 110 10.01 -13.75 -12.50
N MET B 126 17.75 -22.53 -9.74
CA MET B 126 18.95 -23.12 -10.31
C MET B 126 20.12 -22.16 -10.22
N LEU B 127 20.03 -21.07 -11.01
CA LEU B 127 21.10 -20.07 -11.09
C LEU B 127 21.44 -19.47 -9.74
N ALA B 128 20.40 -18.98 -9.03
CA ALA B 128 20.57 -18.46 -7.68
C ALA B 128 21.09 -19.53 -6.72
N MET B 129 20.62 -20.77 -6.89
CA MET B 129 21.06 -21.89 -6.04
C MET B 129 22.55 -22.15 -6.19
N ASP B 130 23.05 -22.16 -7.43
CA ASP B 130 24.48 -22.33 -7.67
C ASP B 130 25.30 -21.18 -7.10
N ILE B 131 24.77 -19.96 -7.20
CA ILE B 131 25.46 -18.76 -6.69
C ILE B 131 25.63 -18.82 -5.17
N ASP B 132 24.58 -19.21 -4.45
CA ASP B 132 24.70 -19.27 -2.99
C ASP B 132 25.57 -20.44 -2.54
N LYS B 133 25.61 -21.52 -3.32
CA LYS B 133 26.58 -22.59 -3.09
C LYS B 133 28.00 -22.05 -3.20
N PHE B 134 28.27 -21.26 -4.24
CA PHE B 134 29.58 -20.62 -4.43
C PHE B 134 29.93 -19.72 -3.25
N VAL B 135 28.95 -18.94 -2.77
CA VAL B 135 29.16 -18.03 -1.65
C VAL B 135 29.52 -18.81 -0.39
N LYS B 136 28.75 -19.86 -0.09
CA LYS B 136 28.93 -20.61 1.15
C LYS B 136 30.22 -21.41 1.14
N GLU B 137 30.56 -22.03 -0.01
CA GLU B 137 31.75 -22.88 -0.11
C GLU B 137 33.03 -22.09 0.14
N ASN B 138 33.12 -20.88 -0.39
CA ASN B 138 34.29 -20.03 -0.16
C ASN B 138 34.09 -19.06 1.00
N GLU B 139 32.92 -19.13 1.66
CA GLU B 139 32.57 -18.36 2.86
C GLU B 139 32.72 -16.86 2.66
N LEU B 140 31.90 -16.33 1.74
CA LEU B 140 31.82 -14.90 1.54
C LEU B 140 30.72 -14.24 2.35
N GLN B 141 29.90 -15.03 3.05
CA GLN B 141 28.79 -14.53 3.84
C GLN B 141 29.06 -14.63 5.34
N LYS B 142 30.34 -14.55 5.73
CA LYS B 142 30.69 -14.55 7.15
C LYS B 142 30.13 -13.32 7.85
N VAL B 143 30.16 -12.17 7.19
CA VAL B 143 29.69 -10.91 7.75
C VAL B 143 28.63 -10.35 6.79
N ARG B 144 27.46 -10.05 7.33
CA ARG B 144 26.36 -9.50 6.55
C ARG B 144 26.45 -7.97 6.53
N ALA B 145 25.40 -7.32 6.05
CA ALA B 145 25.37 -5.85 6.04
C ALA B 145 23.94 -5.37 6.24
N SER B 146 23.73 -4.53 7.25
CA SER B 146 22.41 -3.97 7.54
C SER B 146 22.27 -2.68 6.74
N TYR B 147 21.40 -2.70 5.73
CA TYR B 147 21.18 -1.53 4.88
C TYR B 147 20.05 -0.70 5.47
N PHE B 148 20.35 0.55 5.82
CA PHE B 148 19.37 1.53 6.25
C PHE B 148 19.11 2.51 5.11
N PRO B 149 18.08 2.29 4.28
CA PRO B 149 17.85 3.16 3.11
C PRO B 149 17.37 4.57 3.42
N ALA B 150 16.98 5.30 2.38
CA ALA B 150 16.38 6.62 2.52
C ALA B 150 14.86 6.58 2.67
N PHE B 151 14.23 5.41 2.53
CA PHE B 151 12.78 5.28 2.55
C PHE B 151 12.28 4.37 3.68
N ARG B 152 13.05 4.26 4.77
CA ARG B 152 12.72 3.36 5.87
C ARG B 152 11.38 3.64 6.53
N THR B 153 11.02 4.92 6.69
CA THR B 153 9.78 5.32 7.38
C THR B 153 8.54 4.69 6.75
N MET B 154 8.34 4.88 5.45
CA MET B 154 7.15 4.36 4.79
C MET B 154 7.13 2.83 4.80
N LEU B 155 8.28 2.22 4.49
CA LEU B 155 8.41 0.77 4.41
C LEU B 155 8.16 0.10 5.75
N GLU B 156 8.72 0.65 6.84
CA GLU B 156 8.53 0.05 8.17
C GLU B 156 7.07 0.13 8.60
N ALA B 157 6.41 1.26 8.32
CA ALA B 157 4.99 1.39 8.59
C ALA B 157 4.17 0.43 7.73
N TRP B 158 4.60 0.24 6.48
CA TRP B 158 3.96 -0.71 5.57
C TRP B 158 4.04 -2.14 6.11
N SER B 159 5.20 -2.52 6.64
CA SER B 159 5.35 -3.86 7.19
C SER B 159 4.58 -4.00 8.50
N SER B 160 4.55 -2.93 9.31
CA SER B 160 3.87 -2.94 10.61
C SER B 160 2.37 -3.21 10.49
N SER B 161 1.77 -2.86 9.36
CA SER B 161 0.35 -3.08 9.00
C SER B 161 -0.63 -2.52 10.03
N SER B 174 12.56 -12.55 9.22
CA SER B 174 13.14 -12.89 7.92
C SER B 174 12.11 -12.76 6.80
N PHE B 175 10.86 -13.13 7.14
CA PHE B 175 9.75 -12.99 6.20
C PHE B 175 9.53 -11.54 5.80
N TYR B 176 9.58 -10.63 6.78
CA TYR B 176 9.46 -9.20 6.51
C TYR B 176 10.56 -8.69 5.59
N ASN B 177 11.80 -9.13 5.83
CA ASN B 177 12.96 -8.74 5.03
C ASN B 177 12.78 -9.03 3.54
N ARG B 178 12.54 -10.30 3.19
CA ARG B 178 12.39 -10.70 1.79
C ARG B 178 11.20 -10.03 1.10
N LYS B 179 10.05 -9.99 1.77
CA LYS B 179 8.83 -9.40 1.19
C LYS B 179 9.00 -7.91 0.91
N ALA B 180 9.49 -7.16 1.90
CA ALA B 180 9.70 -5.72 1.75
C ALA B 180 10.74 -5.40 0.69
N SER B 181 11.78 -6.23 0.59
CA SER B 181 12.82 -6.08 -0.43
C SER B 181 12.25 -6.14 -1.84
N ALA B 182 11.39 -7.15 -2.10
CA ALA B 182 10.75 -7.27 -3.41
C ALA B 182 9.91 -6.04 -3.75
N PHE B 183 9.10 -5.59 -2.79
CA PHE B 183 8.28 -4.39 -2.97
C PHE B 183 9.13 -3.16 -3.26
N ALA B 184 10.22 -3.00 -2.51
CA ALA B 184 11.15 -1.88 -2.66
C ALA B 184 11.82 -1.89 -4.03
N ARG B 185 12.33 -3.05 -4.44
CA ARG B 185 13.04 -3.16 -5.73
C ARG B 185 12.14 -2.91 -6.92
N GLU B 186 10.87 -3.28 -6.85
CA GLU B 186 9.93 -2.83 -7.89
C GLU B 186 9.67 -1.34 -7.86
N LEU B 187 9.95 -0.66 -6.75
CA LEU B 187 9.67 0.76 -6.66
C LEU B 187 10.85 1.64 -7.08
N PHE B 188 12.09 1.27 -6.72
CA PHE B 188 13.23 2.13 -6.98
C PHE B 188 14.36 1.44 -7.74
N GLY B 189 14.09 0.30 -8.37
CA GLY B 189 15.15 -0.32 -9.15
C GLY B 189 15.55 -1.73 -8.75
N GLN B 190 15.85 -2.54 -9.77
CA GLN B 190 16.18 -3.95 -9.60
C GLN B 190 17.46 -4.14 -8.80
N PHE B 191 18.48 -3.32 -9.06
CA PHE B 191 19.80 -3.39 -8.43
C PHE B 191 19.78 -2.93 -6.95
N LEU B 192 18.63 -2.56 -6.40
CA LEU B 192 18.55 -2.16 -5.00
C LEU B 192 18.83 -3.35 -4.07
N PRO B 193 19.72 -3.19 -3.09
CA PRO B 193 20.01 -4.27 -2.15
C PRO B 193 18.81 -4.63 -1.28
N SER B 194 18.74 -5.91 -0.90
CA SER B 194 17.67 -6.43 -0.08
C SER B 194 17.63 -5.75 1.29
N ILE B 195 16.50 -5.14 1.60
CA ILE B 195 16.27 -4.45 2.87
C ILE B 195 16.24 -5.49 3.99
N ASN B 196 17.19 -5.39 4.92
CA ASN B 196 17.24 -6.32 6.05
C ASN B 196 17.58 -5.64 7.36
N TYR B 197 17.47 -4.31 7.45
CA TYR B 197 17.62 -3.62 8.72
C TYR B 197 16.50 -4.00 9.68
N PRO B 198 16.79 -4.08 10.99
CA PRO B 198 15.79 -4.56 11.95
C PRO B 198 14.61 -3.60 12.09
N SER B 199 13.46 -4.19 12.42
CA SER B 199 12.21 -3.48 12.65
C SER B 199 11.87 -3.48 14.14
N PRO B 200 11.08 -2.49 14.62
CA PRO B 200 10.73 -2.44 16.05
C PRO B 200 10.04 -3.68 16.58
N MET B 201 9.23 -4.35 15.75
CA MET B 201 8.67 -5.64 16.12
C MET B 201 9.77 -6.67 16.34
N GLU B 202 10.74 -6.72 15.42
CA GLU B 202 11.89 -7.61 15.56
C GLU B 202 12.73 -7.23 16.78
N ILE B 203 12.88 -5.93 17.02
CA ILE B 203 13.62 -5.42 18.18
C ILE B 203 12.94 -5.86 19.48
N GLU B 204 11.61 -5.73 19.53
CA GLU B 204 10.85 -6.13 20.72
C GLU B 204 10.99 -7.62 21.00
N ASP B 205 10.85 -8.45 19.96
CA ASP B 205 10.98 -9.90 20.12
C ASP B 205 12.38 -10.30 20.54
N ARG B 206 13.41 -9.67 19.96
CA ARG B 206 14.80 -9.97 20.33
C ARG B 206 15.08 -9.58 21.78
N LEU B 207 14.54 -8.45 22.23
CA LEU B 207 14.69 -8.05 23.63
C LEU B 207 14.02 -9.04 24.56
N ARG B 208 12.82 -9.50 24.20
CA ARG B 208 12.10 -10.50 24.98
C ARG B 208 12.87 -11.81 25.09
N GLU B 209 13.45 -12.27 23.96
CA GLU B 209 14.25 -13.50 23.97
C GLU B 209 15.49 -13.36 24.84
N GLU B 210 16.13 -12.20 24.80
CA GLU B 210 17.33 -11.96 25.60
C GLU B 210 17.02 -11.93 27.10
N ILE B 211 15.88 -11.34 27.49
CA ILE B 211 15.45 -11.36 28.89
C ILE B 211 15.21 -12.80 29.35
N ARG B 212 14.60 -13.63 28.49
CA ARG B 212 14.36 -15.03 28.84
C ARG B 212 15.67 -15.79 29.06
N ARG B 213 16.64 -15.60 28.16
CA ARG B 213 17.96 -16.20 28.31
C ARG B 213 18.68 -15.68 29.56
N ALA B 214 18.51 -14.38 29.85
CA ALA B 214 19.09 -13.78 31.06
C ALA B 214 18.54 -14.41 32.33
N GLN B 215 17.21 -14.65 32.39
CA GLN B 215 16.60 -15.29 33.56
C GLN B 215 17.16 -16.68 33.78
N LEU B 216 17.31 -17.47 32.70
CA LEU B 216 17.89 -18.80 32.78
C LEU B 216 19.33 -18.76 33.31
N GLY B 217 20.12 -17.78 32.85
CA GLY B 217 21.47 -17.63 33.35
C GLY B 217 21.53 -17.32 34.83
N ILE B 218 20.67 -16.42 35.30
CA ILE B 218 20.62 -16.05 36.71
C ILE B 218 20.23 -17.24 37.57
N ALA B 219 19.23 -18.01 37.11
CA ALA B 219 18.77 -19.21 37.80
C ALA B 219 19.88 -20.24 37.96
N ALA B 220 20.64 -20.48 36.90
CA ALA B 220 21.78 -21.39 36.96
C ALA B 220 22.82 -20.93 37.98
N TYR B 221 23.10 -19.62 38.00
CA TYR B 221 24.07 -19.06 38.94
C TYR B 221 23.63 -19.23 40.39
N GLU B 222 22.33 -19.06 40.67
CA GLU B 222 21.81 -19.30 42.02
C GLU B 222 22.06 -20.74 42.47
N SER B 223 21.79 -21.71 41.57
CA SER B 223 22.07 -23.11 41.85
C SER B 223 23.54 -23.34 42.21
N ARG B 224 24.44 -22.82 41.37
CA ARG B 224 25.88 -22.88 41.62
C ARG B 224 26.23 -22.25 42.97
N THR B 225 25.73 -21.03 43.20
CA THR B 225 26.00 -20.28 44.43
C THR B 225 25.55 -21.03 45.69
N PHE B 226 24.37 -21.65 45.63
CA PHE B 226 23.79 -22.48 46.70
C PHE B 226 24.74 -23.54 47.25
N SER B 227 25.08 -24.53 46.42
CA SER B 227 25.93 -25.66 46.84
C SER B 227 27.29 -25.18 47.33
N GLU B 228 27.94 -24.30 46.56
CA GLU B 228 29.26 -23.77 46.88
C GLU B 228 29.28 -23.00 48.20
N SER B 229 28.22 -22.23 48.49
CA SER B 229 28.17 -21.50 49.75
C SER B 229 28.16 -22.43 50.95
N PHE B 230 27.34 -23.48 50.90
CA PHE B 230 27.31 -24.54 51.93
C PHE B 230 28.69 -25.12 52.24
N VAL B 231 29.45 -25.54 51.21
CA VAL B 231 30.75 -26.16 51.47
C VAL B 231 31.73 -25.13 52.00
N LYS B 232 31.58 -23.85 51.63
CA LYS B 232 32.38 -22.79 52.22
C LYS B 232 32.09 -22.67 53.72
N VAL B 233 30.81 -22.70 54.09
CA VAL B 233 30.40 -22.61 55.49
C VAL B 233 30.84 -23.85 56.24
N PHE B 234 30.74 -25.02 55.59
CA PHE B 234 31.22 -26.27 56.18
C PHE B 234 32.72 -26.21 56.46
N SER B 235 33.48 -25.61 55.55
CA SER B 235 34.89 -25.35 55.80
C SER B 235 35.09 -24.38 56.95
N ALA B 236 34.27 -23.31 56.98
CA ALA B 236 34.32 -22.30 58.04
C ALA B 236 34.06 -22.89 59.42
N LEU B 237 33.27 -23.96 59.52
CA LEU B 237 33.07 -24.64 60.79
C LEU B 237 34.36 -25.27 61.29
N PHE B 238 35.16 -25.83 60.39
CA PHE B 238 36.43 -26.46 60.74
C PHE B 238 37.59 -25.48 60.77
N ASP B 239 37.35 -24.22 60.40
CA ASP B 239 38.37 -23.18 60.46
C ASP B 239 38.15 -22.32 61.70
N ASN B 240 39.18 -22.18 62.51
CA ASN B 240 39.08 -21.41 63.75
C ASN B 240 40.14 -20.31 63.81
N GLY B 249 30.22 -4.31 63.06
CA GLY B 249 29.10 -3.49 62.67
C GLY B 249 29.19 -2.95 61.25
N GLU B 250 30.44 -2.74 60.80
CA GLU B 250 30.67 -2.27 59.43
C GLU B 250 30.21 -3.30 58.40
N LEU B 251 30.46 -4.59 58.68
CA LEU B 251 30.04 -5.66 57.78
C LEU B 251 28.52 -5.75 57.73
N LEU B 252 27.85 -5.57 58.87
CA LEU B 252 26.39 -5.56 58.93
C LEU B 252 25.80 -4.41 58.12
N LYS B 253 26.40 -3.22 58.21
CA LYS B 253 25.93 -2.07 57.43
C LYS B 253 26.12 -2.30 55.93
N GLU B 254 27.25 -2.89 55.53
CA GLU B 254 27.48 -3.23 54.14
C GLU B 254 26.45 -4.24 53.64
N ILE B 255 26.15 -5.26 54.45
CA ILE B 255 25.12 -6.24 54.12
C ILE B 255 23.76 -5.58 53.99
N GLU B 256 23.43 -4.64 54.89
CA GLU B 256 22.17 -3.92 54.84
C GLU B 256 22.06 -3.08 53.58
N GLY B 257 23.15 -2.40 53.20
CA GLY B 257 23.16 -1.64 51.96
C GLY B 257 23.00 -2.52 50.74
N LEU B 258 23.67 -3.68 50.74
CA LEU B 258 23.53 -4.65 49.66
C LEU B 258 22.09 -5.17 49.56
N ALA B 259 21.46 -5.43 50.71
CA ALA B 259 20.08 -5.90 50.74
C ALA B 259 19.10 -4.85 50.22
N ILE B 260 19.32 -3.58 50.60
CA ILE B 260 18.47 -2.48 50.12
C ILE B 260 18.58 -2.33 48.61
N ALA B 261 19.81 -2.39 48.08
CA ALA B 261 20.05 -2.31 46.64
C ALA B 261 19.40 -3.49 45.92
N GLN B 262 19.54 -4.69 46.49
CA GLN B 262 19.00 -5.89 45.84
C GLN B 262 17.48 -5.89 45.85
N ASP B 263 16.87 -5.52 46.99
CA ASP B 263 15.41 -5.49 47.09
C ASP B 263 14.80 -4.46 46.16
N SER B 264 15.41 -3.27 46.06
CA SER B 264 14.89 -2.20 45.22
C SER B 264 15.25 -2.36 43.74
N SER B 265 15.73 -3.54 43.34
CA SER B 265 16.12 -3.78 41.96
C SER B 265 14.98 -4.46 41.24
N ILE B 266 14.61 -3.94 40.06
CA ILE B 266 13.50 -4.50 39.29
C ILE B 266 13.84 -5.89 38.77
N LYS B 267 15.11 -6.27 38.78
CA LYS B 267 15.54 -7.57 38.27
C LYS B 267 15.14 -8.72 39.20
N ASN B 268 14.66 -8.40 40.41
CA ASN B 268 14.31 -9.42 41.41
C ASN B 268 12.80 -9.59 41.44
N GLY B 269 12.26 -10.09 40.31
CA GLY B 269 10.83 -10.21 40.16
C GLY B 269 10.24 -11.50 40.71
N TYR B 270 11.07 -12.30 41.38
CA TYR B 270 10.62 -13.56 41.95
C TYR B 270 11.00 -13.74 43.40
N TYR B 271 11.90 -12.91 43.94
CA TYR B 271 12.19 -12.90 45.37
C TYR B 271 12.66 -11.51 45.79
N ALA B 272 12.01 -10.94 46.80
CA ALA B 272 12.30 -9.56 47.19
C ALA B 272 12.32 -9.35 48.70
N GLU B 273 12.74 -10.33 49.50
CA GLU B 273 12.67 -10.16 50.94
C GLU B 273 14.03 -10.08 51.62
N TYR B 274 15.06 -9.58 50.92
CA TYR B 274 16.42 -9.55 51.48
C TYR B 274 16.51 -8.68 52.74
N SER B 275 15.67 -7.64 52.80
CA SER B 275 15.59 -6.80 54.00
C SER B 275 15.09 -7.58 55.21
N LYS B 276 14.08 -8.45 55.01
CA LYS B 276 13.47 -9.20 56.10
C LYS B 276 14.45 -10.22 56.70
N VAL B 277 15.15 -10.97 55.85
CA VAL B 277 16.13 -11.94 56.34
C VAL B 277 17.31 -11.26 57.00
N TYR B 278 17.70 -10.06 56.53
CA TYR B 278 18.71 -9.27 57.22
C TYR B 278 18.28 -8.90 58.63
N GLU B 279 17.01 -8.53 58.79
CA GLU B 279 16.45 -8.18 60.10
C GLU B 279 16.50 -9.38 61.05
N GLU B 280 16.19 -10.57 60.55
CA GLU B 280 16.26 -11.78 61.37
C GLU B 280 17.69 -12.04 61.84
N ILE B 281 18.67 -11.88 60.95
CA ILE B 281 20.07 -12.14 61.29
C ILE B 281 20.59 -11.15 62.32
N ARG B 282 20.29 -9.85 62.15
CA ARG B 282 20.73 -8.85 63.12
C ARG B 282 20.03 -9.00 64.46
N SER B 283 18.78 -9.50 64.46
CA SER B 283 18.09 -9.82 65.70
C SER B 283 18.79 -10.93 66.47
N LEU B 284 19.28 -11.95 65.77
CA LEU B 284 20.08 -13.01 66.39
C LEU B 284 21.36 -12.48 67.00
N ILE B 285 21.99 -11.49 66.34
CA ILE B 285 23.16 -10.83 66.90
C ILE B 285 22.84 -10.14 68.22
N ASN B 286 21.70 -9.43 68.27
CA ASN B 286 21.25 -8.79 69.50
C ASN B 286 20.96 -9.80 70.60
N ARG B 287 20.43 -10.97 70.23
CA ARG B 287 20.25 -12.06 71.20
C ARG B 287 21.59 -12.55 71.73
N ASN B 288 22.57 -12.71 70.85
CA ASN B 288 23.88 -13.21 71.25
C ASN B 288 24.86 -12.06 71.48
N VAL B 293 32.37 -13.98 70.72
CA VAL B 293 32.26 -13.91 69.27
C VAL B 293 33.22 -14.89 68.62
N GLU B 294 32.68 -16.00 68.13
CA GLU B 294 33.49 -17.01 67.46
C GLU B 294 33.90 -16.54 66.07
N ASN B 295 34.99 -17.12 65.57
CA ASN B 295 35.43 -16.80 64.22
C ASN B 295 34.52 -17.43 63.17
N SER B 296 33.83 -18.52 63.52
CA SER B 296 32.85 -19.12 62.62
C SER B 296 31.68 -18.19 62.37
N VAL B 297 31.30 -17.39 63.38
CA VAL B 297 30.27 -16.36 63.20
C VAL B 297 30.74 -15.32 62.19
N SER B 298 32.01 -14.89 62.32
CA SER B 298 32.60 -13.95 61.36
C SER B 298 32.67 -14.56 59.96
N GLY B 299 33.00 -15.85 59.88
CA GLY B 299 33.00 -16.56 58.60
C GLY B 299 31.64 -16.61 57.96
N ALA B 300 30.60 -16.82 58.77
CA ALA B 300 29.22 -16.80 58.28
C ALA B 300 28.85 -15.42 57.73
N LEU B 301 29.25 -14.36 58.42
CA LEU B 301 28.98 -12.99 57.98
C LEU B 301 29.64 -12.68 56.64
N VAL B 302 30.90 -13.08 56.48
CA VAL B 302 31.66 -12.79 55.26
C VAL B 302 31.10 -13.59 54.08
N VAL B 303 30.66 -14.82 54.32
CA VAL B 303 30.10 -15.65 53.25
C VAL B 303 28.76 -15.08 52.78
N TYR B 304 27.96 -14.54 53.71
CA TYR B 304 26.72 -13.87 53.31
C TYR B 304 26.99 -12.62 52.48
N ARG B 305 27.91 -11.77 52.95
CA ARG B 305 28.30 -10.55 52.23
C ARG B 305 28.75 -10.85 50.80
N ASP B 306 29.64 -11.84 50.66
CA ASP B 306 30.15 -12.22 49.35
C ASP B 306 29.08 -12.84 48.46
N ALA B 307 28.17 -13.62 49.03
CA ALA B 307 27.06 -14.20 48.27
C ALA B 307 26.17 -13.13 47.66
N LEU B 308 25.78 -12.13 48.45
CA LEU B 308 24.95 -11.02 47.94
C LEU B 308 25.68 -10.23 46.86
N ARG B 309 26.96 -9.91 47.08
CA ARG B 309 27.72 -9.11 46.12
C ARG B 309 27.90 -9.84 44.80
N ASP B 310 28.21 -11.14 44.85
CA ASP B 310 28.40 -11.92 43.63
C ASP B 310 27.08 -12.16 42.91
N ARG B 311 25.98 -12.34 43.65
CA ARG B 311 24.66 -12.47 43.04
C ARG B 311 24.29 -11.21 42.27
N GLN B 312 24.48 -10.05 42.90
CA GLN B 312 24.21 -8.76 42.26
C GLN B 312 25.11 -8.54 41.05
N ASP B 313 26.40 -8.89 41.18
CA ASP B 313 27.36 -8.69 40.11
C ASP B 313 26.99 -9.52 38.87
N TYR B 314 26.65 -10.80 39.07
CA TYR B 314 26.21 -11.60 37.94
C TYR B 314 24.86 -11.14 37.41
N GLN B 315 23.99 -10.64 38.30
CA GLN B 315 22.72 -10.05 37.88
C GLN B 315 22.94 -8.82 37.00
N GLU B 316 23.88 -7.96 37.39
CA GLU B 316 24.25 -6.81 36.58
C GLU B 316 24.83 -7.26 35.24
N LYS B 317 25.73 -8.25 35.28
CA LYS B 317 26.42 -8.68 34.07
C LYS B 317 25.49 -9.41 33.11
N ALA B 318 24.47 -10.12 33.63
CA ALA B 318 23.48 -10.71 32.74
C ALA B 318 22.69 -9.64 32.00
N PHE B 319 22.29 -8.59 32.70
CA PHE B 319 21.60 -7.46 32.07
C PHE B 319 22.62 -6.35 31.80
N SER B 320 23.51 -6.65 30.86
CA SER B 320 24.49 -5.70 30.39
C SER B 320 24.27 -5.32 28.94
N GLU B 321 24.12 -6.31 28.07
CA GLU B 321 23.83 -6.06 26.67
C GLU B 321 22.45 -5.43 26.46
N ILE B 322 21.57 -5.50 27.45
CA ILE B 322 20.28 -4.83 27.40
C ILE B 322 20.35 -3.45 28.06
N ASP B 323 21.01 -3.35 29.22
CA ASP B 323 21.02 -2.10 29.98
C ASP B 323 21.84 -1.02 29.29
N ASN B 324 22.96 -1.39 28.65
CA ASN B 324 23.71 -0.43 27.85
C ASN B 324 22.88 0.11 26.70
N TYR B 325 22.14 -0.78 26.03
CA TYR B 325 21.28 -0.38 24.90
C TYR B 325 20.18 0.58 25.36
N MET B 326 19.49 0.22 26.44
CA MET B 326 18.39 1.07 26.93
C MET B 326 18.90 2.36 27.55
N SER B 327 20.14 2.39 28.06
CA SER B 327 20.69 3.64 28.55
C SER B 327 21.02 4.58 27.40
N SER B 328 21.51 4.03 26.28
CA SER B 328 21.73 4.84 25.08
C SER B 328 20.42 5.41 24.54
N VAL B 329 19.36 4.58 24.49
CA VAL B 329 18.06 5.03 23.99
C VAL B 329 17.48 6.12 24.88
N ASN B 330 17.43 5.87 26.20
CA ASN B 330 16.84 6.81 27.14
C ASN B 330 17.62 8.11 27.28
N SER B 331 18.87 8.17 26.80
CA SER B 331 19.60 9.43 26.77
C SER B 331 19.06 10.39 25.73
N PHE B 332 18.33 9.88 24.74
CA PHE B 332 17.72 10.69 23.69
C PHE B 332 16.28 11.07 24.03
N LEU B 333 15.47 10.08 24.38
CA LEU B 333 14.05 10.31 24.68
C LEU B 333 13.92 11.18 25.93
N GLU B 334 12.89 12.04 25.93
CA GLU B 334 12.77 13.10 26.92
C GLU B 334 11.57 12.93 27.84
N ASP B 335 10.38 12.74 27.27
CA ASP B 335 9.16 12.59 28.06
C ASP B 335 8.74 11.14 28.23
N LYS B 336 9.52 10.21 27.69
CA LYS B 336 9.26 8.78 27.79
C LYS B 336 10.50 8.11 28.39
N GLU B 337 10.43 6.78 28.50
CA GLU B 337 11.55 5.98 29.00
C GLU B 337 11.30 4.53 28.64
N MET B 338 12.24 3.92 27.91
CA MET B 338 12.14 2.52 27.54
C MET B 338 12.63 1.66 28.69
N ALA B 339 11.74 0.84 29.24
CA ALA B 339 12.08 -0.02 30.37
C ALA B 339 11.45 -1.40 30.17
N TYR B 340 11.67 -2.28 31.14
CA TYR B 340 11.15 -3.63 31.09
C TYR B 340 10.44 -3.94 32.40
N ASP B 341 9.63 -5.01 32.38
CA ASP B 341 8.94 -5.47 33.56
C ASP B 341 8.64 -6.96 33.40
N PHE B 342 8.41 -7.64 34.51
CA PHE B 342 8.09 -9.06 34.50
C PHE B 342 6.67 -9.30 35.00
N TYR B 348 5.34 -13.52 32.91
CA TYR B 348 5.75 -13.28 31.54
C TYR B 348 6.29 -11.86 31.42
N PRO B 349 7.46 -11.70 30.80
CA PRO B 349 8.09 -10.38 30.75
C PRO B 349 7.36 -9.41 29.83
N LYS B 350 7.48 -8.13 30.16
CA LYS B 350 6.85 -7.05 29.42
C LYS B 350 7.89 -6.02 29.03
N VAL B 351 7.91 -5.62 27.75
CA VAL B 351 8.91 -4.70 27.23
C VAL B 351 8.14 -3.56 26.56
N GLY B 352 8.07 -2.41 27.24
CA GLY B 352 7.35 -1.27 26.71
C GLY B 352 7.84 0.01 27.33
N LEU B 353 7.34 1.12 26.80
CA LEU B 353 7.71 2.43 27.33
C LEU B 353 7.02 2.70 28.66
N LYS B 354 7.73 3.40 29.54
CA LYS B 354 7.23 3.76 30.87
C LYS B 354 7.17 5.27 30.95
N PHE B 355 5.96 5.82 30.80
CA PHE B 355 5.73 7.25 30.92
C PHE B 355 5.71 7.65 32.40
N PRO B 356 5.99 8.94 32.71
CA PRO B 356 6.18 9.33 34.12
C PRO B 356 4.99 9.08 35.04
N ASP B 357 3.76 9.10 34.50
CA ASP B 357 2.58 8.76 35.31
C ASP B 357 2.59 7.31 35.79
N GLY B 358 3.35 6.44 35.13
CA GLY B 358 3.37 5.01 35.41
C GLY B 358 2.64 4.15 34.41
N SER B 359 1.83 4.73 33.52
CA SER B 359 1.17 3.93 32.50
C SER B 359 2.15 3.46 31.45
N TRP B 360 1.88 2.29 30.88
CA TRP B 360 2.73 1.72 29.85
C TRP B 360 2.09 1.92 28.48
N SER B 361 2.82 1.50 27.44
CA SER B 361 2.40 1.50 26.04
C SER B 361 3.37 0.64 25.25
N PRO B 362 2.93 -0.03 24.18
CA PRO B 362 3.85 -0.82 23.36
C PRO B 362 4.79 0.07 22.57
N ILE B 363 5.81 -0.57 21.99
CA ILE B 363 6.82 0.16 21.24
C ILE B 363 6.26 0.71 19.92
N ARG B 364 5.16 0.16 19.43
CA ARG B 364 4.56 0.59 18.16
C ARG B 364 3.90 1.97 18.23
N VAL B 365 3.76 2.57 19.42
CA VAL B 365 3.08 3.85 19.54
C VAL B 365 4.03 5.02 19.32
N LEU B 366 5.28 4.71 18.95
CA LEU B 366 6.29 5.73 18.80
C LEU B 366 6.12 6.46 17.47
N SER B 367 6.71 7.65 17.39
CA SER B 367 6.62 8.50 16.22
C SER B 367 7.44 7.94 15.05
N SER B 368 7.48 8.69 13.96
CA SER B 368 8.31 8.31 12.83
C SER B 368 9.78 8.66 13.04
N GLY B 369 10.08 9.58 13.96
CA GLY B 369 11.45 9.95 14.22
C GLY B 369 12.10 9.25 15.38
N GLU B 370 11.35 8.43 16.11
CA GLU B 370 11.90 7.69 17.25
C GLU B 370 12.12 6.22 16.93
N ARG B 371 11.29 5.63 16.07
CA ARG B 371 11.52 4.26 15.61
C ARG B 371 12.82 4.16 14.82
N GLN B 372 13.12 5.17 14.01
CA GLN B 372 14.40 5.27 13.31
C GLN B 372 15.59 5.24 14.27
N LEU B 373 15.54 6.05 15.32
CA LEU B 373 16.63 6.12 16.30
C LEU B 373 16.84 4.79 17.01
N LEU B 374 15.76 4.09 17.38
CA LEU B 374 15.85 2.76 17.98
C LEU B 374 16.60 1.77 17.09
N THR B 375 16.20 1.68 15.81
CA THR B 375 16.79 0.72 14.90
C THR B 375 18.26 0.99 14.63
N MET B 376 18.64 2.26 14.42
CA MET B 376 20.04 2.58 14.16
C MET B 376 20.92 2.29 15.38
N LEU B 377 20.43 2.62 16.57
CA LEU B 377 21.17 2.34 17.79
C LEU B 377 21.27 0.85 18.07
N TYR B 378 20.18 0.10 17.81
CA TYR B 378 20.20 -1.34 18.01
C TYR B 378 21.18 -2.02 17.05
N ALA B 379 21.22 -1.56 15.80
CA ALA B 379 22.09 -2.16 14.78
C ALA B 379 23.57 -1.98 15.09
N ALA B 380 23.93 -1.02 15.95
CA ALA B 380 25.30 -0.85 16.39
C ALA B 380 25.52 -1.39 17.80
N SER B 381 24.60 -2.19 18.30
CA SER B 381 24.72 -2.76 19.64
C SER B 381 25.36 -4.14 19.56
N LYS B 382 25.98 -4.55 20.67
CA LYS B 382 26.58 -5.87 20.78
C LYS B 382 25.53 -6.99 20.68
N MET B 383 24.30 -6.72 21.10
CA MET B 383 23.25 -7.72 20.95
C MET B 383 22.72 -7.77 19.52
N GLY B 384 22.86 -6.70 18.75
CA GLY B 384 22.54 -6.73 17.34
C GLY B 384 23.47 -7.65 16.59
N ASP B 385 22.99 -8.13 15.43
CA ASP B 385 23.77 -9.07 14.64
C ASP B 385 24.94 -8.34 14.00
N ASP B 386 26.13 -8.96 14.08
CA ASP B 386 27.34 -8.36 13.53
C ASP B 386 27.22 -8.19 12.03
N ALA B 387 27.55 -6.98 11.56
CA ALA B 387 27.43 -6.62 10.15
C ALA B 387 28.14 -5.30 9.92
N ILE B 388 28.35 -4.99 8.64
CA ILE B 388 28.90 -3.70 8.23
C ILE B 388 27.69 -2.84 7.89
N VAL B 389 27.23 -2.09 8.90
CA VAL B 389 26.02 -1.29 8.75
C VAL B 389 26.24 -0.16 7.76
N LEU B 390 25.35 -0.06 6.78
CA LEU B 390 25.40 0.99 5.75
C LEU B 390 24.12 1.79 5.88
N ILE B 391 24.24 3.01 6.39
CA ILE B 391 23.10 3.89 6.65
C ILE B 391 23.04 4.93 5.55
N ASP B 392 21.89 5.06 4.91
CA ASP B 392 21.67 6.06 3.88
C ASP B 392 20.83 7.17 4.49
N GLN B 393 21.42 8.36 4.61
CA GLN B 393 20.84 9.58 5.16
C GLN B 393 20.30 9.36 6.57
N PRO B 394 21.16 9.29 7.59
CA PRO B 394 20.67 9.15 8.97
C PRO B 394 19.83 10.31 9.45
N GLU B 395 19.99 11.51 8.88
CA GLU B 395 19.36 12.72 9.40
C GLU B 395 17.87 12.83 9.06
N ILE B 396 17.23 11.76 8.60
CA ILE B 396 15.82 11.81 8.26
C ILE B 396 14.99 11.83 9.53
N SER B 397 14.13 12.83 9.66
CA SER B 397 13.15 12.97 10.74
C SER B 397 13.79 13.00 12.13
N LEU B 398 14.93 13.67 12.24
CA LEU B 398 15.65 13.76 13.51
C LEU B 398 15.91 15.22 13.83
N HIS B 399 15.46 15.65 15.01
CA HIS B 399 15.82 16.96 15.54
C HIS B 399 17.33 17.09 15.68
N ILE B 400 17.85 18.28 15.37
CA ILE B 400 19.28 18.54 15.19
C ILE B 400 20.11 18.17 16.41
N ASP B 401 19.53 18.22 17.62
CA ASP B 401 20.24 17.80 18.83
C ASP B 401 20.58 16.32 18.76
N TRP B 402 19.61 15.49 18.36
CA TRP B 402 19.85 14.07 18.16
C TRP B 402 20.84 13.81 17.04
N GLN B 403 20.82 14.66 16.00
CA GLN B 403 21.80 14.56 14.91
C GLN B 403 23.23 14.76 15.40
N GLU B 404 23.44 15.69 16.33
CA GLU B 404 24.77 15.89 16.91
C GLU B 404 25.20 14.69 17.74
N ASP B 405 24.30 14.12 18.53
CA ASP B 405 24.65 13.11 19.51
C ASP B 405 24.48 11.68 19.01
N LEU B 406 24.17 11.50 17.72
CA LEU B 406 23.89 10.16 17.20
C LEU B 406 25.17 9.34 17.08
N LEU B 407 26.13 9.83 16.27
CA LEU B 407 27.38 9.11 16.02
C LEU B 407 28.19 8.87 17.29
N LYS B 408 28.13 9.81 18.23
CA LYS B 408 28.82 9.67 19.51
C LYS B 408 28.36 8.44 20.28
N ARG B 409 27.04 8.28 20.42
CA ARG B 409 26.48 7.11 21.09
C ARG B 409 26.76 5.82 20.33
N MET B 410 26.61 5.85 19.00
CA MET B 410 26.80 4.65 18.18
C MET B 410 28.25 4.14 18.23
N LEU B 411 29.21 5.03 18.48
CA LEU B 411 30.60 4.62 18.67
C LEU B 411 30.89 4.22 20.11
N SER B 412 30.32 4.95 21.08
CA SER B 412 30.58 4.68 22.50
C SER B 412 30.02 3.34 22.97
N GLN B 413 29.08 2.73 22.24
CA GLN B 413 28.65 1.37 22.54
C GLN B 413 29.75 0.35 22.29
N LEU B 414 30.73 0.68 21.45
CA LEU B 414 31.93 -0.13 21.16
C LEU B 414 31.58 -1.55 20.69
N SER B 415 30.91 -1.61 19.54
CA SER B 415 30.54 -2.91 18.98
C SER B 415 31.64 -3.52 18.15
N GLY B 416 32.68 -2.76 17.83
CA GLY B 416 33.75 -3.20 16.94
C GLY B 416 33.25 -3.54 15.55
N ARG B 417 32.43 -2.66 14.98
CA ARG B 417 31.82 -2.89 13.67
C ARG B 417 32.00 -1.66 12.80
N GLN B 418 32.21 -1.89 11.51
CA GLN B 418 32.41 -0.80 10.56
C GLN B 418 31.10 -0.12 10.24
N ILE B 419 31.08 1.21 10.31
CA ILE B 419 29.89 2.01 10.08
C ILE B 419 30.18 2.96 8.92
N ILE B 420 29.30 2.95 7.92
CA ILE B 420 29.44 3.81 6.74
C ILE B 420 28.11 4.53 6.53
N VAL B 421 28.08 5.83 6.80
CA VAL B 421 26.88 6.64 6.66
C VAL B 421 27.13 7.66 5.56
N CYS B 422 26.08 7.99 4.81
CA CYS B 422 26.15 8.98 3.74
C CYS B 422 25.09 10.03 3.99
N THR B 423 25.51 11.21 4.44
CA THR B 423 24.58 12.25 4.86
C THR B 423 24.92 13.58 4.20
N HIS B 424 23.86 14.34 3.91
CA HIS B 424 24.00 15.70 3.41
C HIS B 424 24.07 16.72 4.53
N SER B 425 23.72 16.32 5.75
CA SER B 425 23.65 17.24 6.88
C SER B 425 25.01 17.38 7.54
N PRO B 426 25.57 18.60 7.65
CA PRO B 426 26.78 18.79 8.45
C PRO B 426 26.60 18.46 9.92
N SER B 427 25.38 18.66 10.45
CA SER B 427 25.08 18.46 11.86
C SER B 427 25.25 17.00 12.29
N ILE B 428 25.08 16.05 11.38
CA ILE B 428 25.32 14.64 11.70
C ILE B 428 26.79 14.40 12.03
N ALA B 429 27.70 14.96 11.24
CA ALA B 429 29.11 14.61 11.36
C ALA B 429 30.00 15.73 11.86
N THR B 430 29.42 16.72 12.56
CA THR B 430 30.19 17.86 13.04
C THR B 430 31.22 17.39 14.06
N GLY B 431 32.42 17.98 14.00
CA GLY B 431 33.50 17.58 14.88
C GLY B 431 34.40 16.52 14.28
N TYR B 432 33.81 15.56 13.56
CA TYR B 432 34.54 14.41 13.02
C TYR B 432 35.11 14.70 11.65
N GLU B 433 35.87 15.79 11.54
CA GLU B 433 36.50 16.18 10.29
C GLU B 433 37.52 15.14 9.81
N ASP B 434 38.17 14.45 10.75
CA ASP B 434 39.18 13.45 10.42
C ASP B 434 38.57 12.27 9.66
N PHE B 435 37.42 11.78 10.12
CA PHE B 435 36.79 10.61 9.53
C PHE B 435 36.18 10.89 8.15
N MET B 436 36.03 12.16 7.76
CA MET B 436 35.41 12.52 6.48
C MET B 436 36.20 11.91 5.32
N ILE B 437 35.48 11.34 4.36
CA ILE B 437 36.07 10.75 3.15
C ILE B 437 35.36 11.34 1.93
N ASN B 438 35.91 12.42 1.38
CA ASN B 438 35.38 13.01 0.16
C ASN B 438 35.70 12.13 -1.05
N ILE B 439 34.68 11.86 -1.86
CA ILE B 439 34.86 11.02 -3.02
C ILE B 439 35.21 11.83 -4.27
N SER B 440 34.50 12.95 -4.48
CA SER B 440 34.76 13.93 -5.54
C SER B 440 34.75 13.34 -6.96
N ILE C 3 -4.15 6.16 -49.16
CA ILE C 3 -3.91 5.26 -48.04
C ILE C 3 -3.86 3.82 -48.51
N ARG C 4 -4.00 2.88 -47.58
CA ARG C 4 -3.92 1.46 -47.88
C ARG C 4 -5.32 0.86 -47.90
N THR C 5 -5.69 0.28 -49.03
CA THR C 5 -6.99 -0.36 -49.19
C THR C 5 -6.77 -1.79 -49.66
N ILE C 6 -7.71 -2.67 -49.32
CA ILE C 6 -7.62 -4.06 -49.74
C ILE C 6 -7.90 -4.16 -51.24
N SER C 7 -7.24 -5.12 -51.88
CA SER C 7 -7.35 -5.32 -53.32
C SER C 7 -7.85 -6.72 -53.66
N LYS C 8 -7.43 -7.72 -52.89
CA LYS C 8 -7.70 -9.11 -53.18
C LYS C 8 -7.50 -9.90 -51.90
N ILE C 9 -8.43 -10.79 -51.57
CA ILE C 9 -8.31 -11.69 -50.44
C ILE C 9 -8.39 -13.12 -50.95
N GLU C 10 -7.42 -13.94 -50.59
CA GLU C 10 -7.39 -15.34 -51.03
C GLU C 10 -7.29 -16.20 -49.76
N LEU C 11 -8.44 -16.55 -49.20
CA LEU C 11 -8.46 -17.50 -48.10
C LEU C 11 -8.16 -18.91 -48.62
N SER C 12 -7.85 -19.83 -47.71
CA SER C 12 -7.58 -21.21 -48.09
C SER C 12 -7.88 -22.12 -46.90
N LYS C 13 -8.95 -22.91 -47.04
CA LYS C 13 -9.37 -23.94 -46.08
C LYS C 13 -9.67 -23.35 -44.70
N ILE C 14 -10.41 -22.23 -44.70
CA ILE C 14 -10.97 -21.70 -43.45
C ILE C 14 -11.91 -22.75 -42.86
N HIS C 15 -11.75 -23.00 -41.55
CA HIS C 15 -12.38 -24.09 -40.78
C HIS C 15 -12.13 -25.48 -41.36
N ASN C 16 -11.12 -25.62 -42.23
CA ASN C 16 -10.69 -26.88 -42.84
C ASN C 16 -11.78 -27.54 -43.69
N ARG C 17 -12.70 -26.74 -44.24
CA ARG C 17 -13.78 -27.31 -45.04
C ARG C 17 -14.08 -26.59 -46.34
N TYR C 18 -13.82 -25.29 -46.45
CA TYR C 18 -14.19 -24.57 -47.66
C TYR C 18 -13.19 -23.46 -47.94
N ASN C 19 -13.07 -23.10 -49.22
CA ASN C 19 -12.20 -22.01 -49.63
C ASN C 19 -13.06 -20.88 -50.20
N LEU C 20 -12.40 -19.79 -50.59
CA LEU C 20 -13.01 -18.57 -51.09
C LEU C 20 -11.90 -17.67 -51.62
N THR C 21 -12.24 -16.83 -52.59
CA THR C 21 -11.30 -15.88 -53.18
C THR C 21 -12.10 -14.70 -53.69
N VAL C 22 -11.85 -13.53 -53.09
CA VAL C 22 -12.60 -12.31 -53.31
C VAL C 22 -11.64 -11.20 -53.73
N ASP C 23 -12.05 -10.41 -54.72
CA ASP C 23 -11.32 -9.23 -55.15
C ASP C 23 -12.14 -7.99 -54.79
N PHE C 24 -11.50 -7.04 -54.13
CA PHE C 24 -12.19 -5.90 -53.54
C PHE C 24 -11.99 -4.64 -54.39
N PHE C 25 -12.76 -3.61 -54.06
CA PHE C 25 -12.57 -2.27 -54.60
C PHE C 25 -12.03 -1.35 -53.51
N ASN C 26 -11.29 -0.32 -53.94
CA ASN C 26 -10.57 0.52 -53.00
C ASN C 26 -11.50 1.44 -52.22
N ASP C 27 -12.65 1.78 -52.78
CA ASP C 27 -13.56 2.77 -52.19
C ASP C 27 -14.64 2.14 -51.32
N LEU C 28 -15.48 1.29 -51.92
CA LEU C 28 -16.65 0.74 -51.25
C LEU C 28 -16.84 -0.70 -51.69
N ASN C 29 -17.23 -1.56 -50.75
CA ASN C 29 -17.42 -2.98 -51.02
C ASN C 29 -18.71 -3.44 -50.34
N VAL C 30 -19.75 -3.65 -51.13
CA VAL C 30 -21.02 -4.18 -50.64
C VAL C 30 -20.99 -5.69 -50.82
N ILE C 31 -21.13 -6.42 -49.72
CA ILE C 31 -21.01 -7.87 -49.70
C ILE C 31 -22.37 -8.46 -49.37
N HIS C 32 -22.89 -9.29 -50.26
CA HIS C 32 -24.17 -9.95 -50.07
C HIS C 32 -24.04 -11.45 -50.32
N GLY C 33 -24.75 -12.23 -49.51
CA GLY C 33 -24.75 -13.68 -49.64
C GLY C 33 -25.85 -14.32 -48.81
N LYS C 34 -25.52 -15.42 -48.15
CA LYS C 34 -26.46 -16.11 -47.27
C LYS C 34 -25.76 -16.43 -45.95
N ASN C 35 -26.56 -16.78 -44.95
CA ASN C 35 -26.02 -17.15 -43.64
C ASN C 35 -25.28 -18.48 -43.72
N GLY C 36 -24.16 -18.56 -43.00
CA GLY C 36 -23.33 -19.76 -43.02
C GLY C 36 -22.32 -19.81 -44.14
N ALA C 37 -22.24 -18.78 -44.99
CA ALA C 37 -21.28 -18.72 -46.07
C ALA C 37 -19.94 -18.14 -45.64
N GLY C 38 -19.80 -17.75 -44.38
CA GLY C 38 -18.56 -17.16 -43.89
C GLY C 38 -18.32 -15.77 -44.42
N LYS C 39 -19.15 -14.81 -44.00
CA LYS C 39 -18.91 -13.40 -44.24
C LYS C 39 -18.37 -12.67 -43.01
N SER C 40 -18.99 -12.90 -41.85
CA SER C 40 -18.48 -12.37 -40.59
C SER C 40 -17.08 -12.87 -40.27
N THR C 41 -16.78 -14.11 -40.65
CA THR C 41 -15.43 -14.66 -40.49
C THR C 41 -14.43 -13.89 -41.34
N LEU C 42 -14.81 -13.54 -42.57
CA LEU C 42 -13.96 -12.76 -43.46
C LEU C 42 -13.65 -11.37 -42.90
N ILE C 43 -14.67 -10.71 -42.33
CA ILE C 43 -14.49 -9.38 -41.77
C ILE C 43 -13.57 -9.43 -40.54
N HIS C 44 -13.70 -10.48 -39.72
CA HIS C 44 -12.83 -10.68 -38.56
C HIS C 44 -11.38 -10.88 -38.97
N VAL C 45 -11.16 -11.66 -40.04
CA VAL C 45 -9.82 -11.89 -40.58
C VAL C 45 -9.18 -10.58 -41.03
N ILE C 46 -9.94 -9.77 -41.78
CA ILE C 46 -9.47 -8.47 -42.26
C ILE C 46 -9.13 -7.54 -41.11
N ALA C 47 -9.99 -7.50 -40.08
CA ALA C 47 -9.77 -6.61 -38.94
C ALA C 47 -8.52 -6.99 -38.14
N ASN C 48 -8.31 -8.29 -37.91
CA ASN C 48 -7.16 -8.73 -37.13
C ASN C 48 -5.84 -8.58 -37.88
N ILE C 49 -5.86 -8.53 -39.22
CA ILE C 49 -4.64 -8.33 -39.97
C ILE C 49 -4.25 -6.85 -40.03
N VAL C 50 -5.22 -5.98 -40.37
CA VAL C 50 -4.95 -4.55 -40.54
C VAL C 50 -4.54 -3.91 -39.21
N ASN C 51 -5.22 -4.27 -38.12
CA ASN C 51 -4.81 -3.84 -36.78
C ASN C 51 -3.43 -4.36 -36.37
N GLY C 52 -2.92 -5.40 -37.02
CA GLY C 52 -1.68 -6.01 -36.60
C GLY C 52 -1.77 -6.79 -35.30
N ASP C 53 -2.99 -7.16 -34.90
CA ASP C 53 -3.21 -7.95 -33.69
C ASP C 53 -3.14 -9.43 -34.07
N PHE C 54 -1.93 -9.88 -34.38
CA PHE C 54 -1.73 -11.25 -34.86
C PHE C 54 -1.95 -12.32 -33.80
N ILE C 55 -2.02 -11.96 -32.51
CA ILE C 55 -2.16 -12.95 -31.45
C ILE C 55 -3.52 -13.63 -31.43
N ARG C 56 -4.50 -13.12 -32.20
CA ARG C 56 -5.81 -13.75 -32.24
C ARG C 56 -5.84 -14.94 -33.18
N PHE C 57 -4.89 -15.05 -34.10
CA PHE C 57 -4.87 -16.10 -35.12
C PHE C 57 -4.41 -17.45 -34.60
N ALA C 58 -4.08 -17.57 -33.31
CA ALA C 58 -3.92 -18.86 -32.65
C ALA C 58 -5.22 -19.39 -32.07
N PHE C 59 -6.37 -18.93 -32.59
CA PHE C 59 -7.67 -19.45 -32.18
C PHE C 59 -8.55 -19.83 -33.37
N LEU C 60 -7.99 -19.91 -34.57
CA LEU C 60 -8.75 -20.24 -35.76
C LEU C 60 -8.02 -21.32 -36.55
N ILE C 61 -8.77 -22.31 -37.02
CA ILE C 61 -8.22 -23.48 -37.68
C ILE C 61 -8.28 -23.26 -39.19
N PHE C 62 -7.12 -23.21 -39.83
CA PHE C 62 -7.03 -22.93 -41.25
C PHE C 62 -5.70 -23.49 -41.78
N GLU C 63 -5.37 -23.14 -43.02
CA GLU C 63 -4.08 -23.48 -43.60
C GLU C 63 -3.28 -22.26 -44.02
N GLU C 64 -3.87 -21.37 -44.82
CA GLU C 64 -3.14 -20.25 -45.40
C GLU C 64 -4.10 -19.11 -45.69
N ILE C 65 -3.69 -17.88 -45.38
CA ILE C 65 -4.51 -16.69 -45.59
C ILE C 65 -3.64 -15.61 -46.21
N LYS C 66 -3.75 -15.42 -47.52
CA LYS C 66 -3.11 -14.29 -48.15
C LYS C 66 -3.90 -13.00 -47.93
N ALA C 67 -3.16 -11.89 -47.86
CA ALA C 67 -3.72 -10.58 -47.55
C ALA C 67 -3.02 -9.55 -48.42
N THR C 68 -3.74 -8.94 -49.36
CA THR C 68 -3.14 -8.07 -50.37
C THR C 68 -3.71 -6.68 -50.24
N TYR C 69 -2.82 -5.68 -50.13
CA TYR C 69 -3.22 -4.29 -50.05
C TYR C 69 -3.27 -3.68 -51.45
N SER C 70 -3.41 -2.36 -51.52
CA SER C 70 -3.34 -1.64 -52.78
C SER C 70 -1.93 -1.17 -53.13
N ASP C 71 -1.12 -0.85 -52.13
CA ASP C 71 0.25 -0.38 -52.37
C ASP C 71 1.23 -1.51 -52.65
N GLY C 72 0.79 -2.75 -52.84
CA GLY C 72 1.66 -3.83 -53.23
C GLY C 72 2.02 -4.82 -52.15
N LEU C 73 1.73 -4.52 -50.88
CA LEU C 73 2.09 -5.43 -49.79
C LEU C 73 1.33 -6.75 -49.93
N LYS C 74 1.97 -7.83 -49.48
CA LYS C 74 1.46 -9.19 -49.67
C LYS C 74 1.65 -10.04 -48.42
N ILE C 75 1.10 -9.59 -47.29
CA ILE C 75 1.12 -10.33 -46.02
C ILE C 75 0.55 -11.73 -46.19
N VAL C 76 1.39 -12.74 -46.04
CA VAL C 76 0.96 -14.14 -46.12
C VAL C 76 1.14 -14.78 -44.74
N ILE C 77 0.04 -15.02 -44.07
CA ILE C 77 0.05 -15.77 -42.82
C ILE C 77 -0.18 -17.23 -43.18
N ARG C 78 0.39 -18.16 -42.41
CA ARG C 78 0.23 -19.59 -42.67
C ARG C 78 0.34 -20.38 -41.38
N ARG C 79 -0.62 -21.26 -41.15
CA ARG C 79 -0.70 -22.12 -39.97
C ARG C 79 -0.51 -23.58 -40.38
N ASP C 80 0.59 -24.19 -39.92
CA ASP C 80 0.90 -25.58 -40.23
C ASP C 80 1.09 -26.35 -38.93
N LYS C 81 0.80 -27.65 -39.00
CA LYS C 81 0.88 -28.54 -37.85
C LYS C 81 2.01 -29.55 -38.09
N ILE C 82 3.18 -29.02 -38.47
CA ILE C 82 4.37 -29.85 -38.70
C ILE C 82 4.82 -30.48 -37.39
N ASP C 83 5.07 -31.80 -37.44
CA ASP C 83 5.48 -32.65 -36.31
C ASP C 83 4.49 -32.60 -35.14
N GLU C 84 3.19 -32.54 -35.48
CA GLU C 84 2.02 -32.42 -34.60
C GLU C 84 2.06 -31.18 -33.70
N GLN C 85 2.83 -30.15 -34.06
CA GLN C 85 2.88 -28.90 -33.33
C GLN C 85 2.41 -27.78 -34.26
N SER C 86 1.44 -27.00 -33.81
CA SER C 86 0.93 -25.93 -34.63
C SER C 86 1.78 -24.68 -34.43
N PHE C 87 1.95 -23.92 -35.51
CA PHE C 87 2.71 -22.69 -35.47
C PHE C 87 2.11 -21.72 -36.47
N ILE C 88 2.30 -20.42 -36.23
CA ILE C 88 1.77 -19.38 -37.10
C ILE C 88 2.97 -18.65 -37.69
N SER C 89 3.03 -18.57 -39.02
CA SER C 89 4.16 -17.95 -39.71
C SER C 89 3.67 -16.82 -40.60
N VAL C 90 3.51 -15.64 -40.00
CA VAL C 90 3.12 -14.46 -40.76
C VAL C 90 4.34 -13.99 -41.57
N THR C 91 4.14 -13.80 -42.87
CA THR C 91 5.23 -13.40 -43.77
C THR C 91 4.75 -12.22 -44.61
N LEU C 92 5.54 -11.15 -44.61
CA LEU C 92 5.20 -9.94 -45.34
C LEU C 92 5.89 -9.95 -46.70
N SER C 93 5.83 -8.82 -47.40
CA SER C 93 6.43 -8.71 -48.72
C SER C 93 7.97 -8.78 -48.64
N ASN C 94 8.57 -8.00 -47.73
CA ASN C 94 10.02 -7.97 -47.63
C ASN C 94 10.60 -9.28 -47.14
N GLY C 95 9.84 -10.07 -46.40
CA GLY C 95 10.26 -11.39 -45.98
C GLY C 95 10.48 -11.61 -44.50
N LYS C 96 10.12 -10.65 -43.63
CA LYS C 96 10.38 -10.82 -42.20
C LYS C 96 9.34 -11.76 -41.60
N TYR C 97 9.62 -13.06 -41.71
CA TYR C 97 8.81 -14.06 -41.04
C TYR C 97 9.06 -14.04 -39.53
N ILE C 98 8.00 -14.23 -38.75
CA ILE C 98 8.08 -14.23 -37.29
C ILE C 98 7.41 -15.52 -36.83
N LYS C 99 8.19 -16.57 -36.66
CA LYS C 99 7.65 -17.90 -36.37
C LYS C 99 7.58 -18.09 -34.85
N PHE C 100 6.39 -18.35 -34.34
CA PHE C 100 6.17 -18.60 -32.93
C PHE C 100 5.25 -19.80 -32.76
N ALA C 101 5.29 -20.36 -31.55
CA ALA C 101 4.48 -21.52 -31.21
C ALA C 101 3.13 -21.08 -30.70
N VAL C 102 2.08 -21.84 -31.07
CA VAL C 102 0.70 -21.45 -30.77
C VAL C 102 0.45 -21.40 -29.27
N GLY C 103 0.95 -22.42 -28.56
CA GLY C 103 0.74 -22.53 -27.11
C GLY C 103 1.29 -21.35 -26.31
N GLU C 104 2.31 -20.67 -26.83
CA GLU C 104 2.79 -19.42 -26.25
C GLU C 104 1.72 -18.35 -26.25
N ALA C 105 0.98 -18.23 -27.37
CA ALA C 105 -0.02 -17.17 -27.49
C ALA C 105 -1.20 -17.40 -26.55
N MET C 106 -1.71 -18.64 -26.52
CA MET C 106 -2.88 -18.98 -25.70
C MET C 106 -2.58 -18.81 -24.21
N ALA C 107 -1.36 -19.20 -23.79
CA ALA C 107 -0.94 -18.99 -22.41
C ALA C 107 -0.83 -17.51 -22.07
N THR C 108 -0.33 -16.69 -23.01
CA THR C 108 -0.10 -15.28 -22.76
C THR C 108 -1.40 -14.53 -22.50
N VAL C 109 -2.49 -14.95 -23.15
CA VAL C 109 -3.77 -14.25 -23.08
C VAL C 109 -4.33 -14.31 -21.66
N ARG C 110 -4.40 -15.52 -21.10
CA ARG C 110 -4.99 -15.74 -19.79
C ARG C 110 -4.14 -15.15 -18.66
N MET C 126 6.54 -10.27 -23.15
CA MET C 126 7.63 -10.58 -24.06
C MET C 126 7.12 -10.84 -25.48
N LEU C 127 6.06 -11.64 -25.57
CA LEU C 127 5.41 -11.91 -26.85
C LEU C 127 4.83 -10.63 -27.45
N ALA C 128 4.10 -9.85 -26.63
CA ALA C 128 3.54 -8.57 -27.08
C ALA C 128 4.64 -7.58 -27.47
N MET C 129 5.76 -7.59 -26.75
CA MET C 129 6.89 -6.74 -27.10
C MET C 129 7.48 -7.12 -28.45
N ASP C 130 7.54 -8.43 -28.75
CA ASP C 130 7.99 -8.89 -30.06
C ASP C 130 7.07 -8.40 -31.17
N ILE C 131 5.76 -8.49 -30.96
CA ILE C 131 4.77 -8.00 -31.93
C ILE C 131 4.91 -6.49 -32.13
N ASP C 132 5.07 -5.74 -31.03
CA ASP C 132 5.19 -4.29 -31.10
C ASP C 132 6.45 -3.86 -31.84
N LYS C 133 7.58 -4.49 -31.54
CA LYS C 133 8.83 -4.23 -32.26
C LYS C 133 8.69 -4.51 -33.75
N PHE C 134 8.03 -5.62 -34.09
CA PHE C 134 7.80 -6.01 -35.49
C PHE C 134 6.97 -4.97 -36.23
N VAL C 135 5.82 -4.58 -35.67
CA VAL C 135 4.90 -3.68 -36.36
C VAL C 135 5.50 -2.28 -36.52
N LYS C 136 6.16 -1.76 -35.47
CA LYS C 136 6.77 -0.43 -35.53
C LYS C 136 7.89 -0.35 -36.57
N GLU C 137 8.75 -1.38 -36.65
CA GLU C 137 9.88 -1.33 -37.59
C GLU C 137 9.38 -1.32 -39.03
N ASN C 138 8.27 -2.01 -39.31
CA ASN C 138 7.74 -2.18 -40.65
C ASN C 138 6.68 -1.11 -40.88
N GLU C 139 5.85 -1.27 -41.91
CA GLU C 139 4.85 -0.26 -42.21
C GLU C 139 3.44 -0.83 -42.04
N LEU C 140 3.18 -1.49 -40.92
CA LEU C 140 1.96 -2.23 -40.68
C LEU C 140 0.94 -1.45 -39.88
N GLN C 141 1.38 -0.56 -38.99
CA GLN C 141 0.52 0.29 -38.19
C GLN C 141 0.30 1.60 -38.96
N LYS C 142 -0.18 2.65 -38.28
CA LYS C 142 -0.49 4.03 -38.73
C LYS C 142 -1.84 3.97 -39.46
N VAL C 143 -2.55 2.85 -39.34
CA VAL C 143 -3.85 2.66 -39.96
C VAL C 143 -4.97 2.60 -38.91
N ARG C 144 -4.93 1.62 -38.02
CA ARG C 144 -5.84 1.46 -36.87
C ARG C 144 -7.30 1.38 -37.33
N ALA C 145 -7.60 0.28 -38.02
CA ALA C 145 -8.95 -0.02 -38.49
C ALA C 145 -9.96 -0.06 -37.36
N SER C 146 -11.04 0.71 -37.52
CA SER C 146 -12.10 0.82 -36.53
C SER C 146 -13.19 -0.19 -36.87
N TYR C 147 -13.41 -1.15 -35.98
CA TYR C 147 -14.34 -2.25 -36.19
C TYR C 147 -15.66 -1.96 -35.48
N PHE C 148 -16.74 -1.99 -36.23
CA PHE C 148 -18.10 -1.84 -35.72
C PHE C 148 -18.79 -3.19 -35.71
N PRO C 149 -18.89 -3.86 -34.56
CA PRO C 149 -19.47 -5.20 -34.52
C PRO C 149 -20.98 -5.17 -34.74
N ALA C 150 -21.53 -6.34 -35.07
CA ALA C 150 -22.96 -6.44 -35.32
C ALA C 150 -23.78 -6.40 -34.03
N PHE C 151 -23.14 -6.59 -32.88
CA PHE C 151 -23.83 -6.59 -31.58
C PHE C 151 -23.57 -5.32 -30.78
N ARG C 152 -23.18 -4.23 -31.46
CA ARG C 152 -22.85 -2.98 -30.77
C ARG C 152 -24.06 -2.40 -30.02
N THR C 153 -25.27 -2.63 -30.54
CA THR C 153 -26.49 -2.11 -29.94
C THR C 153 -26.70 -2.60 -28.51
N MET C 154 -26.56 -3.90 -28.28
CA MET C 154 -26.69 -4.39 -26.92
C MET C 154 -25.46 -4.09 -26.07
N LEU C 155 -24.28 -4.00 -26.71
CA LEU C 155 -23.04 -3.79 -25.97
C LEU C 155 -23.01 -2.43 -25.29
N GLU C 156 -23.43 -1.38 -26.00
CA GLU C 156 -23.52 -0.04 -25.42
C GLU C 156 -24.59 0.06 -24.34
N ALA C 157 -25.70 -0.69 -24.49
CA ALA C 157 -26.71 -0.74 -23.43
C ALA C 157 -26.17 -1.42 -22.19
N TRP C 158 -25.40 -2.51 -22.36
CA TRP C 158 -24.79 -3.20 -21.23
C TRP C 158 -23.76 -2.32 -20.51
N SER C 159 -23.16 -1.37 -21.22
CA SER C 159 -22.20 -0.43 -20.65
C SER C 159 -22.83 0.92 -20.33
N SER C 160 -24.09 0.92 -19.90
CA SER C 160 -24.78 2.17 -19.57
C SER C 160 -25.97 1.89 -18.65
N ARG C 172 -16.50 4.41 -21.88
CA ARG C 172 -15.63 3.68 -22.79
C ARG C 172 -15.13 4.61 -23.90
N SER C 173 -13.98 4.27 -24.48
CA SER C 173 -13.40 5.03 -25.56
C SER C 173 -12.69 4.06 -26.51
N SER C 174 -12.07 4.62 -27.56
CA SER C 174 -11.38 3.79 -28.55
C SER C 174 -10.09 3.19 -28.03
N PHE C 175 -9.61 3.60 -26.86
CA PHE C 175 -8.37 3.07 -26.32
C PHE C 175 -8.47 2.58 -24.89
N TYR C 176 -9.58 2.87 -24.19
CA TYR C 176 -9.81 2.38 -22.84
C TYR C 176 -10.93 1.35 -22.96
N ASN C 177 -10.57 0.13 -23.38
CA ASN C 177 -11.58 -0.86 -23.71
C ASN C 177 -11.15 -2.29 -23.38
N ARG C 178 -10.24 -2.50 -22.42
CA ARG C 178 -9.88 -3.84 -21.99
C ARG C 178 -11.06 -4.60 -21.38
N LYS C 179 -11.85 -3.90 -20.55
CA LYS C 179 -13.02 -4.52 -19.91
C LYS C 179 -14.07 -4.96 -20.92
N ALA C 180 -14.48 -4.06 -21.81
CA ALA C 180 -15.49 -4.38 -22.82
C ALA C 180 -15.00 -5.42 -23.83
N SER C 181 -13.72 -5.39 -24.19
CA SER C 181 -13.16 -6.40 -25.10
C SER C 181 -13.24 -7.80 -24.52
N ALA C 182 -12.84 -7.96 -23.25
CA ALA C 182 -12.88 -9.28 -22.60
C ALA C 182 -14.29 -9.83 -22.49
N PHE C 183 -15.26 -8.97 -22.14
CA PHE C 183 -16.66 -9.39 -22.06
C PHE C 183 -17.18 -9.89 -23.41
N ALA C 184 -16.96 -9.08 -24.47
CA ALA C 184 -17.42 -9.44 -25.81
C ALA C 184 -16.72 -10.69 -26.36
N ARG C 185 -15.41 -10.82 -26.12
CA ARG C 185 -14.67 -12.01 -26.57
C ARG C 185 -15.15 -13.27 -25.86
N GLU C 186 -15.46 -13.17 -24.57
CA GLU C 186 -16.00 -14.32 -23.84
C GLU C 186 -17.35 -14.73 -24.38
N LEU C 187 -18.18 -13.78 -24.79
CA LEU C 187 -19.51 -14.11 -25.28
C LEU C 187 -19.48 -14.72 -26.69
N PHE C 188 -18.64 -14.18 -27.59
CA PHE C 188 -18.71 -14.58 -28.99
C PHE C 188 -17.46 -15.30 -29.49
N GLY C 189 -16.53 -15.66 -28.64
CA GLY C 189 -15.39 -16.41 -29.12
C GLY C 189 -14.09 -15.63 -29.01
N GLN C 190 -13.01 -16.37 -28.76
CA GLN C 190 -11.67 -15.83 -28.55
C GLN C 190 -10.97 -15.38 -29.84
N PHE C 191 -11.67 -15.36 -30.98
CA PHE C 191 -11.12 -14.82 -32.22
C PHE C 191 -11.59 -13.39 -32.46
N LEU C 192 -12.47 -12.88 -31.62
CA LEU C 192 -13.09 -11.57 -31.81
C LEU C 192 -12.06 -10.45 -31.72
N PRO C 193 -11.97 -9.59 -32.73
CA PRO C 193 -11.03 -8.47 -32.69
C PRO C 193 -11.40 -7.44 -31.63
N SER C 194 -10.41 -6.61 -31.30
CA SER C 194 -10.57 -5.55 -30.30
C SER C 194 -11.65 -4.57 -30.72
N ILE C 195 -12.32 -3.99 -29.73
CA ILE C 195 -13.44 -3.09 -29.97
C ILE C 195 -12.91 -1.65 -30.00
N ASN C 196 -12.76 -1.10 -31.21
CA ASN C 196 -12.17 0.22 -31.40
C ASN C 196 -13.18 1.31 -31.76
N TYR C 197 -14.44 0.95 -32.07
CA TYR C 197 -15.40 1.89 -32.62
C TYR C 197 -15.70 3.00 -31.61
N PRO C 198 -15.72 4.27 -32.03
CA PRO C 198 -15.73 5.39 -31.09
C PRO C 198 -17.07 5.52 -30.37
N SER C 199 -17.02 5.50 -29.05
CA SER C 199 -18.21 5.67 -28.23
C SER C 199 -18.68 7.12 -28.35
N PRO C 200 -19.99 7.38 -28.12
CA PRO C 200 -20.49 8.77 -28.23
C PRO C 200 -19.82 9.77 -27.29
N MET C 201 -19.38 9.32 -26.10
CA MET C 201 -18.64 10.20 -25.22
C MET C 201 -17.34 10.65 -25.86
N GLU C 202 -16.62 9.73 -26.50
CA GLU C 202 -15.40 10.06 -27.24
C GLU C 202 -15.68 10.99 -28.41
N ILE C 203 -16.78 10.74 -29.13
CA ILE C 203 -17.17 11.59 -30.26
C ILE C 203 -17.47 13.01 -29.79
N GLU C 204 -18.22 13.12 -28.68
CA GLU C 204 -18.54 14.43 -28.11
C GLU C 204 -17.28 15.15 -27.66
N ASP C 205 -16.39 14.42 -26.97
CA ASP C 205 -15.15 15.01 -26.47
C ASP C 205 -14.23 15.44 -27.61
N ARG C 206 -14.15 14.62 -28.68
CA ARG C 206 -13.36 14.99 -29.84
C ARG C 206 -13.94 16.20 -30.54
N LEU C 207 -15.28 16.30 -30.56
CA LEU C 207 -15.95 17.47 -31.11
C LEU C 207 -15.61 18.72 -30.31
N ARG C 208 -15.54 18.60 -28.97
CA ARG C 208 -15.15 19.74 -28.13
C ARG C 208 -13.73 20.19 -28.45
N GLU C 209 -12.81 19.22 -28.58
CA GLU C 209 -11.43 19.52 -28.91
C GLU C 209 -11.32 20.12 -30.31
N GLU C 210 -12.10 19.59 -31.26
CA GLU C 210 -12.12 20.14 -32.61
C GLU C 210 -12.65 21.57 -32.61
N ILE C 211 -13.67 21.84 -31.78
CA ILE C 211 -14.20 23.19 -31.63
C ILE C 211 -13.12 24.09 -31.05
N ARG C 212 -12.40 23.58 -30.04
CA ARG C 212 -11.27 24.30 -29.43
C ARG C 212 -10.20 24.57 -30.46
N ARG C 213 -9.86 23.56 -31.26
CA ARG C 213 -8.84 23.70 -32.31
C ARG C 213 -9.29 24.69 -33.36
N ALA C 214 -10.58 24.66 -33.72
CA ALA C 214 -11.15 25.62 -34.66
C ALA C 214 -11.09 27.02 -34.08
N GLN C 215 -11.40 27.16 -32.78
CA GLN C 215 -11.34 28.45 -32.09
C GLN C 215 -9.91 28.99 -32.09
N LEU C 216 -8.92 28.13 -31.85
CA LEU C 216 -7.51 28.53 -31.89
C LEU C 216 -7.13 29.00 -33.29
N GLY C 217 -7.64 28.30 -34.31
CA GLY C 217 -7.41 28.71 -35.69
C GLY C 217 -8.02 30.08 -35.97
N ILE C 218 -9.22 30.32 -35.42
CA ILE C 218 -9.88 31.62 -35.56
C ILE C 218 -9.06 32.70 -34.86
N ALA C 219 -8.50 32.36 -33.69
CA ALA C 219 -7.65 33.30 -32.95
C ALA C 219 -6.38 33.63 -33.73
N ALA C 220 -5.75 32.61 -34.33
CA ALA C 220 -4.58 32.84 -35.17
C ALA C 220 -4.93 33.68 -36.38
N TYR C 221 -6.07 33.38 -37.00
CA TYR C 221 -6.58 34.17 -38.13
C TYR C 221 -6.90 35.60 -37.71
N GLU C 222 -7.43 35.78 -36.49
CA GLU C 222 -7.74 37.11 -35.97
C GLU C 222 -6.49 37.98 -35.89
N SER C 223 -5.40 37.42 -35.37
CA SER C 223 -4.15 38.16 -35.24
C SER C 223 -3.61 38.58 -36.60
N ARG C 224 -3.58 37.62 -37.55
CA ARG C 224 -3.07 37.87 -38.90
C ARG C 224 -3.94 38.90 -39.64
N THR C 225 -5.26 38.79 -39.49
CA THR C 225 -6.18 39.73 -40.14
C THR C 225 -6.01 41.15 -39.61
N PHE C 226 -5.79 41.29 -38.29
CA PHE C 226 -5.59 42.61 -37.69
C PHE C 226 -4.34 43.29 -38.26
N SER C 227 -3.24 42.56 -38.39
CA SER C 227 -2.02 43.10 -38.98
C SER C 227 -2.24 43.51 -40.43
N GLU C 228 -2.87 42.61 -41.20
CA GLU C 228 -3.15 42.84 -42.62
C GLU C 228 -4.09 44.02 -42.83
N SER C 229 -5.13 44.14 -42.00
CA SER C 229 -6.10 45.23 -42.12
C SER C 229 -5.45 46.59 -41.90
N PHE C 230 -4.58 46.71 -40.88
CA PHE C 230 -3.82 47.93 -40.62
C PHE C 230 -3.10 48.46 -41.85
N VAL C 231 -2.23 47.63 -42.44
CA VAL C 231 -1.38 48.06 -43.57
C VAL C 231 -2.22 48.41 -44.78
N LYS C 232 -3.30 47.65 -45.01
CA LYS C 232 -4.22 47.76 -46.13
C LYS C 232 -4.80 49.18 -46.19
N VAL C 233 -5.62 49.55 -45.20
CA VAL C 233 -6.29 50.85 -45.18
C VAL C 233 -5.29 51.99 -45.20
N PHE C 234 -4.18 51.84 -44.43
CA PHE C 234 -3.11 52.84 -44.30
C PHE C 234 -2.58 53.33 -45.65
N SER C 235 -2.53 52.44 -46.64
CA SER C 235 -2.00 52.73 -47.97
C SER C 235 -3.10 53.30 -48.87
N ALA C 236 -4.20 52.56 -49.02
CA ALA C 236 -5.26 52.98 -49.94
C ALA C 236 -6.06 54.19 -49.46
N LEU C 237 -5.85 54.66 -48.22
CA LEU C 237 -6.38 55.97 -47.84
C LEU C 237 -5.72 57.08 -48.64
N PHE C 238 -4.41 56.99 -48.85
CA PHE C 238 -3.69 58.00 -49.61
C PHE C 238 -2.57 57.37 -50.44
N THR C 248 -22.16 54.47 -52.17
CA THR C 248 -21.84 54.18 -50.79
C THR C 248 -23.04 53.61 -50.05
N GLY C 249 -24.24 53.92 -50.56
CA GLY C 249 -25.45 53.36 -49.99
C GLY C 249 -25.55 51.85 -50.19
N GLU C 250 -25.20 51.38 -51.39
CA GLU C 250 -25.25 49.96 -51.71
C GLU C 250 -24.30 49.14 -50.83
N LEU C 251 -23.09 49.64 -50.62
CA LEU C 251 -22.12 48.96 -49.77
C LEU C 251 -22.53 48.96 -48.31
N LEU C 252 -23.21 50.02 -47.84
CA LEU C 252 -23.73 50.03 -46.47
C LEU C 252 -24.77 48.94 -46.24
N LYS C 253 -25.68 48.74 -47.20
CA LYS C 253 -26.65 47.64 -47.11
C LYS C 253 -25.97 46.28 -47.10
N GLU C 254 -24.96 46.08 -47.95
CA GLU C 254 -24.24 44.81 -48.00
C GLU C 254 -23.51 44.51 -46.70
N ILE C 255 -22.87 45.53 -46.11
CA ILE C 255 -22.16 45.36 -44.84
C ILE C 255 -23.15 45.10 -43.71
N GLU C 256 -24.32 45.74 -43.76
CA GLU C 256 -25.38 45.49 -42.80
C GLU C 256 -25.86 44.04 -42.87
N GLY C 257 -26.03 43.51 -44.08
CA GLY C 257 -26.39 42.11 -44.24
C GLY C 257 -25.33 41.17 -43.68
N LEU C 258 -24.06 41.47 -43.95
CA LEU C 258 -22.96 40.69 -43.40
C LEU C 258 -22.89 40.77 -41.87
N ALA C 259 -23.12 41.96 -41.32
CA ALA C 259 -23.09 42.14 -39.86
C ALA C 259 -24.21 41.37 -39.16
N ILE C 260 -25.43 41.43 -39.68
CA ILE C 260 -26.54 40.70 -39.09
C ILE C 260 -26.37 39.19 -39.25
N ALA C 261 -25.74 38.76 -40.36
CA ALA C 261 -25.38 37.35 -40.54
C ALA C 261 -24.38 36.88 -39.47
N GLN C 262 -23.37 37.71 -39.16
CA GLN C 262 -22.41 37.35 -38.13
C GLN C 262 -23.08 37.26 -36.76
N ASP C 263 -23.98 38.19 -36.46
CA ASP C 263 -24.76 38.13 -35.22
C ASP C 263 -25.72 36.94 -35.20
N SER C 264 -26.18 36.50 -36.36
CA SER C 264 -27.06 35.34 -36.47
C SER C 264 -26.29 34.03 -36.66
N SER C 265 -25.00 34.01 -36.31
CA SER C 265 -24.16 32.82 -36.46
C SER C 265 -23.86 32.27 -35.09
N ILE C 266 -24.12 30.97 -34.91
CA ILE C 266 -23.86 30.29 -33.64
C ILE C 266 -22.38 30.28 -33.31
N LYS C 267 -21.52 30.22 -34.35
CA LYS C 267 -20.06 30.23 -34.15
C LYS C 267 -19.57 31.51 -33.48
N ASN C 268 -20.30 32.60 -33.63
CA ASN C 268 -19.97 33.85 -32.95
C ASN C 268 -20.69 33.96 -31.61
N GLY C 269 -20.56 32.93 -30.78
CA GLY C 269 -21.22 32.91 -29.48
C GLY C 269 -20.54 33.72 -28.40
N TYR C 270 -19.34 34.23 -28.68
CA TYR C 270 -18.60 35.01 -27.69
C TYR C 270 -18.30 36.43 -28.17
N TYR C 271 -18.74 36.81 -29.36
CA TYR C 271 -18.57 38.16 -29.86
C TYR C 271 -19.68 38.43 -30.88
N ALA C 272 -20.66 39.25 -30.50
CA ALA C 272 -21.83 39.52 -31.33
C ALA C 272 -22.15 41.01 -31.31
N GLU C 273 -21.12 41.85 -31.45
CA GLU C 273 -21.28 43.30 -31.33
C GLU C 273 -21.30 43.98 -32.69
N TYR C 274 -21.42 43.21 -33.78
CA TYR C 274 -21.27 43.73 -35.14
C TYR C 274 -22.35 44.73 -35.51
N SER C 275 -23.60 44.49 -35.08
CA SER C 275 -24.69 45.42 -35.36
C SER C 275 -24.45 46.78 -34.70
N LYS C 276 -23.94 46.78 -33.47
CA LYS C 276 -23.69 48.01 -32.72
C LYS C 276 -22.63 48.86 -33.41
N VAL C 277 -21.50 48.24 -33.77
CA VAL C 277 -20.39 48.95 -34.42
C VAL C 277 -20.78 49.43 -35.81
N TYR C 278 -21.62 48.65 -36.53
CA TYR C 278 -22.12 49.09 -37.83
C TYR C 278 -22.97 50.36 -37.71
N GLU C 279 -23.81 50.43 -36.68
CA GLU C 279 -24.63 51.63 -36.50
C GLU C 279 -23.79 52.83 -36.08
N GLU C 280 -22.72 52.63 -35.30
CA GLU C 280 -21.83 53.73 -34.96
C GLU C 280 -21.11 54.33 -36.17
N ILE C 281 -20.57 53.50 -37.07
CA ILE C 281 -19.94 54.02 -38.28
C ILE C 281 -20.96 54.71 -39.19
N ARG C 282 -22.16 54.13 -39.31
CA ARG C 282 -23.23 54.72 -40.11
C ARG C 282 -23.65 56.09 -39.56
N SER C 283 -23.72 56.22 -38.23
CA SER C 283 -24.02 57.50 -37.61
C SER C 283 -22.94 58.53 -37.89
N LEU C 284 -21.67 58.10 -37.89
CA LEU C 284 -20.55 58.96 -38.25
C LEU C 284 -20.67 59.46 -39.69
N ILE C 285 -21.08 58.59 -40.61
CA ILE C 285 -21.17 58.98 -42.01
C ILE C 285 -22.31 59.96 -42.23
N ASN C 286 -23.47 59.69 -41.62
CA ASN C 286 -24.71 60.41 -41.93
C ASN C 286 -24.65 61.87 -41.49
N ARG C 287 -23.91 62.18 -40.42
CA ARG C 287 -23.83 63.54 -39.90
C ARG C 287 -23.11 64.50 -40.85
N ASN C 288 -22.31 64.00 -41.79
CA ASN C 288 -21.64 64.87 -42.75
C ASN C 288 -21.62 64.24 -44.13
N ASN C 295 -14.74 59.19 -51.68
CA ASN C 295 -13.28 59.16 -51.74
C ASN C 295 -12.71 58.17 -50.74
N SER C 296 -12.08 58.71 -49.68
CA SER C 296 -11.49 57.86 -48.63
C SER C 296 -12.56 57.08 -47.87
N VAL C 297 -13.76 57.65 -47.72
CA VAL C 297 -14.86 56.98 -47.03
C VAL C 297 -15.27 55.72 -47.79
N SER C 298 -15.33 55.81 -49.13
CA SER C 298 -15.61 54.64 -49.96
C SER C 298 -14.52 53.57 -49.82
N GLY C 299 -13.27 53.99 -49.69
CA GLY C 299 -12.18 53.06 -49.45
C GLY C 299 -12.30 52.33 -48.13
N ALA C 300 -12.71 53.04 -47.08
CA ALA C 300 -12.97 52.43 -45.77
C ALA C 300 -14.09 51.39 -45.83
N LEU C 301 -15.17 51.70 -46.56
CA LEU C 301 -16.27 50.75 -46.74
C LEU C 301 -15.84 49.44 -47.38
N VAL C 302 -15.10 49.50 -48.51
CA VAL C 302 -14.75 48.30 -49.24
C VAL C 302 -13.75 47.42 -48.48
N VAL C 303 -12.80 48.00 -47.75
CA VAL C 303 -11.84 47.20 -47.00
C VAL C 303 -12.51 46.48 -45.83
N TYR C 304 -13.48 47.13 -45.19
CA TYR C 304 -14.25 46.48 -44.13
C TYR C 304 -15.07 45.32 -44.66
N ARG C 305 -15.68 45.49 -45.84
CA ARG C 305 -16.44 44.41 -46.47
C ARG C 305 -15.54 43.22 -46.80
N ASP C 306 -14.35 43.48 -47.34
CA ASP C 306 -13.40 42.40 -47.62
C ASP C 306 -12.95 41.71 -46.34
N ALA C 307 -12.68 42.50 -45.29
CA ALA C 307 -12.28 41.95 -44.00
C ALA C 307 -13.38 41.06 -43.40
N LEU C 308 -14.63 41.53 -43.45
CA LEU C 308 -15.77 40.76 -42.96
C LEU C 308 -15.97 39.48 -43.75
N ARG C 309 -15.92 39.58 -45.08
CA ARG C 309 -16.15 38.41 -45.93
C ARG C 309 -15.07 37.35 -45.73
N ASP C 310 -13.80 37.76 -45.66
CA ASP C 310 -12.73 36.78 -45.44
C ASP C 310 -12.81 36.18 -44.04
N ARG C 311 -13.18 36.98 -43.03
CA ARG C 311 -13.40 36.44 -41.70
C ARG C 311 -14.55 35.44 -41.69
N GLN C 312 -15.65 35.77 -42.37
CA GLN C 312 -16.80 34.88 -42.47
C GLN C 312 -16.45 33.60 -43.21
N ASP C 313 -15.73 33.72 -44.34
CA ASP C 313 -15.35 32.56 -45.14
C ASP C 313 -14.40 31.63 -44.40
N TYR C 314 -13.43 32.18 -43.67
CA TYR C 314 -12.53 31.35 -42.89
C TYR C 314 -13.27 30.65 -41.75
N GLN C 315 -14.26 31.32 -41.14
CA GLN C 315 -15.14 30.68 -40.18
C GLN C 315 -15.83 29.47 -40.79
N GLU C 316 -16.42 29.65 -41.97
CA GLU C 316 -17.10 28.56 -42.67
C GLU C 316 -16.12 27.44 -43.03
N LYS C 317 -14.94 27.81 -43.51
CA LYS C 317 -13.90 26.84 -43.86
C LYS C 317 -13.44 26.05 -42.63
N ALA C 318 -13.24 26.73 -41.50
CA ALA C 318 -12.77 26.07 -40.28
C ALA C 318 -13.82 25.10 -39.74
N PHE C 319 -15.08 25.49 -39.80
CA PHE C 319 -16.20 24.69 -39.30
C PHE C 319 -16.85 23.86 -40.39
N SER C 320 -16.23 23.79 -41.58
CA SER C 320 -16.75 23.03 -42.72
C SER C 320 -17.04 21.58 -42.37
N GLU C 321 -16.04 20.90 -41.78
CA GLU C 321 -16.16 19.48 -41.47
C GLU C 321 -17.25 19.23 -40.43
N ILE C 322 -17.26 20.02 -39.36
CA ILE C 322 -18.24 19.86 -38.29
C ILE C 322 -19.65 20.11 -38.79
N ASP C 323 -19.85 21.19 -39.55
CA ASP C 323 -21.16 21.52 -40.08
C ASP C 323 -21.65 20.50 -41.11
N ASN C 324 -20.74 20.00 -41.96
CA ASN C 324 -21.10 18.98 -42.94
C ASN C 324 -21.54 17.69 -42.25
N TYR C 325 -20.79 17.28 -41.23
CA TYR C 325 -21.13 16.08 -40.46
C TYR C 325 -22.47 16.24 -39.75
N MET C 326 -22.68 17.40 -39.11
CA MET C 326 -23.92 17.65 -38.39
C MET C 326 -25.11 17.72 -39.34
N SER C 327 -24.94 18.33 -40.51
CA SER C 327 -26.00 18.40 -41.51
C SER C 327 -26.33 17.01 -42.06
N SER C 328 -25.30 16.19 -42.31
CA SER C 328 -25.51 14.84 -42.81
C SER C 328 -26.26 13.98 -41.79
N VAL C 329 -25.93 14.13 -40.50
CA VAL C 329 -26.68 13.45 -39.45
C VAL C 329 -28.11 13.97 -39.40
N ASN C 330 -28.27 15.31 -39.46
CA ASN C 330 -29.60 15.93 -39.36
C ASN C 330 -30.50 15.58 -40.54
N SER C 331 -29.94 15.12 -41.66
CA SER C 331 -30.74 14.66 -42.79
C SER C 331 -31.50 13.38 -42.50
N PHE C 332 -31.18 12.70 -41.40
CA PHE C 332 -31.92 11.52 -40.93
C PHE C 332 -32.91 11.87 -39.83
N LEU C 333 -32.41 12.50 -38.76
CA LEU C 333 -33.23 12.86 -37.61
C LEU C 333 -34.34 13.84 -37.99
N GLU C 334 -35.47 13.70 -37.31
CA GLU C 334 -36.66 14.51 -37.54
C GLU C 334 -37.20 15.11 -36.26
N ASP C 335 -37.17 14.36 -35.15
CA ASP C 335 -37.68 14.85 -33.87
C ASP C 335 -36.90 16.07 -33.39
N LYS C 336 -35.57 15.98 -33.43
CA LYS C 336 -34.72 17.09 -33.04
C LYS C 336 -33.61 17.23 -34.08
N GLU C 337 -32.60 18.04 -33.76
CA GLU C 337 -31.45 18.22 -34.62
C GLU C 337 -30.22 18.43 -33.75
N MET C 338 -29.10 17.82 -34.14
CA MET C 338 -27.87 18.02 -33.39
C MET C 338 -27.24 19.34 -33.78
N ALA C 339 -26.71 20.05 -32.78
CA ALA C 339 -26.11 21.37 -32.94
C ALA C 339 -25.26 21.63 -31.70
N TYR C 340 -24.75 22.84 -31.57
CA TYR C 340 -23.91 23.19 -30.45
C TYR C 340 -24.34 24.52 -29.86
N ASP C 341 -23.88 24.78 -28.64
CA ASP C 341 -24.20 25.99 -27.91
C ASP C 341 -22.91 26.58 -27.35
N PHE C 342 -22.67 27.86 -27.60
CA PHE C 342 -21.56 28.58 -27.00
C PHE C 342 -22.14 29.39 -25.84
N ASP C 343 -21.85 28.94 -24.63
CA ASP C 343 -22.57 29.34 -23.43
C ASP C 343 -22.17 30.74 -22.98
N LEU C 344 -22.97 31.28 -22.07
CA LEU C 344 -22.63 32.50 -21.35
C LEU C 344 -21.83 32.21 -20.08
N ARG C 345 -21.43 30.96 -19.88
CA ARG C 345 -20.59 30.57 -18.76
C ARG C 345 -19.13 30.90 -19.06
N ARG C 346 -18.21 30.36 -18.27
CA ARG C 346 -16.81 30.72 -18.39
C ARG C 346 -16.19 30.17 -19.67
N LYS C 347 -16.41 28.90 -19.97
CA LYS C 347 -15.82 28.22 -21.13
C LYS C 347 -16.53 26.89 -21.33
N TYR C 348 -15.92 26.06 -22.20
CA TYR C 348 -16.20 24.67 -22.56
C TYR C 348 -17.60 24.52 -23.17
N PRO C 349 -17.81 25.05 -24.38
CA PRO C 349 -19.16 25.16 -24.97
C PRO C 349 -19.88 23.83 -25.10
N LYS C 350 -21.13 23.77 -24.63
CA LYS C 350 -21.83 22.48 -24.58
C LYS C 350 -22.24 22.05 -25.98
N VAL C 351 -22.21 20.74 -26.22
CA VAL C 351 -22.70 20.13 -27.44
C VAL C 351 -23.70 19.03 -27.08
N GLY C 352 -24.94 19.20 -27.53
CA GLY C 352 -25.99 18.26 -27.19
C GLY C 352 -27.14 18.37 -28.15
N LEU C 353 -28.19 17.61 -27.87
CA LEU C 353 -29.42 17.70 -28.66
C LEU C 353 -30.19 18.96 -28.35
N LYS C 354 -30.83 19.51 -29.37
CA LYS C 354 -31.70 20.67 -29.22
C LYS C 354 -33.02 20.38 -29.92
N PHE C 355 -34.11 20.45 -29.16
CA PHE C 355 -35.48 20.25 -29.62
C PHE C 355 -36.06 21.56 -30.14
N PRO C 356 -37.11 21.50 -30.99
CA PRO C 356 -37.78 22.74 -31.41
C PRO C 356 -38.40 23.56 -30.29
N ASP C 357 -38.76 22.94 -29.16
CA ASP C 357 -39.28 23.70 -28.01
C ASP C 357 -38.21 24.62 -27.41
N GLY C 358 -36.93 24.32 -27.61
CA GLY C 358 -35.84 25.09 -27.06
C GLY C 358 -35.10 24.46 -25.91
N SER C 359 -35.61 23.37 -25.36
CA SER C 359 -34.93 22.71 -24.25
C SER C 359 -33.81 21.83 -24.80
N TRP C 360 -32.62 21.95 -24.22
CA TRP C 360 -31.51 21.11 -24.67
C TRP C 360 -31.54 19.76 -23.95
N SER C 361 -30.64 18.86 -24.39
CA SER C 361 -30.49 17.54 -23.81
C SER C 361 -29.13 17.00 -24.19
N PRO C 362 -28.48 16.22 -23.31
CA PRO C 362 -27.21 15.58 -23.67
C PRO C 362 -27.40 14.51 -24.73
N ILE C 363 -26.25 14.11 -25.31
CA ILE C 363 -26.21 13.16 -26.41
C ILE C 363 -26.71 11.79 -25.98
N ARG C 364 -26.51 11.43 -24.71
CA ARG C 364 -26.91 10.13 -24.17
C ARG C 364 -28.42 9.91 -24.12
N VAL C 365 -29.22 10.98 -24.29
CA VAL C 365 -30.68 10.85 -24.39
C VAL C 365 -31.09 10.02 -25.60
N LEU C 366 -30.27 10.03 -26.66
CA LEU C 366 -30.54 9.30 -27.90
C LEU C 366 -30.65 7.80 -27.68
N SER C 367 -31.58 7.18 -28.40
CA SER C 367 -31.70 5.72 -28.42
C SER C 367 -30.53 5.10 -29.17
N SER C 368 -30.55 3.76 -29.22
CA SER C 368 -29.51 3.01 -29.93
C SER C 368 -29.51 3.29 -31.42
N GLY C 369 -30.71 3.38 -32.02
CA GLY C 369 -30.83 3.63 -33.45
C GLY C 369 -30.20 4.93 -33.90
N GLU C 370 -30.41 6.00 -33.14
CA GLU C 370 -29.78 7.28 -33.47
C GLU C 370 -28.29 7.24 -33.17
N ARG C 371 -27.91 6.55 -32.09
CA ARG C 371 -26.51 6.47 -31.67
C ARG C 371 -25.65 5.75 -32.70
N GLN C 372 -26.20 4.70 -33.34
CA GLN C 372 -25.51 3.98 -34.40
C GLN C 372 -25.21 4.89 -35.58
N LEU C 373 -26.18 5.71 -35.99
CA LEU C 373 -25.99 6.68 -37.07
C LEU C 373 -24.87 7.67 -36.73
N LEU C 374 -24.85 8.15 -35.49
CA LEU C 374 -23.82 9.07 -35.01
C LEU C 374 -22.42 8.47 -35.17
N THR C 375 -22.22 7.26 -34.64
CA THR C 375 -20.91 6.63 -34.62
C THR C 375 -20.41 6.27 -36.03
N MET C 376 -21.26 5.63 -36.84
CA MET C 376 -20.86 5.23 -38.20
C MET C 376 -20.53 6.43 -39.09
N LEU C 377 -21.38 7.45 -39.07
CA LEU C 377 -21.12 8.64 -39.88
C LEU C 377 -19.88 9.41 -39.43
N TYR C 378 -19.55 9.34 -38.13
CA TYR C 378 -18.28 9.89 -37.66
C TYR C 378 -17.10 9.13 -38.25
N ALA C 379 -17.18 7.79 -38.30
CA ALA C 379 -16.06 6.97 -38.77
C ALA C 379 -15.77 7.19 -40.26
N ALA C 380 -16.76 7.61 -41.03
CA ALA C 380 -16.58 7.92 -42.44
C ALA C 380 -16.38 9.40 -42.70
N SER C 381 -16.19 10.20 -41.65
CA SER C 381 -16.01 11.63 -41.78
C SER C 381 -14.54 11.99 -41.76
N LYS C 382 -14.22 13.16 -42.32
CA LYS C 382 -12.85 13.67 -42.31
C LYS C 382 -12.37 14.02 -40.91
N MET C 383 -13.27 14.19 -39.94
CA MET C 383 -12.87 14.57 -38.59
C MET C 383 -12.24 13.42 -37.83
N GLY C 384 -12.36 12.19 -38.31
CA GLY C 384 -11.84 11.02 -37.64
C GLY C 384 -10.34 10.88 -37.76
N ASP C 385 -9.90 9.63 -37.73
CA ASP C 385 -8.52 9.25 -37.97
C ASP C 385 -8.48 8.40 -39.24
N ASP C 386 -7.42 8.61 -40.05
CA ASP C 386 -7.19 7.87 -41.29
C ASP C 386 -7.17 6.38 -41.00
N ALA C 387 -8.15 5.65 -41.53
CA ALA C 387 -8.36 4.25 -41.18
C ALA C 387 -9.21 3.59 -42.24
N ILE C 388 -9.56 2.33 -41.99
CA ILE C 388 -10.48 1.56 -42.82
C ILE C 388 -11.70 1.22 -41.98
N VAL C 389 -12.87 1.65 -42.45
CA VAL C 389 -14.12 1.53 -41.70
C VAL C 389 -14.65 0.13 -41.94
N LEU C 390 -14.61 -0.70 -40.90
CA LEU C 390 -15.06 -2.08 -40.95
C LEU C 390 -16.40 -2.23 -40.22
N ILE C 391 -17.45 -2.45 -41.00
CA ILE C 391 -18.83 -2.52 -40.55
C ILE C 391 -19.30 -3.93 -40.82
N ASP C 392 -19.92 -4.56 -39.83
CA ASP C 392 -20.56 -5.85 -40.10
C ASP C 392 -21.92 -5.67 -40.76
N GLN C 393 -22.89 -5.08 -40.06
CA GLN C 393 -24.23 -4.95 -40.61
C GLN C 393 -24.73 -3.53 -40.42
N PRO C 394 -24.78 -2.71 -41.47
CA PRO C 394 -25.27 -1.33 -41.31
C PRO C 394 -26.79 -1.20 -41.33
N GLU C 395 -27.51 -2.13 -40.69
CA GLU C 395 -28.97 -2.07 -40.67
C GLU C 395 -29.54 -2.48 -39.33
N ILE C 396 -28.69 -2.68 -38.31
CA ILE C 396 -29.17 -3.00 -36.97
C ILE C 396 -29.83 -1.76 -36.38
N SER C 397 -31.07 -1.94 -35.90
CA SER C 397 -31.87 -0.90 -35.22
C SER C 397 -32.02 0.34 -36.12
N LEU C 398 -32.26 0.11 -37.40
CA LEU C 398 -32.41 1.19 -38.37
C LEU C 398 -33.72 0.99 -39.12
N HIS C 399 -34.53 2.04 -39.19
CA HIS C 399 -35.68 2.07 -40.09
C HIS C 399 -35.22 2.02 -41.54
N ILE C 400 -36.13 1.56 -42.41
CA ILE C 400 -35.83 1.31 -43.82
C ILE C 400 -35.44 2.58 -44.57
N ASP C 401 -36.03 3.73 -44.19
CA ASP C 401 -35.72 5.01 -44.83
C ASP C 401 -34.26 5.38 -44.64
N TRP C 402 -33.76 5.23 -43.40
CA TRP C 402 -32.37 5.55 -43.08
C TRP C 402 -31.40 4.60 -43.78
N GLN C 403 -31.79 3.35 -43.98
CA GLN C 403 -30.98 2.38 -44.73
C GLN C 403 -30.86 2.75 -46.20
N GLU C 404 -31.86 3.42 -46.76
CA GLU C 404 -31.81 3.84 -48.17
C GLU C 404 -30.77 4.92 -48.43
N ASP C 405 -30.39 5.72 -47.43
CA ASP C 405 -29.58 6.90 -47.67
C ASP C 405 -28.32 6.96 -46.81
N LEU C 406 -28.03 5.89 -46.04
CA LEU C 406 -26.84 5.85 -45.21
C LEU C 406 -25.56 5.93 -46.04
N LEU C 407 -25.45 5.06 -47.04
CA LEU C 407 -24.28 5.03 -47.92
C LEU C 407 -24.15 6.29 -48.77
N LYS C 408 -25.29 6.89 -49.15
CA LYS C 408 -25.28 8.13 -49.92
C LYS C 408 -24.57 9.25 -49.15
N ARG C 409 -24.96 9.46 -47.89
CA ARG C 409 -24.29 10.45 -47.06
C ARG C 409 -22.83 10.08 -46.82
N MET C 410 -22.58 8.78 -46.54
CA MET C 410 -21.24 8.28 -46.26
C MET C 410 -20.29 8.50 -47.43
N LEU C 411 -20.76 8.30 -48.66
CA LEU C 411 -19.95 8.55 -49.83
C LEU C 411 -19.78 10.05 -50.09
N SER C 412 -20.85 10.83 -49.89
CA SER C 412 -20.82 12.26 -50.18
C SER C 412 -19.90 13.05 -49.25
N GLN C 413 -19.55 12.49 -48.09
CA GLN C 413 -18.55 13.12 -47.23
C GLN C 413 -17.18 13.19 -47.88
N LEU C 414 -16.89 12.28 -48.83
CA LEU C 414 -15.68 12.28 -49.66
C LEU C 414 -14.41 12.20 -48.82
N SER C 415 -14.39 11.26 -47.88
CA SER C 415 -13.18 11.04 -47.09
C SER C 415 -12.13 10.25 -47.86
N GLY C 416 -12.53 9.33 -48.73
CA GLY C 416 -11.60 8.47 -49.42
C GLY C 416 -11.29 7.17 -48.70
N ARG C 417 -11.75 7.01 -47.47
CA ARG C 417 -11.53 5.80 -46.69
C ARG C 417 -12.33 4.64 -47.27
N GLN C 418 -11.78 3.43 -47.11
CA GLN C 418 -12.44 2.24 -47.62
C GLN C 418 -13.53 1.75 -46.67
N ILE C 419 -14.68 1.42 -47.23
CA ILE C 419 -15.86 1.00 -46.48
C ILE C 419 -16.22 -0.40 -46.94
N ILE C 420 -16.47 -1.31 -46.00
CA ILE C 420 -16.82 -2.69 -46.28
C ILE C 420 -18.03 -3.07 -45.44
N VAL C 421 -19.17 -3.29 -46.09
CA VAL C 421 -20.42 -3.61 -45.41
C VAL C 421 -20.90 -4.98 -45.87
N CYS C 422 -21.43 -5.76 -44.92
CA CYS C 422 -22.04 -7.06 -45.21
C CYS C 422 -23.55 -6.92 -45.02
N THR C 423 -24.30 -6.96 -46.11
CA THR C 423 -25.73 -6.69 -46.04
C THR C 423 -26.52 -7.81 -46.69
N HIS C 424 -27.77 -7.93 -46.27
CA HIS C 424 -28.73 -8.84 -46.88
C HIS C 424 -29.90 -8.14 -47.54
N SER C 425 -30.20 -6.89 -47.13
CA SER C 425 -31.26 -6.06 -47.67
C SER C 425 -30.86 -5.48 -49.03
N PRO C 426 -31.82 -5.32 -49.95
CA PRO C 426 -31.52 -4.61 -51.21
C PRO C 426 -31.57 -3.10 -51.07
N SER C 427 -32.07 -2.57 -49.95
CA SER C 427 -32.14 -1.13 -49.75
C SER C 427 -30.78 -0.54 -49.40
N ILE C 428 -29.96 -1.29 -48.66
CA ILE C 428 -28.59 -0.89 -48.37
C ILE C 428 -27.79 -0.77 -49.67
N ALA C 429 -27.95 -1.73 -50.57
CA ALA C 429 -27.12 -1.84 -51.76
C ALA C 429 -27.63 -1.09 -52.98
N THR C 430 -28.86 -0.55 -52.94
CA THR C 430 -29.42 0.11 -54.12
C THR C 430 -28.63 1.36 -54.51
N GLY C 431 -28.52 1.58 -55.81
CA GLY C 431 -27.73 2.66 -56.36
C GLY C 431 -26.23 2.43 -56.30
N TYR C 432 -25.80 1.22 -55.94
CA TYR C 432 -24.39 0.85 -55.87
C TYR C 432 -24.19 -0.53 -56.47
N GLU C 433 -24.80 -0.76 -57.63
CA GLU C 433 -24.77 -2.07 -58.28
C GLU C 433 -23.35 -2.45 -58.69
N ASP C 434 -22.57 -1.48 -59.17
CA ASP C 434 -21.20 -1.72 -59.60
C ASP C 434 -20.27 -2.15 -58.46
N PHE C 435 -20.64 -1.88 -57.21
CA PHE C 435 -19.82 -2.19 -56.05
C PHE C 435 -20.30 -3.41 -55.28
N MET C 436 -21.31 -4.12 -55.76
CA MET C 436 -21.79 -5.30 -55.05
C MET C 436 -20.81 -6.45 -55.23
N ILE C 437 -20.61 -7.22 -54.17
CA ILE C 437 -19.74 -8.39 -54.19
C ILE C 437 -20.53 -9.60 -53.71
N ASN C 438 -20.54 -10.66 -54.52
CA ASN C 438 -21.26 -11.89 -54.20
C ASN C 438 -20.25 -12.90 -53.64
N ILE C 439 -20.53 -13.39 -52.44
CA ILE C 439 -19.66 -14.37 -51.78
C ILE C 439 -20.23 -15.75 -52.08
N SER C 440 -19.49 -16.55 -52.83
CA SER C 440 -19.83 -17.94 -53.13
C SER C 440 -18.62 -18.78 -52.76
N PRO C 441 -18.57 -19.32 -51.54
CA PRO C 441 -17.39 -20.07 -51.10
C PRO C 441 -17.28 -21.42 -51.80
N GLU C 442 -16.04 -21.88 -51.96
CA GLU C 442 -15.74 -23.13 -52.65
C GLU C 442 -15.42 -24.20 -51.61
N PHE C 443 -16.33 -25.17 -51.45
CA PHE C 443 -16.13 -26.26 -50.52
C PHE C 443 -15.12 -27.26 -51.08
N ILE C 444 -14.35 -27.85 -50.18
CA ILE C 444 -13.34 -28.84 -50.57
C ILE C 444 -14.01 -30.17 -50.91
N ILE D 3 -16.73 -27.76 38.55
CA ILE D 3 -16.98 -26.85 37.44
C ILE D 3 -18.40 -27.06 36.90
N ARG D 4 -18.66 -26.57 35.70
CA ARG D 4 -19.97 -26.65 35.09
C ARG D 4 -19.94 -27.74 34.03
N THR D 5 -20.82 -28.74 34.18
CA THR D 5 -20.92 -29.84 33.23
C THR D 5 -22.36 -29.95 32.76
N ILE D 6 -22.54 -30.47 31.55
CA ILE D 6 -23.87 -30.65 31.00
C ILE D 6 -24.57 -31.79 31.74
N SER D 7 -25.89 -31.66 31.89
CA SER D 7 -26.66 -32.65 32.63
C SER D 7 -27.77 -33.29 31.82
N LYS D 8 -28.41 -32.55 30.91
CA LYS D 8 -29.59 -33.07 30.22
C LYS D 8 -29.84 -32.25 28.97
N ILE D 9 -30.10 -32.95 27.86
CA ILE D 9 -30.48 -32.35 26.59
C ILE D 9 -31.84 -32.90 26.19
N GLU D 10 -32.78 -32.01 25.89
CA GLU D 10 -34.14 -32.39 25.52
C GLU D 10 -34.47 -31.80 24.15
N LEU D 11 -34.19 -32.56 23.10
CA LEU D 11 -34.59 -32.18 21.75
C LEU D 11 -36.10 -32.35 21.58
N SER D 12 -36.62 -31.74 20.52
CA SER D 12 -38.04 -31.86 20.19
C SER D 12 -38.23 -31.64 18.69
N LYS D 13 -38.56 -32.71 17.97
CA LYS D 13 -38.90 -32.71 16.55
C LYS D 13 -37.77 -32.17 15.67
N ILE D 14 -36.53 -32.61 15.97
CA ILE D 14 -35.40 -32.36 15.08
C ILE D 14 -35.68 -32.97 13.71
N HIS D 15 -35.43 -32.18 12.65
CA HIS D 15 -35.79 -32.46 11.25
C HIS D 15 -37.28 -32.71 11.03
N ASN D 16 -38.12 -32.33 12.00
CA ASN D 16 -39.59 -32.42 11.96
C ASN D 16 -40.06 -33.87 11.83
N ARG D 17 -39.27 -34.83 12.30
CA ARG D 17 -39.67 -36.23 12.20
C ARG D 17 -39.46 -37.05 13.46
N TYR D 18 -38.50 -36.72 14.31
CA TYR D 18 -38.24 -37.55 15.48
C TYR D 18 -37.79 -36.66 16.63
N ASN D 19 -38.02 -37.13 17.86
CA ASN D 19 -37.62 -36.46 19.08
C ASN D 19 -36.57 -37.30 19.79
N LEU D 20 -36.10 -36.78 20.93
CA LEU D 20 -35.03 -37.38 21.73
C LEU D 20 -34.96 -36.65 23.06
N THR D 21 -34.55 -37.38 24.09
CA THR D 21 -34.39 -36.82 25.44
C THR D 21 -33.35 -37.64 26.17
N VAL D 22 -32.23 -37.02 26.53
CA VAL D 22 -31.10 -37.72 27.13
C VAL D 22 -30.76 -37.03 28.44
N ASP D 23 -30.49 -37.83 29.48
CA ASP D 23 -30.02 -37.33 30.76
C ASP D 23 -28.59 -37.81 30.96
N PHE D 24 -27.69 -36.89 31.31
CA PHE D 24 -26.27 -37.19 31.34
C PHE D 24 -25.77 -37.37 32.77
N PHE D 25 -24.55 -37.88 32.85
CA PHE D 25 -23.75 -37.95 34.06
C PHE D 25 -22.60 -36.95 33.96
N ASN D 26 -22.12 -36.47 35.12
CA ASN D 26 -21.13 -35.39 35.09
C ASN D 26 -19.78 -35.91 34.61
N ASP D 27 -19.53 -37.19 34.80
CA ASP D 27 -18.27 -37.87 34.53
C ASP D 27 -18.40 -38.49 33.13
N LEU D 28 -17.62 -39.53 32.86
CA LEU D 28 -17.50 -40.16 31.54
C LEU D 28 -18.87 -40.61 31.00
N ASN D 29 -19.06 -40.44 29.69
CA ASN D 29 -20.33 -40.77 29.03
C ASN D 29 -20.04 -41.48 27.72
N VAL D 30 -20.27 -42.78 27.71
CA VAL D 30 -20.15 -43.64 26.54
C VAL D 30 -21.49 -43.77 25.84
N ILE D 31 -21.54 -43.37 24.56
CA ILE D 31 -22.77 -43.31 23.79
C ILE D 31 -22.66 -44.37 22.71
N HIS D 32 -23.60 -45.32 22.70
CA HIS D 32 -23.62 -46.37 21.70
C HIS D 32 -25.01 -46.51 21.09
N GLY D 33 -25.05 -46.76 19.78
CA GLY D 33 -26.29 -46.96 19.08
C GLY D 33 -26.12 -47.51 17.68
N GLY D 38 -28.40 -40.46 12.86
CA GLY D 38 -28.21 -39.17 13.49
C GLY D 38 -27.59 -39.27 14.87
N LYS D 39 -26.33 -39.68 14.91
CA LYS D 39 -25.52 -39.62 16.13
C LYS D 39 -24.55 -38.45 16.13
N SER D 40 -23.83 -38.26 15.02
CA SER D 40 -22.95 -37.10 14.83
C SER D 40 -23.72 -35.78 14.90
N THR D 41 -24.97 -35.77 14.42
CA THR D 41 -25.83 -34.61 14.51
C THR D 41 -26.12 -34.23 15.97
N LEU D 42 -26.37 -35.24 16.81
CA LEU D 42 -26.61 -35.02 18.23
C LEU D 42 -25.40 -34.39 18.92
N ILE D 43 -24.19 -34.86 18.60
CA ILE D 43 -22.97 -34.33 19.17
C ILE D 43 -22.75 -32.88 18.73
N HIS D 44 -23.08 -32.57 17.47
CA HIS D 44 -22.97 -31.20 16.96
C HIS D 44 -23.90 -30.25 17.70
N VAL D 45 -25.13 -30.71 18.01
CA VAL D 45 -26.07 -29.90 18.78
C VAL D 45 -25.50 -29.60 20.16
N ILE D 46 -24.96 -30.63 20.82
CA ILE D 46 -24.34 -30.50 22.14
C ILE D 46 -23.15 -29.54 22.08
N ALA D 47 -22.32 -29.70 21.04
CA ALA D 47 -21.12 -28.87 20.88
C ALA D 47 -21.47 -27.40 20.65
N ASN D 48 -22.50 -27.14 19.82
CA ASN D 48 -22.88 -25.77 19.52
C ASN D 48 -23.56 -25.07 20.68
N ILE D 49 -24.11 -25.81 21.64
CA ILE D 49 -24.71 -25.17 22.81
C ILE D 49 -23.63 -24.81 23.83
N VAL D 50 -22.74 -25.76 24.15
CA VAL D 50 -21.73 -25.54 25.17
C VAL D 50 -20.74 -24.45 24.75
N ASN D 51 -20.33 -24.46 23.48
CA ASN D 51 -19.53 -23.38 22.90
C ASN D 51 -20.27 -22.04 22.88
N GLY D 52 -21.59 -22.04 23.01
CA GLY D 52 -22.37 -20.83 22.88
C GLY D 52 -22.47 -20.28 21.47
N ASP D 53 -22.18 -21.11 20.46
CA ASP D 53 -22.28 -20.67 19.07
C ASP D 53 -23.70 -20.94 18.58
N PHE D 54 -24.63 -20.13 19.11
CA PHE D 54 -26.05 -20.31 18.84
C PHE D 54 -26.46 -19.96 17.42
N ILE D 55 -25.60 -19.29 16.65
CA ILE D 55 -25.97 -18.86 15.29
C ILE D 55 -26.08 -20.03 14.31
N ARG D 56 -25.64 -21.23 14.68
CA ARG D 56 -25.77 -22.36 13.79
C ARG D 56 -27.17 -22.97 13.85
N PHE D 57 -27.94 -22.70 14.90
CA PHE D 57 -29.23 -23.33 15.07
C PHE D 57 -30.32 -22.70 14.20
N ALA D 58 -29.99 -21.72 13.38
CA ALA D 58 -30.83 -21.28 12.28
C ALA D 58 -30.55 -22.05 10.99
N PHE D 59 -29.97 -23.24 11.11
CA PHE D 59 -29.75 -24.13 9.97
C PHE D 59 -30.25 -25.53 10.28
N LEU D 60 -31.01 -25.70 11.35
CA LEU D 60 -31.54 -26.98 11.78
C LEU D 60 -33.03 -26.82 12.08
N ILE D 61 -33.81 -27.78 11.63
CA ILE D 61 -35.26 -27.72 11.72
C ILE D 61 -35.70 -28.48 12.97
N PHE D 62 -36.30 -27.77 13.92
CA PHE D 62 -36.67 -28.36 15.20
C PHE D 62 -37.79 -27.51 15.79
N GLU D 63 -38.14 -27.79 17.06
CA GLU D 63 -39.08 -26.97 17.80
C GLU D 63 -38.49 -26.36 19.05
N GLU D 64 -37.90 -27.18 19.93
CA GLU D 64 -37.44 -26.71 21.23
C GLU D 64 -36.30 -27.62 21.70
N ILE D 65 -35.26 -27.02 22.27
CA ILE D 65 -34.08 -27.74 22.74
C ILE D 65 -33.74 -27.18 24.12
N LYS D 66 -34.13 -27.91 25.17
CA LYS D 66 -33.66 -27.54 26.50
C LYS D 66 -32.22 -28.02 26.71
N ALA D 67 -31.47 -27.26 27.51
CA ALA D 67 -30.05 -27.52 27.73
C ALA D 67 -29.75 -27.24 29.21
N THR D 68 -29.83 -28.27 30.03
CA THR D 68 -29.75 -28.12 31.48
C THR D 68 -28.34 -28.48 31.92
N TYR D 69 -27.69 -27.59 32.67
CA TYR D 69 -26.35 -27.87 33.16
C TYR D 69 -26.44 -28.57 34.53
N SER D 70 -25.30 -28.69 35.21
CA SER D 70 -25.28 -29.23 36.57
C SER D 70 -25.40 -28.15 37.64
N ASP D 71 -24.88 -26.95 37.40
CA ASP D 71 -24.97 -25.87 38.37
C ASP D 71 -26.33 -25.15 38.38
N GLY D 72 -27.31 -25.67 37.66
CA GLY D 72 -28.66 -25.15 37.69
C GLY D 72 -29.04 -24.34 36.46
N LEU D 73 -28.05 -23.96 35.64
CA LEU D 73 -28.29 -23.14 34.46
C LEU D 73 -29.15 -23.90 33.44
N LYS D 74 -29.93 -23.14 32.68
CA LYS D 74 -30.92 -23.71 31.76
C LYS D 74 -30.87 -22.89 30.48
N ILE D 75 -30.80 -23.55 29.33
CA ILE D 75 -30.83 -22.91 28.02
C ILE D 75 -31.93 -23.56 27.20
N VAL D 76 -32.95 -22.79 26.84
CA VAL D 76 -34.05 -23.26 26.02
C VAL D 76 -33.99 -22.51 24.69
N ILE D 77 -33.57 -23.21 23.64
CA ILE D 77 -33.58 -22.70 22.28
C ILE D 77 -34.93 -23.06 21.66
N ARG D 78 -35.43 -22.21 20.76
CA ARG D 78 -36.69 -22.51 20.10
C ARG D 78 -36.72 -21.81 18.75
N ARG D 79 -37.06 -22.56 17.70
CA ARG D 79 -37.14 -22.05 16.33
C ARG D 79 -38.60 -22.08 15.87
N ASP D 80 -39.19 -20.92 15.64
CA ASP D 80 -40.56 -20.82 15.19
C ASP D 80 -40.65 -20.01 13.90
N LYS D 81 -41.68 -20.32 13.10
CA LYS D 81 -41.91 -19.69 11.81
C LYS D 81 -43.21 -18.88 11.92
N ILE D 82 -43.08 -17.55 11.86
CA ILE D 82 -44.22 -16.65 11.91
C ILE D 82 -44.22 -15.79 10.66
N ASP D 83 -45.39 -15.70 10.00
CA ASP D 83 -45.60 -14.95 8.75
C ASP D 83 -44.66 -15.43 7.64
N GLU D 84 -44.44 -16.75 7.61
CA GLU D 84 -43.50 -17.44 6.70
C GLU D 84 -42.06 -16.97 6.88
N GLN D 85 -41.73 -16.40 8.03
CA GLN D 85 -40.39 -15.97 8.37
C GLN D 85 -39.93 -16.75 9.58
N SER D 86 -38.76 -17.37 9.48
CA SER D 86 -38.22 -18.17 10.58
C SER D 86 -37.45 -17.28 11.55
N PHE D 87 -37.51 -17.64 12.83
CA PHE D 87 -36.83 -16.91 13.89
C PHE D 87 -36.37 -17.89 14.95
N ILE D 88 -35.32 -17.50 15.66
CA ILE D 88 -34.73 -18.31 16.73
C ILE D 88 -34.92 -17.54 18.04
N SER D 89 -35.50 -18.21 19.03
CA SER D 89 -35.80 -17.57 20.31
C SER D 89 -35.10 -18.33 21.42
N VAL D 90 -33.83 -17.99 21.64
CA VAL D 90 -33.04 -18.57 22.72
C VAL D 90 -33.49 -17.96 24.04
N THR D 91 -33.79 -18.82 25.02
CA THR D 91 -34.28 -18.39 26.32
C THR D 91 -33.45 -19.09 27.38
N LEU D 92 -32.89 -18.30 28.31
CA LEU D 92 -32.04 -18.86 29.33
C LEU D 92 -32.81 -19.13 30.63
N SER D 93 -32.07 -19.45 31.69
CA SER D 93 -32.67 -19.74 32.98
C SER D 93 -33.30 -18.50 33.60
N ASN D 94 -32.56 -17.39 33.62
CA ASN D 94 -33.03 -16.15 34.24
C ASN D 94 -34.20 -15.54 33.48
N GLY D 95 -34.32 -15.82 32.20
CA GLY D 95 -35.44 -15.37 31.39
C GLY D 95 -35.10 -14.39 30.30
N LYS D 96 -33.81 -14.13 30.04
CA LYS D 96 -33.42 -13.16 29.03
C LYS D 96 -33.58 -13.83 27.67
N TYR D 97 -34.80 -13.77 27.13
CA TYR D 97 -35.01 -14.24 25.78
C TYR D 97 -34.42 -13.29 24.75
N ILE D 98 -33.85 -13.87 23.69
CA ILE D 98 -33.20 -13.13 22.63
C ILE D 98 -33.83 -13.63 21.33
N LYS D 99 -33.88 -12.76 20.32
CA LYS D 99 -34.59 -13.11 19.09
C LYS D 99 -34.01 -12.35 17.91
N PHE D 100 -33.55 -13.09 16.92
CA PHE D 100 -33.00 -12.55 15.69
C PHE D 100 -33.58 -13.27 14.49
N ALA D 101 -33.48 -12.65 13.32
CA ALA D 101 -34.02 -13.22 12.09
C ALA D 101 -33.00 -14.12 11.41
N VAL D 102 -33.50 -15.22 10.85
CA VAL D 102 -32.64 -16.27 10.28
C VAL D 102 -31.84 -15.73 9.11
N GLY D 103 -32.49 -14.96 8.23
CA GLY D 103 -31.85 -14.43 7.03
C GLY D 103 -30.65 -13.56 7.29
N GLU D 104 -30.61 -12.92 8.47
CA GLU D 104 -29.43 -12.19 8.93
C GLU D 104 -28.22 -13.11 9.06
N ALA D 105 -28.43 -14.32 9.60
CA ALA D 105 -27.33 -15.25 9.85
C ALA D 105 -26.70 -15.74 8.55
N MET D 106 -27.55 -16.15 7.60
CA MET D 106 -27.07 -16.70 6.34
C MET D 106 -26.28 -15.67 5.52
N ALA D 107 -26.72 -14.41 5.53
CA ALA D 107 -25.97 -13.35 4.87
C ALA D 107 -24.60 -13.11 5.50
N THR D 108 -24.52 -13.17 6.85
CA THR D 108 -23.27 -12.85 7.54
C THR D 108 -22.16 -13.85 7.22
N VAL D 109 -22.53 -15.12 6.99
CA VAL D 109 -21.54 -16.18 6.80
C VAL D 109 -20.75 -15.95 5.52
N ARG D 110 -21.45 -15.71 4.41
CA ARG D 110 -20.82 -15.56 3.10
C ARG D 110 -20.02 -14.26 3.00
N MET D 126 -22.07 -7.42 13.15
CA MET D 126 -22.97 -6.80 14.12
C MET D 126 -23.79 -7.86 14.85
N LEU D 127 -24.31 -8.81 14.07
CA LEU D 127 -25.04 -9.94 14.65
C LEU D 127 -24.13 -10.80 15.53
N ALA D 128 -22.94 -11.11 15.03
CA ALA D 128 -21.95 -11.88 15.80
C ALA D 128 -21.51 -11.12 17.05
N MET D 129 -21.39 -9.80 16.94
CA MET D 129 -21.05 -8.96 18.10
C MET D 129 -22.13 -9.02 19.17
N ASP D 130 -23.40 -9.04 18.75
CA ASP D 130 -24.51 -9.18 19.69
C ASP D 130 -24.49 -10.49 20.47
N ILE D 131 -24.21 -11.61 19.78
CA ILE D 131 -24.15 -12.93 20.42
C ILE D 131 -23.06 -13.00 21.49
N ASP D 132 -21.85 -12.50 21.20
CA ASP D 132 -20.78 -12.58 22.20
C ASP D 132 -21.09 -11.74 23.45
N LYS D 133 -21.58 -10.51 23.26
CA LYS D 133 -21.99 -9.66 24.38
C LYS D 133 -23.07 -10.31 25.22
N PHE D 134 -24.04 -10.95 24.57
CA PHE D 134 -25.12 -11.66 25.28
C PHE D 134 -24.56 -12.80 26.12
N VAL D 135 -23.72 -13.63 25.51
CA VAL D 135 -23.19 -14.84 26.14
C VAL D 135 -22.25 -14.50 27.28
N LYS D 136 -21.39 -13.50 27.08
CA LYS D 136 -20.44 -13.05 28.11
C LYS D 136 -21.18 -12.48 29.33
N GLU D 137 -22.23 -11.70 29.09
CA GLU D 137 -22.98 -11.05 30.18
C GLU D 137 -23.64 -12.09 31.09
N ASN D 138 -24.10 -13.19 30.51
CA ASN D 138 -24.86 -14.20 31.24
C ASN D 138 -23.97 -15.33 31.77
N GLU D 139 -22.65 -15.17 31.65
CA GLU D 139 -21.62 -16.15 32.06
C GLU D 139 -21.85 -17.54 31.46
N LEU D 140 -22.06 -17.57 30.14
CA LEU D 140 -22.44 -18.81 29.48
C LEU D 140 -21.26 -19.55 28.86
N GLN D 141 -20.23 -18.81 28.39
CA GLN D 141 -19.04 -19.41 27.82
C GLN D 141 -17.94 -19.64 28.87
N LYS D 142 -18.34 -19.84 30.14
CA LYS D 142 -17.38 -20.09 31.21
C LYS D 142 -16.57 -21.35 30.93
N VAL D 143 -17.21 -22.38 30.42
CA VAL D 143 -16.59 -23.66 30.09
C VAL D 143 -16.60 -23.79 28.57
N ARG D 144 -15.43 -24.02 27.99
CA ARG D 144 -15.29 -24.25 26.56
C ARG D 144 -15.58 -25.71 26.22
N ALA D 145 -15.45 -26.06 24.94
CA ALA D 145 -15.65 -27.42 24.51
C ALA D 145 -14.70 -27.75 23.37
N SER D 146 -13.92 -28.82 23.54
CA SER D 146 -12.94 -29.24 22.54
C SER D 146 -13.60 -30.29 21.65
N TYR D 147 -13.75 -29.98 20.36
CA TYR D 147 -14.44 -30.85 19.43
C TYR D 147 -13.41 -31.62 18.60
N PHE D 148 -13.50 -32.94 18.64
CA PHE D 148 -12.66 -33.82 17.83
C PHE D 148 -13.49 -34.41 16.70
N PRO D 149 -13.39 -33.89 15.47
CA PRO D 149 -14.23 -34.40 14.39
C PRO D 149 -13.80 -35.79 13.94
N ALA D 150 -14.72 -36.45 13.23
CA ALA D 150 -14.44 -37.81 12.74
C ALA D 150 -13.49 -37.83 11.55
N PHE D 151 -13.28 -36.68 10.89
CA PHE D 151 -12.41 -36.59 9.73
C PHE D 151 -11.08 -35.92 10.04
N ARG D 152 -10.66 -35.92 11.31
CA ARG D 152 -9.43 -35.25 11.72
C ARG D 152 -8.20 -35.85 11.06
N THR D 153 -8.22 -37.15 10.74
CA THR D 153 -7.09 -37.84 10.14
C THR D 153 -6.72 -37.23 8.79
N MET D 154 -7.70 -37.02 7.92
CA MET D 154 -7.42 -36.37 6.64
C MET D 154 -7.21 -34.88 6.81
N LEU D 155 -7.84 -34.28 7.82
CA LEU D 155 -7.79 -32.84 8.04
C LEU D 155 -6.39 -32.36 8.38
N GLU D 156 -5.69 -33.09 9.24
CA GLU D 156 -4.30 -32.76 9.57
C GLU D 156 -3.36 -32.93 8.38
N ALA D 157 -3.64 -33.90 7.51
CA ALA D 157 -2.88 -34.04 6.27
C ALA D 157 -3.11 -32.85 5.34
N TRP D 158 -4.36 -32.37 5.26
CA TRP D 158 -4.66 -31.19 4.44
C TRP D 158 -3.99 -29.93 4.97
N SER D 159 -3.68 -29.88 6.27
CA SER D 159 -2.98 -28.75 6.87
C SER D 159 -1.49 -29.03 7.05
N SER D 160 -0.88 -29.75 6.12
CA SER D 160 0.55 -30.05 6.22
C SER D 160 1.40 -28.83 5.92
N SER D 161 1.00 -28.03 4.93
CA SER D 161 1.68 -26.82 4.44
C SER D 161 3.15 -27.03 4.09
N SER D 174 -3.45 -20.57 16.76
CA SER D 174 -4.80 -20.01 16.69
C SER D 174 -5.14 -19.59 15.25
N PHE D 175 -4.12 -19.62 14.38
CA PHE D 175 -4.30 -19.21 12.99
C PHE D 175 -4.98 -20.28 12.14
N TYR D 176 -5.12 -21.52 12.64
CA TYR D 176 -5.81 -22.56 11.88
C TYR D 176 -7.16 -22.90 12.51
N ASN D 177 -7.78 -21.92 13.17
CA ASN D 177 -9.00 -22.14 13.94
C ASN D 177 -10.25 -21.73 13.19
N ARG D 178 -10.14 -20.76 12.28
CA ARG D 178 -11.21 -20.32 11.40
C ARG D 178 -11.08 -20.83 9.97
N LYS D 179 -9.86 -20.85 9.41
CA LYS D 179 -9.65 -21.32 8.05
C LYS D 179 -10.02 -22.80 7.89
N ALA D 180 -9.47 -23.65 8.77
CA ALA D 180 -9.78 -25.07 8.70
C ALA D 180 -11.24 -25.33 9.03
N SER D 181 -11.80 -24.54 9.95
CA SER D 181 -13.22 -24.63 10.28
C SER D 181 -14.09 -24.30 9.07
N ALA D 182 -13.76 -23.22 8.36
CA ALA D 182 -14.52 -22.82 7.17
C ALA D 182 -14.43 -23.87 6.07
N PHE D 183 -13.24 -24.46 5.88
CA PHE D 183 -13.05 -25.53 4.90
C PHE D 183 -13.95 -26.73 5.22
N ALA D 184 -13.91 -27.17 6.48
CA ALA D 184 -14.71 -28.32 6.91
C ALA D 184 -16.20 -28.03 6.83
N ARG D 185 -16.62 -26.80 7.18
CA ARG D 185 -18.04 -26.43 7.06
C ARG D 185 -18.51 -26.42 5.61
N GLU D 186 -17.66 -25.96 4.69
CA GLU D 186 -18.05 -26.00 3.28
C GLU D 186 -18.20 -27.44 2.79
N LEU D 187 -17.35 -28.34 3.27
CA LEU D 187 -17.43 -29.74 2.83
C LEU D 187 -18.61 -30.47 3.46
N PHE D 188 -18.86 -30.27 4.76
CA PHE D 188 -19.83 -31.08 5.48
C PHE D 188 -21.06 -30.33 5.99
N GLY D 189 -21.25 -29.07 5.62
CA GLY D 189 -22.45 -28.41 6.05
C GLY D 189 -22.17 -27.25 7.01
N GLN D 190 -23.00 -26.22 6.91
CA GLN D 190 -22.89 -24.98 7.68
C GLN D 190 -23.36 -25.10 9.14
N PHE D 191 -23.65 -26.31 9.62
CA PHE D 191 -23.98 -26.49 11.03
C PHE D 191 -22.78 -26.99 11.84
N LEU D 192 -21.66 -27.28 11.18
CA LEU D 192 -20.49 -27.85 11.83
C LEU D 192 -19.87 -26.87 12.82
N PRO D 193 -19.67 -27.27 14.08
CA PRO D 193 -19.04 -26.38 15.06
C PRO D 193 -17.58 -26.13 14.73
N SER D 194 -17.05 -25.06 15.33
CA SER D 194 -15.66 -24.66 15.12
C SER D 194 -14.68 -25.76 15.56
N ILE D 195 -13.54 -25.79 14.88
CA ILE D 195 -12.52 -26.82 15.12
C ILE D 195 -11.51 -26.26 16.12
N ASN D 196 -11.62 -26.68 17.37
CA ASN D 196 -10.81 -26.18 18.46
C ASN D 196 -9.72 -27.12 18.94
N TYR D 197 -9.73 -28.38 18.50
CA TYR D 197 -8.85 -29.42 19.06
C TYR D 197 -7.38 -29.07 18.83
N PRO D 198 -6.53 -29.21 19.86
CA PRO D 198 -5.16 -28.66 19.79
C PRO D 198 -4.28 -29.45 18.84
N SER D 199 -3.68 -28.74 17.88
CA SER D 199 -2.76 -29.35 16.94
C SER D 199 -1.47 -29.70 17.67
N PRO D 200 -0.70 -30.69 17.16
CA PRO D 200 0.55 -31.08 17.84
C PRO D 200 1.59 -29.97 17.97
N MET D 201 1.62 -29.02 17.03
CA MET D 201 2.52 -27.87 17.16
C MET D 201 2.17 -27.05 18.39
N GLU D 202 0.86 -26.83 18.61
CA GLU D 202 0.40 -26.12 19.81
C GLU D 202 0.74 -26.89 21.08
N ILE D 203 0.61 -28.23 21.04
CA ILE D 203 0.94 -29.08 22.18
C ILE D 203 2.42 -28.95 22.54
N GLU D 204 3.29 -28.97 21.54
CA GLU D 204 4.73 -28.81 21.77
C GLU D 204 5.05 -27.45 22.36
N ASP D 205 4.44 -26.38 21.81
CA ASP D 205 4.69 -25.03 22.29
C ASP D 205 4.17 -24.85 23.72
N ARG D 206 3.00 -25.41 24.04
CA ARG D 206 2.47 -25.33 25.40
C ARG D 206 3.35 -26.09 26.39
N LEU D 207 3.90 -27.23 25.96
CA LEU D 207 4.85 -27.96 26.80
C LEU D 207 6.11 -27.15 27.06
N ARG D 208 6.60 -26.44 26.05
CA ARG D 208 7.76 -25.57 26.18
C ARG D 208 7.50 -24.44 27.17
N GLU D 209 6.35 -23.79 27.06
CA GLU D 209 5.99 -22.70 27.96
C GLU D 209 5.83 -23.18 29.39
N GLU D 210 5.23 -24.36 29.56
CA GLU D 210 5.09 -24.95 30.89
C GLU D 210 6.44 -25.29 31.50
N ILE D 211 7.38 -25.77 30.68
CA ILE D 211 8.73 -26.05 31.13
C ILE D 211 9.43 -24.77 31.60
N ARG D 212 9.27 -23.68 30.83
CA ARG D 212 9.83 -22.38 31.21
C ARG D 212 9.28 -21.89 32.55
N ARG D 213 7.95 -21.97 32.72
CA ARG D 213 7.31 -21.54 33.95
C ARG D 213 7.72 -22.40 35.13
N ALA D 214 7.86 -23.71 34.92
CA ALA D 214 8.32 -24.62 35.97
C ALA D 214 9.75 -24.29 36.38
N GLN D 215 10.62 -24.01 35.41
CA GLN D 215 12.01 -23.63 35.70
C GLN D 215 12.09 -22.35 36.52
N LEU D 216 11.27 -21.35 36.16
CA LEU D 216 11.22 -20.08 36.90
C LEU D 216 10.77 -20.30 38.34
N GLY D 217 9.78 -21.18 38.54
CA GLY D 217 9.33 -21.52 39.88
C GLY D 217 10.41 -22.18 40.71
N ILE D 218 11.20 -23.06 40.08
CA ILE D 218 12.33 -23.71 40.75
C ILE D 218 13.38 -22.69 41.15
N ALA D 219 13.64 -21.71 40.28
CA ALA D 219 14.58 -20.64 40.58
C ALA D 219 14.12 -19.79 41.77
N ALA D 220 12.82 -19.46 41.81
CA ALA D 220 12.28 -18.72 42.94
C ALA D 220 12.39 -19.52 44.23
N TYR D 221 12.09 -20.83 44.15
CA TYR D 221 12.26 -21.73 45.30
C TYR D 221 13.71 -21.83 45.73
N GLU D 222 14.64 -21.83 44.75
CA GLU D 222 16.07 -21.87 45.03
C GLU D 222 16.48 -20.66 45.87
N SER D 223 16.00 -19.48 45.49
CA SER D 223 16.32 -18.25 46.20
C SER D 223 15.80 -18.29 47.64
N ARG D 224 14.55 -18.71 47.81
CA ARG D 224 13.93 -18.77 49.14
C ARG D 224 14.64 -19.78 50.05
N THR D 225 15.00 -20.94 49.50
CA THR D 225 15.70 -21.96 50.30
C THR D 225 17.08 -21.49 50.74
N PHE D 226 17.79 -20.75 49.87
CA PHE D 226 19.10 -20.23 50.23
C PHE D 226 19.01 -19.25 51.39
N SER D 227 18.01 -18.35 51.36
CA SER D 227 17.79 -17.41 52.44
C SER D 227 17.43 -18.14 53.73
N GLU D 228 16.48 -19.08 53.63
CA GLU D 228 16.01 -19.86 54.79
C GLU D 228 17.10 -20.72 55.41
N SER D 229 17.92 -21.37 54.58
CA SER D 229 19.01 -22.20 55.11
C SER D 229 20.01 -21.40 55.93
N PHE D 230 20.41 -20.23 55.42
CA PHE D 230 21.30 -19.29 56.12
C PHE D 230 20.84 -18.97 57.53
N VAL D 231 19.62 -18.44 57.67
CA VAL D 231 19.09 -17.97 58.95
C VAL D 231 18.95 -19.14 59.94
N LYS D 232 18.57 -20.31 59.43
CA LYS D 232 18.34 -21.55 60.19
C LYS D 232 19.61 -21.86 60.96
N VAL D 233 20.70 -22.20 60.24
CA VAL D 233 21.98 -22.57 60.85
C VAL D 233 22.50 -21.45 61.75
N PHE D 234 22.34 -20.19 61.31
CA PHE D 234 22.79 -18.98 62.01
C PHE D 234 22.34 -18.94 63.47
N SER D 235 21.16 -19.47 63.77
CA SER D 235 20.59 -19.49 65.11
C SER D 235 21.09 -20.70 65.87
N ALA D 236 20.89 -21.90 65.31
CA ALA D 236 21.26 -23.13 66.01
C ALA D 236 22.78 -23.34 66.09
N LEU D 237 23.58 -22.51 65.41
CA LEU D 237 25.01 -22.44 65.71
C LEU D 237 25.25 -21.97 67.14
N PHE D 238 24.42 -21.05 67.63
CA PHE D 238 24.53 -20.60 69.02
C PHE D 238 24.12 -21.69 69.99
N ASP D 239 23.24 -22.59 69.57
CA ASP D 239 22.82 -23.69 70.43
C ASP D 239 23.94 -24.72 70.54
N ASN D 240 24.24 -25.13 71.77
CA ASN D 240 25.32 -26.08 72.01
C ASN D 240 24.83 -27.26 72.83
N GLY D 249 27.43 -40.73 60.04
CA GLY D 249 27.55 -41.64 58.91
C GLY D 249 26.24 -41.90 58.21
N GLU D 250 25.19 -42.10 59.01
CA GLU D 250 23.86 -42.37 58.46
C GLU D 250 23.34 -41.20 57.63
N LEU D 251 23.52 -39.98 58.13
CA LEU D 251 23.09 -38.79 57.40
C LEU D 251 23.93 -38.56 56.15
N LEU D 252 25.22 -38.93 56.20
CA LEU D 252 26.08 -38.86 55.02
C LEU D 252 25.61 -39.79 53.90
N LYS D 253 25.21 -41.01 54.26
CA LYS D 253 24.65 -41.94 53.28
C LYS D 253 23.36 -41.40 52.65
N GLU D 254 22.48 -40.82 53.47
CA GLU D 254 21.23 -40.26 52.97
C GLU D 254 21.48 -39.12 51.99
N ILE D 255 22.43 -38.23 52.33
CA ILE D 255 22.77 -37.10 51.46
C ILE D 255 23.43 -37.59 50.18
N GLU D 256 24.25 -38.63 50.27
CA GLU D 256 24.84 -39.24 49.08
C GLU D 256 23.78 -39.81 48.15
N GLY D 257 22.77 -40.48 48.70
CA GLY D 257 21.67 -40.97 47.87
C GLY D 257 20.90 -39.86 47.20
N LEU D 258 20.62 -38.78 47.94
CA LEU D 258 19.95 -37.62 47.37
C LEU D 258 20.79 -36.93 46.30
N ALA D 259 22.09 -36.81 46.52
CA ALA D 259 22.98 -36.17 45.55
C ALA D 259 23.07 -36.93 44.24
N ILE D 260 23.22 -38.27 44.31
CA ILE D 260 23.29 -39.07 43.10
C ILE D 260 21.94 -39.09 42.39
N ALA D 261 20.84 -39.04 43.13
CA ALA D 261 19.51 -38.89 42.53
C ALA D 261 19.38 -37.58 41.78
N GLN D 262 19.88 -36.48 42.36
CA GLN D 262 19.85 -35.18 41.67
C GLN D 262 20.70 -35.19 40.40
N ASP D 263 21.88 -35.81 40.47
CA ASP D 263 22.72 -35.97 39.29
C ASP D 263 22.10 -36.89 38.25
N SER D 264 21.28 -37.85 38.66
CA SER D 264 20.59 -38.75 37.75
C SER D 264 19.22 -38.22 37.35
N SER D 265 18.97 -36.93 37.50
CA SER D 265 17.67 -36.34 37.17
C SER D 265 17.82 -35.46 35.94
N ILE D 266 16.97 -35.71 34.93
CA ILE D 266 16.97 -34.95 33.69
C ILE D 266 16.62 -33.48 33.94
N LYS D 267 15.78 -33.22 34.95
CA LYS D 267 15.39 -31.85 35.29
C LYS D 267 16.57 -31.00 35.75
N ASN D 268 17.62 -31.64 36.27
CA ASN D 268 18.85 -30.93 36.65
C ASN D 268 19.80 -30.98 35.46
N GLY D 269 19.42 -30.28 34.40
CA GLY D 269 20.25 -30.20 33.21
C GLY D 269 21.10 -28.95 33.20
N TYR D 270 21.07 -28.22 34.31
CA TYR D 270 21.82 -26.98 34.44
C TYR D 270 22.93 -27.06 35.48
N TYR D 271 22.88 -28.05 36.36
CA TYR D 271 23.85 -28.18 37.44
C TYR D 271 23.84 -29.61 37.93
N ALA D 272 24.99 -30.28 37.85
CA ALA D 272 25.09 -31.66 38.29
C ALA D 272 26.38 -31.91 39.08
N GLU D 273 26.71 -31.01 40.00
CA GLU D 273 27.95 -31.05 40.75
C GLU D 273 27.75 -31.58 42.17
N TYR D 274 26.57 -32.13 42.47
CA TYR D 274 26.20 -32.49 43.84
C TYR D 274 27.11 -33.58 44.41
N SER D 275 27.48 -34.57 43.58
CA SER D 275 28.37 -35.62 44.01
C SER D 275 29.75 -35.06 44.39
N LYS D 276 30.24 -34.10 43.61
CA LYS D 276 31.55 -33.51 43.83
C LYS D 276 31.61 -32.74 45.16
N VAL D 277 30.62 -31.87 45.41
CA VAL D 277 30.60 -31.09 46.64
C VAL D 277 30.37 -31.98 47.86
N TYR D 278 29.59 -33.07 47.71
CA TYR D 278 29.41 -34.03 48.80
C TYR D 278 30.73 -34.68 49.19
N GLU D 279 31.56 -35.03 48.20
CA GLU D 279 32.86 -35.62 48.49
C GLU D 279 33.79 -34.60 49.14
N GLU D 280 33.67 -33.33 48.77
CA GLU D 280 34.41 -32.27 49.44
C GLU D 280 34.00 -32.15 50.90
N ILE D 281 32.70 -32.24 51.18
CA ILE D 281 32.20 -32.23 52.55
C ILE D 281 32.69 -33.46 53.30
N ARG D 282 32.68 -34.62 52.65
CA ARG D 282 33.17 -35.85 53.25
C ARG D 282 34.67 -35.75 53.55
N SER D 283 35.43 -35.13 52.65
CA SER D 283 36.85 -34.89 52.89
C SER D 283 37.06 -33.93 54.06
N LEU D 284 36.21 -32.90 54.15
CA LEU D 284 36.25 -31.97 55.28
C LEU D 284 35.99 -32.66 56.61
N ILE D 285 35.03 -33.59 56.65
CA ILE D 285 34.67 -34.26 57.89
C ILE D 285 35.79 -35.21 58.32
N ASN D 286 36.33 -35.98 57.36
CA ASN D 286 37.24 -37.09 57.66
C ASN D 286 38.56 -36.60 58.26
N ARG D 287 39.01 -35.40 57.86
CA ARG D 287 40.28 -34.87 58.34
C ARG D 287 40.26 -34.52 59.83
N ASN D 288 39.08 -34.37 60.43
CA ASN D 288 38.99 -34.10 61.86
C ASN D 288 37.82 -34.86 62.49
N VAL D 293 33.27 -34.12 67.16
CA VAL D 293 32.09 -33.72 66.41
C VAL D 293 31.15 -32.94 67.31
N GLU D 294 31.00 -31.64 67.03
CA GLU D 294 30.12 -30.79 67.80
C GLU D 294 28.66 -31.00 67.39
N ASN D 295 27.75 -30.45 68.19
CA ASN D 295 26.33 -30.53 67.87
C ASN D 295 25.97 -29.67 66.67
N SER D 296 26.63 -28.53 66.51
CA SER D 296 26.37 -27.65 65.37
C SER D 296 26.75 -28.29 64.04
N VAL D 297 27.78 -29.14 64.04
CA VAL D 297 28.19 -29.86 62.84
C VAL D 297 27.08 -30.79 62.37
N SER D 298 26.43 -31.48 63.32
CA SER D 298 25.27 -32.31 63.00
C SER D 298 24.11 -31.48 62.44
N GLY D 299 23.92 -30.27 62.97
CA GLY D 299 22.91 -29.37 62.43
C GLY D 299 23.17 -28.98 60.99
N ALA D 300 24.44 -28.71 60.65
CA ALA D 300 24.84 -28.42 59.28
C ALA D 300 24.53 -29.60 58.36
N LEU D 301 24.82 -30.83 58.83
CA LEU D 301 24.50 -32.04 58.10
C LEU D 301 23.01 -32.15 57.81
N VAL D 302 22.18 -31.93 58.83
CA VAL D 302 20.73 -32.10 58.71
C VAL D 302 20.14 -31.03 57.80
N VAL D 303 20.67 -29.80 57.85
CA VAL D 303 20.16 -28.72 57.02
C VAL D 303 20.48 -28.98 55.55
N TYR D 304 21.65 -29.58 55.27
CA TYR D 304 21.99 -29.96 53.90
C TYR D 304 21.04 -31.05 53.38
N ARG D 305 20.73 -32.03 54.23
CA ARG D 305 19.78 -33.07 53.85
C ARG D 305 18.39 -32.51 53.59
N ASP D 306 17.93 -31.60 54.47
CA ASP D 306 16.63 -30.95 54.27
C ASP D 306 16.60 -30.09 53.01
N ALA D 307 17.67 -29.33 52.76
CA ALA D 307 17.75 -28.50 51.55
C ALA D 307 17.68 -29.32 50.27
N LEU D 308 18.43 -30.42 50.22
CA LEU D 308 18.41 -31.30 49.05
C LEU D 308 17.04 -31.93 48.84
N ARG D 309 16.45 -32.45 49.93
CA ARG D 309 15.15 -33.12 49.85
C ARG D 309 14.04 -32.16 49.43
N ASP D 310 14.03 -30.95 50.01
CA ASP D 310 13.00 -29.98 49.65
C ASP D 310 13.16 -29.47 48.23
N ARG D 311 14.41 -29.29 47.76
CA ARG D 311 14.63 -28.93 46.37
C ARG D 311 14.14 -30.04 45.44
N GLN D 312 14.42 -31.29 45.79
CA GLN D 312 13.97 -32.44 45.01
C GLN D 312 12.44 -32.54 45.00
N ASP D 313 11.81 -32.37 46.17
CA ASP D 313 10.36 -32.46 46.28
C ASP D 313 9.65 -31.35 45.50
N TYR D 314 10.20 -30.13 45.55
CA TYR D 314 9.60 -29.03 44.78
C TYR D 314 9.76 -29.26 43.28
N GLN D 315 10.89 -29.85 42.87
CA GLN D 315 11.08 -30.26 41.47
C GLN D 315 9.97 -31.21 41.03
N GLU D 316 9.69 -32.23 41.85
CA GLU D 316 8.64 -33.20 41.52
C GLU D 316 7.27 -32.53 41.45
N LYS D 317 6.97 -31.62 42.39
CA LYS D 317 5.70 -30.89 42.39
C LYS D 317 5.58 -30.00 41.15
N ALA D 318 6.65 -29.30 40.79
CA ALA D 318 6.61 -28.39 39.65
C ALA D 318 6.44 -29.14 38.34
N PHE D 319 7.10 -30.29 38.19
CA PHE D 319 7.04 -31.10 36.99
C PHE D 319 6.01 -32.21 37.08
N SER D 320 5.15 -32.18 38.11
CA SER D 320 4.12 -33.21 38.31
C SER D 320 3.21 -33.38 37.11
N GLU D 321 2.66 -32.26 36.60
CA GLU D 321 1.72 -32.30 35.50
C GLU D 321 2.36 -32.83 34.23
N ILE D 322 3.54 -32.31 33.89
CA ILE D 322 4.25 -32.70 32.67
C ILE D 322 4.65 -34.17 32.72
N ASP D 323 5.20 -34.61 33.85
CA ASP D 323 5.62 -36.01 33.99
C ASP D 323 4.44 -36.97 33.97
N ASN D 324 3.33 -36.60 34.61
CA ASN D 324 2.13 -37.45 34.59
C ASN D 324 1.59 -37.61 33.18
N TYR D 325 1.52 -36.50 32.43
CA TYR D 325 1.06 -36.55 31.05
C TYR D 325 2.00 -37.38 30.17
N MET D 326 3.31 -37.17 30.33
CA MET D 326 4.29 -37.92 29.54
C MET D 326 4.26 -39.41 29.87
N SER D 327 4.13 -39.75 31.15
CA SER D 327 4.03 -41.15 31.56
C SER D 327 2.77 -41.82 31.03
N SER D 328 1.64 -41.11 31.07
CA SER D 328 0.38 -41.66 30.57
C SER D 328 0.44 -41.92 29.07
N VAL D 329 1.06 -41.02 28.30
CA VAL D 329 1.27 -41.25 26.88
C VAL D 329 2.21 -42.43 26.67
N ASN D 330 3.32 -42.46 27.41
CA ASN D 330 4.34 -43.50 27.27
C ASN D 330 3.85 -44.89 27.66
N SER D 331 2.75 -45.00 28.41
CA SER D 331 2.17 -46.29 28.74
C SER D 331 1.56 -47.00 27.54
N PHE D 332 1.38 -46.29 26.42
CA PHE D 332 0.93 -46.89 25.17
C PHE D 332 2.10 -47.14 24.22
N LEU D 333 2.88 -46.10 23.94
CA LEU D 333 4.02 -46.19 23.02
C LEU D 333 5.06 -47.18 23.54
N GLU D 334 5.71 -47.85 22.61
CA GLU D 334 6.71 -48.88 22.89
C GLU D 334 8.01 -48.66 22.15
N ASP D 335 7.96 -48.20 20.89
CA ASP D 335 9.15 -48.00 20.08
C ASP D 335 10.06 -46.94 20.68
N LYS D 336 9.51 -45.80 21.08
CA LYS D 336 10.30 -44.75 21.72
C LYS D 336 9.52 -44.22 22.93
N GLU D 337 9.99 -43.09 23.45
CA GLU D 337 9.35 -42.43 24.58
C GLU D 337 9.51 -40.92 24.42
N MET D 338 8.44 -40.18 24.73
CA MET D 338 8.50 -38.73 24.67
C MET D 338 9.19 -38.20 25.92
N ALA D 339 10.02 -37.18 25.75
CA ALA D 339 10.81 -36.61 26.85
C ALA D 339 11.30 -35.23 26.42
N TYR D 340 12.16 -34.65 27.25
CA TYR D 340 12.69 -33.31 27.00
C TYR D 340 14.20 -33.31 27.20
N ASP D 341 14.85 -32.26 26.70
CA ASP D 341 16.29 -32.11 26.80
C ASP D 341 16.61 -30.71 27.31
N PHE D 342 17.41 -30.63 28.36
CA PHE D 342 17.91 -29.35 28.83
C PHE D 342 19.36 -29.12 28.40
N TYR D 348 16.61 -22.74 24.99
CA TYR D 348 15.39 -23.13 24.30
C TYR D 348 15.22 -24.65 24.33
N PRO D 349 14.93 -25.21 25.52
CA PRO D 349 14.98 -26.67 25.71
C PRO D 349 14.08 -27.46 24.78
N LYS D 350 14.65 -28.47 24.14
CA LYS D 350 13.94 -29.22 23.11
C LYS D 350 12.90 -30.14 23.75
N VAL D 351 11.75 -30.31 23.10
CA VAL D 351 10.76 -31.29 23.52
C VAL D 351 10.42 -32.17 22.33
N GLY D 352 10.73 -33.46 22.43
CA GLY D 352 10.49 -34.35 21.31
C GLY D 352 10.48 -35.80 21.74
N LEU D 353 10.32 -36.67 20.75
CA LEU D 353 10.43 -38.11 20.97
C LEU D 353 11.90 -38.49 21.15
N LYS D 354 12.14 -39.47 22.01
CA LYS D 354 13.49 -40.00 22.22
C LYS D 354 13.48 -41.51 22.10
N PHE D 355 14.27 -42.03 21.16
CA PHE D 355 14.45 -43.44 20.88
C PHE D 355 15.55 -44.01 21.78
N PRO D 356 15.57 -45.34 21.99
CA PRO D 356 16.68 -45.94 22.75
C PRO D 356 18.06 -45.74 22.15
N ASP D 357 18.18 -45.56 20.83
CA ASP D 357 19.48 -45.28 20.23
C ASP D 357 20.06 -43.93 20.67
N GLY D 358 19.21 -42.99 21.09
CA GLY D 358 19.63 -41.68 21.52
C GLY D 358 19.32 -40.57 20.54
N SER D 359 18.88 -40.89 19.32
CA SER D 359 18.55 -39.86 18.34
C SER D 359 17.16 -39.31 18.61
N TRP D 360 17.05 -37.99 18.62
CA TRP D 360 15.75 -37.35 18.82
C TRP D 360 15.02 -37.25 17.48
N SER D 361 13.75 -36.81 17.55
CA SER D 361 12.94 -36.61 16.36
C SER D 361 11.80 -35.67 16.72
N PRO D 362 11.36 -34.83 15.77
CA PRO D 362 10.20 -33.98 16.04
C PRO D 362 8.90 -34.77 16.12
N ILE D 363 7.88 -34.11 16.66
CA ILE D 363 6.58 -34.74 16.93
C ILE D 363 5.88 -35.13 15.63
N ARG D 364 6.12 -34.39 14.54
CA ARG D 364 5.45 -34.63 13.26
C ARG D 364 5.84 -35.94 12.57
N VAL D 365 6.91 -36.62 13.01
CA VAL D 365 7.24 -37.94 12.47
C VAL D 365 6.14 -38.96 12.75
N LEU D 366 5.35 -38.76 13.82
CA LEU D 366 4.28 -39.67 14.22
C LEU D 366 3.22 -39.80 13.14
N SER D 367 2.70 -41.02 12.99
CA SER D 367 1.57 -41.27 12.10
C SER D 367 0.28 -40.67 12.65
N SER D 368 -0.80 -40.85 11.90
CA SER D 368 -2.11 -40.35 12.30
C SER D 368 -2.61 -41.03 13.57
N GLY D 369 -2.40 -42.34 13.67
CA GLY D 369 -2.85 -43.10 14.83
C GLY D 369 -2.25 -42.63 16.15
N GLU D 370 -0.95 -42.33 16.13
CA GLU D 370 -0.31 -41.81 17.34
C GLU D 370 -0.71 -40.37 17.62
N ARG D 371 -0.88 -39.56 16.56
CA ARG D 371 -1.23 -38.16 16.75
C ARG D 371 -2.61 -37.98 17.39
N GLN D 372 -3.57 -38.82 17.01
CA GLN D 372 -4.90 -38.78 17.64
C GLN D 372 -4.81 -39.11 19.12
N LEU D 373 -4.03 -40.15 19.46
CA LEU D 373 -3.78 -40.51 20.86
C LEU D 373 -3.16 -39.36 21.63
N LEU D 374 -2.18 -38.69 21.02
CA LEU D 374 -1.51 -37.53 21.62
C LEU D 374 -2.49 -36.43 21.98
N THR D 375 -3.31 -36.02 21.01
CA THR D 375 -4.22 -34.89 21.17
C THR D 375 -5.33 -35.17 22.19
N MET D 376 -5.99 -36.33 22.10
CA MET D 376 -7.07 -36.67 23.02
C MET D 376 -6.58 -36.76 24.46
N LEU D 377 -5.45 -37.44 24.69
CA LEU D 377 -4.91 -37.54 26.05
C LEU D 377 -4.45 -36.19 26.58
N TYR D 378 -3.99 -35.31 25.70
CA TYR D 378 -3.71 -33.93 26.10
C TYR D 378 -4.98 -33.20 26.54
N ALA D 379 -6.07 -33.39 25.80
CA ALA D 379 -7.33 -32.68 26.06
C ALA D 379 -7.94 -33.06 27.41
N ALA D 380 -7.64 -34.25 27.91
CA ALA D 380 -8.13 -34.69 29.22
C ALA D 380 -7.12 -34.48 30.33
N SER D 381 -6.03 -33.77 30.06
CA SER D 381 -5.00 -33.52 31.05
C SER D 381 -5.24 -32.16 31.70
N LYS D 382 -4.68 -31.99 32.91
CA LYS D 382 -4.78 -30.72 33.61
C LYS D 382 -4.02 -29.59 32.90
N MET D 383 -3.07 -29.91 32.01
CA MET D 383 -2.32 -28.85 31.36
C MET D 383 -3.12 -28.12 30.30
N GLY D 384 -4.27 -28.68 29.90
CA GLY D 384 -5.11 -28.10 28.87
C GLY D 384 -5.89 -26.90 29.34
N ASP D 385 -7.06 -26.71 28.73
CA ASP D 385 -8.02 -25.70 29.16
C ASP D 385 -9.27 -26.39 29.67
N ASP D 386 -9.85 -25.83 30.73
CA ASP D 386 -11.08 -26.31 31.36
C ASP D 386 -12.21 -26.39 30.34
N ALA D 387 -12.67 -27.60 30.03
CA ALA D 387 -13.59 -27.80 28.93
C ALA D 387 -14.30 -29.13 29.08
N ILE D 388 -15.11 -29.44 28.07
CA ILE D 388 -15.80 -30.72 27.91
C ILE D 388 -15.28 -31.38 26.64
N VAL D 389 -14.72 -32.57 26.77
CA VAL D 389 -14.04 -33.24 25.67
C VAL D 389 -15.10 -33.92 24.82
N LEU D 390 -15.31 -33.38 23.62
CA LEU D 390 -16.28 -33.89 22.65
C LEU D 390 -15.56 -34.59 21.50
N ILE D 391 -15.68 -35.91 21.48
CA ILE D 391 -14.99 -36.79 20.54
C ILE D 391 -16.06 -37.44 19.68
N ASP D 392 -15.85 -37.41 18.36
CA ASP D 392 -16.74 -38.18 17.48
C ASP D 392 -16.37 -39.66 17.44
N GLN D 393 -15.19 -40.00 16.91
CA GLN D 393 -14.83 -41.41 16.79
C GLN D 393 -13.37 -41.62 17.19
N PRO D 394 -13.11 -42.17 18.37
CA PRO D 394 -11.73 -42.40 18.76
C PRO D 394 -11.15 -43.68 18.18
N GLU D 395 -11.98 -44.66 17.80
CA GLU D 395 -11.49 -45.92 17.25
C GLU D 395 -11.02 -45.82 15.79
N ILE D 396 -10.19 -44.84 15.49
CA ILE D 396 -9.62 -44.68 14.15
C ILE D 396 -8.11 -44.83 14.28
N SER D 397 -7.54 -45.75 13.47
CA SER D 397 -6.10 -46.01 13.39
C SER D 397 -5.53 -46.37 14.77
N LEU D 398 -6.28 -47.17 15.52
CA LEU D 398 -5.88 -47.58 16.85
C LEU D 398 -5.93 -49.10 16.95
N HIS D 399 -4.84 -49.69 17.42
CA HIS D 399 -4.84 -51.09 17.81
C HIS D 399 -5.78 -51.34 18.98
N ILE D 400 -6.22 -52.59 19.09
CA ILE D 400 -7.22 -53.02 20.06
C ILE D 400 -6.76 -52.83 21.49
N ASP D 401 -5.46 -53.01 21.76
CA ASP D 401 -4.89 -52.86 23.10
C ASP D 401 -5.09 -51.44 23.64
N TRP D 402 -4.79 -50.43 22.82
CA TRP D 402 -4.96 -49.05 23.26
C TRP D 402 -6.43 -48.71 23.46
N GLN D 403 -7.33 -49.30 22.67
CA GLN D 403 -8.76 -49.09 22.88
C GLN D 403 -9.25 -49.69 24.19
N GLU D 404 -8.61 -50.75 24.67
CA GLU D 404 -8.98 -51.36 25.95
C GLU D 404 -8.66 -50.45 27.13
N ASP D 405 -7.69 -49.53 26.97
CA ASP D 405 -7.15 -48.78 28.09
C ASP D 405 -7.20 -47.27 27.82
N LEU D 406 -7.80 -46.85 26.71
CA LEU D 406 -7.92 -45.44 26.38
C LEU D 406 -8.73 -44.69 27.44
N LEU D 407 -9.92 -45.21 27.74
CA LEU D 407 -10.80 -44.60 28.74
C LEU D 407 -10.19 -44.68 30.13
N LYS D 408 -9.45 -45.76 30.42
CA LYS D 408 -8.77 -45.93 31.70
C LYS D 408 -7.75 -44.82 31.97
N ARG D 409 -6.86 -44.55 31.01
CA ARG D 409 -5.88 -43.47 31.17
C ARG D 409 -6.54 -42.10 31.30
N MET D 410 -7.55 -41.83 30.45
CA MET D 410 -8.23 -40.54 30.46
C MET D 410 -8.89 -40.25 31.81
N LEU D 411 -9.49 -41.26 32.44
CA LEU D 411 -10.07 -41.09 33.76
C LEU D 411 -8.99 -40.99 34.83
N SER D 412 -7.93 -41.80 34.72
CA SER D 412 -6.89 -41.84 35.75
C SER D 412 -6.08 -40.55 35.84
N GLN D 413 -6.10 -39.71 34.81
CA GLN D 413 -5.46 -38.40 34.89
C GLN D 413 -6.10 -37.49 35.93
N LEU D 414 -7.39 -37.72 36.26
CA LEU D 414 -8.13 -37.05 37.33
C LEU D 414 -8.19 -35.54 37.12
N SER D 415 -8.55 -35.14 35.90
CA SER D 415 -8.74 -33.73 35.60
C SER D 415 -10.07 -33.21 36.15
N GLY D 416 -11.10 -34.05 36.16
CA GLY D 416 -12.42 -33.63 36.55
C GLY D 416 -13.28 -33.12 35.41
N ARG D 417 -12.71 -32.96 34.23
CA ARG D 417 -13.45 -32.51 33.07
C ARG D 417 -14.41 -33.59 32.58
N GLN D 418 -15.52 -33.15 32.01
CA GLN D 418 -16.53 -34.07 31.50
C GLN D 418 -16.16 -34.59 30.12
N ILE D 419 -16.30 -35.90 29.93
CA ILE D 419 -15.92 -36.57 28.69
C ILE D 419 -17.17 -37.24 28.15
N ILE D 420 -17.45 -37.04 26.86
CA ILE D 420 -18.62 -37.63 26.20
C ILE D 420 -18.16 -38.22 24.88
N VAL D 421 -18.21 -39.54 24.77
CA VAL D 421 -17.74 -40.24 23.58
C VAL D 421 -18.90 -41.03 22.98
N CYS D 422 -18.99 -40.99 21.64
CA CYS D 422 -19.96 -41.77 20.89
C CYS D 422 -19.21 -42.87 20.13
N THR D 423 -19.39 -44.12 20.54
CA THR D 423 -18.59 -45.19 19.96
C THR D 423 -19.50 -46.30 19.43
N HIS D 424 -18.94 -47.06 18.48
CA HIS D 424 -19.59 -48.25 17.95
C HIS D 424 -18.82 -49.53 18.26
N SER D 425 -17.53 -49.44 18.53
CA SER D 425 -16.74 -50.61 18.87
C SER D 425 -17.02 -51.04 20.31
N PRO D 426 -17.02 -52.33 20.60
CA PRO D 426 -17.13 -52.77 21.99
C PRO D 426 -15.83 -52.73 22.77
N SER D 427 -14.70 -52.51 22.09
CA SER D 427 -13.42 -52.44 22.79
C SER D 427 -13.22 -51.11 23.49
N ILE D 428 -13.72 -50.02 22.90
CA ILE D 428 -13.72 -48.72 23.55
C ILE D 428 -14.53 -48.75 24.84
N ALA D 429 -15.71 -49.38 24.80
CA ALA D 429 -16.67 -49.31 25.89
C ALA D 429 -16.53 -50.40 26.94
N THR D 430 -15.68 -51.40 26.72
CA THR D 430 -15.57 -52.51 27.66
C THR D 430 -15.04 -52.07 29.03
N GLY D 431 -15.56 -52.70 30.08
CA GLY D 431 -15.24 -52.34 31.45
C GLY D 431 -15.87 -51.07 31.96
N TYR D 432 -16.79 -50.47 31.21
CA TYR D 432 -17.49 -49.25 31.61
C TYR D 432 -18.96 -49.35 31.29
N GLU D 433 -19.55 -50.51 31.62
CA GLU D 433 -20.95 -50.78 31.29
C GLU D 433 -21.90 -49.85 32.03
N ASP D 434 -21.59 -49.54 33.29
CA ASP D 434 -22.43 -48.67 34.11
C ASP D 434 -22.55 -47.24 33.57
N PHE D 435 -21.61 -46.79 32.73
CA PHE D 435 -21.66 -45.43 32.23
C PHE D 435 -22.16 -45.34 30.79
N MET D 436 -22.55 -46.46 30.18
CA MET D 436 -23.03 -46.42 28.81
C MET D 436 -24.44 -45.85 28.75
N ILE D 437 -24.71 -45.05 27.73
CA ILE D 437 -26.03 -44.48 27.49
C ILE D 437 -26.45 -44.85 26.09
N ASN D 438 -27.62 -45.47 25.94
CA ASN D 438 -28.11 -45.91 24.64
C ASN D 438 -29.10 -44.86 24.14
N ILE D 439 -28.84 -44.33 22.96
CA ILE D 439 -29.69 -43.32 22.33
C ILE D 439 -30.64 -44.04 21.37
N SER D 440 -31.93 -44.01 21.70
CA SER D 440 -32.98 -44.55 20.85
C SER D 440 -34.01 -43.45 20.65
N PRO D 441 -33.89 -42.66 19.58
CA PRO D 441 -34.82 -41.54 19.37
C PRO D 441 -36.21 -42.03 18.97
N GLU D 442 -37.22 -41.37 19.52
CA GLU D 442 -38.61 -41.70 19.23
C GLU D 442 -39.01 -41.02 17.92
N PHE D 443 -39.42 -41.81 16.94
CA PHE D 443 -39.77 -41.31 15.62
C PHE D 443 -41.26 -41.03 15.57
N ILE D 444 -41.63 -39.78 15.27
CA ILE D 444 -43.02 -39.40 15.17
C ILE D 444 -43.39 -39.07 13.72
PG ATP E . 8.27 13.40 14.45
O1G ATP E . 9.39 12.50 14.81
O2G ATP E . 8.65 14.89 14.49
O3G ATP E . 7.62 13.09 13.10
PB ATP E . 5.86 14.10 16.07
O1B ATP E . 5.05 14.68 14.98
O2B ATP E . 6.41 15.09 17.09
O3B ATP E . 7.09 13.27 15.51
PA ATP E . 3.83 12.03 16.60
O1A ATP E . 4.11 11.06 15.53
O2A ATP E . 2.63 12.93 16.36
O3A ATP E . 5.07 12.98 16.87
O5' ATP E . 3.65 11.32 18.00
C5' ATP E . 2.44 11.49 18.77
C4' ATP E . 2.77 11.44 20.25
O4' ATP E . 1.78 10.65 20.93
C3' ATP E . 4.09 10.79 20.60
O3' ATP E . 4.56 11.24 21.87
C2' ATP E . 3.71 9.30 20.65
O2' ATP E . 4.54 8.59 21.56
C1' ATP E . 2.28 9.35 21.17
N9 ATP E . 1.39 8.39 20.52
C8 ATP E . 1.23 8.19 19.18
N7 ATP E . 0.35 7.26 18.88
C5 ATP E . -0.10 6.82 20.11
C6 ATP E . -1.03 5.83 20.49
N6 ATP E . -1.72 5.09 19.61
N1 ATP E . -1.25 5.64 21.81
C2 ATP E . -0.56 6.38 22.69
N3 ATP E . 0.34 7.34 22.45
C4 ATP E . 0.53 7.51 21.14
#